data_7TTH
#
_entry.id   7TTH
#
_cell.length_a   1.00
_cell.length_b   1.00
_cell.length_c   1.00
_cell.angle_alpha   90.00
_cell.angle_beta   90.00
_cell.angle_gamma   90.00
#
_symmetry.space_group_name_H-M   'P 1'
#
loop_
_entity.id
_entity.type
_entity.pdbx_description
1 polymer 'Solute carrier family 12 member 4'
2 branched 2-acetamido-2-deoxy-beta-D-glucopyranose-(1-4)-2-acetamido-2-deoxy-beta-D-glucopyranose
3 non-polymer 'POTASSIUM ION'
#
_entity_poly.entity_id   1
_entity_poly.type   'polypeptide(L)'
_entity_poly.pdbx_seq_one_letter_code
;MPHFTVVPVDGPRRGDYDNLEGLSWVDYGERAELDDSDGHGNHRESSPFLSPLEASRGIDYYDRNLALFEEELDIRPKVS
SLLGKLVSYTNLTQGAKEHEEAESGEGTRRRAAEAPSMGTLMGVYLPCLQNIFGVILFLRLTWMVGTAGVLQALLIVLIC
CCCTLLTAISMSAIATNGVVPAGGSYFMISRSLGPEFGGAVGLCFYLGTTFAAAMYILGAIEILLTYIAPPAAIFYPSGA
HDTSNATLNNMRVYGTIFLTFMTLVVFVGVKYVNKFASLFLACVIISILSIYAGGIKSIFDPPVFPVCMLGNRTLSRDQF
DICAKTAVVDNETVATQLWSFFCHSPNLTTDSCDPYFMLNNVTEIPGIPGAAAGVLQENLWSAYLEKGDIVEKHGLPSAD
APSLKESLPLYVVADIATSFTVLVGIFFPSVTGIMAGSNRSGDLRDAQKSIPVGTILAIITTSLVYFSSVVLFGACIEGV
VLRDKYGDGVSRNLVVGTLAWPSPWVIVIGSFFSTCGAGLQSLTGAPRLLQAIAKDNIIPFLRVFGHGKVNGEPTWALLL
TALIAELGILIASLDMVAPILSMFFLMCYLFVNLACAVQTLLRTPNWRPRFKYYHWALSFLGMSLCLALMFVSSWYYALV
AMLIAGMIYKYIEYQGAEKEWGDGIRGLSLSAARYALLRLEEGPPHTKNWRPQLLVLLKLDEDLHVKYPRLLTFASQLKA
GKGLTIVGSVIQGSFLESYGEAQAAEQTIKNMMEIEKVKGFCQVVVASKVREGLAHLIQSCGLGGMRHNSVVLGWPYGWR
QSEDPRAWKTFIDTVRCTTAAHLALLVPKNIAFYPSNHERYLEGHIDVWWIVHDGGMLMLLPFLLRQHKVWRKCRMRIFT
VAQMDDNSIQMKKDLAVFLYHLRLEAEVEVVEMHNSDISAYTYERTLMMEQRSQMLRQMRLTKTEREREAQLVKDRHSAL
RLESLYSDEEDESAVGADKIQMTWTRDKYMTETWDPSHAPDNFRELVHIKPDQSNVRRMHTAVKLNEVIVTRSHDARLVL
LNMPGPPRNSEGDENYMEFLEVLTEGLERVLLVRGGGREVITIYS
;
_entity_poly.pdbx_strand_id   A,B
#
# COMPACT_ATOMS: atom_id res chain seq x y z
N PRO A 116 -26.56 3.24 -33.77
CA PRO A 116 -26.68 2.33 -32.62
C PRO A 116 -27.74 1.25 -32.82
N SER A 117 -27.35 0.12 -33.40
CA SER A 117 -28.30 -0.96 -33.66
C SER A 117 -27.52 -2.28 -33.59
N MET A 118 -27.63 -2.97 -32.47
CA MET A 118 -26.99 -4.26 -32.30
C MET A 118 -27.75 -5.05 -31.25
N GLY A 119 -27.84 -6.37 -31.45
CA GLY A 119 -28.54 -7.22 -30.50
C GLY A 119 -27.70 -7.54 -29.29
N THR A 120 -28.23 -8.37 -28.39
CA THR A 120 -27.50 -8.79 -27.21
C THR A 120 -26.80 -10.12 -27.37
N LEU A 121 -27.34 -11.04 -28.16
CA LEU A 121 -26.63 -12.29 -28.44
C LEU A 121 -25.49 -12.07 -29.42
N MET A 122 -25.72 -11.26 -30.45
CA MET A 122 -24.71 -11.00 -31.46
C MET A 122 -23.69 -9.96 -31.01
N GLY A 123 -24.06 -9.08 -30.09
CA GLY A 123 -23.20 -7.99 -29.68
C GLY A 123 -22.18 -8.37 -28.61
N VAL A 124 -22.63 -9.05 -27.56
CA VAL A 124 -21.76 -9.35 -26.42
C VAL A 124 -21.65 -10.83 -26.11
N TYR A 125 -22.65 -11.66 -26.45
CA TYR A 125 -22.59 -13.06 -26.05
C TYR A 125 -21.55 -13.84 -26.85
N LEU A 126 -21.70 -13.86 -28.17
CA LEU A 126 -20.83 -14.62 -29.06
C LEU A 126 -19.37 -14.17 -29.00
N PRO A 127 -19.06 -12.87 -29.03
CA PRO A 127 -17.64 -12.48 -28.91
C PRO A 127 -17.02 -12.92 -27.60
N CYS A 128 -17.72 -12.74 -26.47
CA CYS A 128 -17.19 -13.19 -25.20
C CYS A 128 -17.01 -14.70 -25.19
N LEU A 129 -17.96 -15.43 -25.77
CA LEU A 129 -17.88 -16.88 -25.81
C LEU A 129 -16.67 -17.35 -26.61
N GLN A 130 -16.44 -16.74 -27.78
CA GLN A 130 -15.30 -17.16 -28.59
C GLN A 130 -13.97 -16.75 -27.96
N ASN A 131 -13.96 -15.63 -27.23
CA ASN A 131 -12.71 -15.22 -26.60
C ASN A 131 -12.37 -16.07 -25.38
N ILE A 132 -13.37 -16.41 -24.56
CA ILE A 132 -13.08 -17.13 -23.32
C ILE A 132 -12.59 -18.54 -23.63
N PHE A 133 -13.19 -19.21 -24.62
CA PHE A 133 -12.71 -20.51 -25.03
C PHE A 133 -11.33 -20.39 -25.65
N GLY A 134 -10.46 -21.35 -25.34
CA GLY A 134 -9.09 -21.29 -25.80
C GLY A 134 -8.49 -22.63 -26.19
N VAL A 135 -7.18 -22.75 -26.01
CA VAL A 135 -6.46 -23.95 -26.41
C VAL A 135 -6.19 -24.90 -25.24
N ILE A 136 -6.24 -24.40 -24.00
CA ILE A 136 -6.02 -25.25 -22.84
C ILE A 136 -7.08 -26.35 -22.78
N LEU A 137 -8.31 -26.01 -23.15
CA LEU A 137 -9.39 -27.00 -23.19
C LEU A 137 -9.03 -28.19 -24.06
N PHE A 138 -8.27 -27.98 -25.13
CA PHE A 138 -7.95 -29.03 -26.08
C PHE A 138 -6.57 -29.63 -25.88
N LEU A 139 -5.74 -29.05 -25.02
CA LEU A 139 -4.36 -29.51 -24.83
C LEU A 139 -4.06 -29.92 -23.40
N ARG A 140 -4.54 -29.16 -22.41
CA ARG A 140 -4.15 -29.36 -21.02
C ARG A 140 -5.38 -29.40 -20.11
N LEU A 141 -6.39 -30.17 -20.50
CA LEU A 141 -7.51 -30.45 -19.61
C LEU A 141 -7.64 -31.91 -19.25
N THR A 142 -7.48 -32.82 -20.21
CA THR A 142 -7.44 -34.24 -19.88
C THR A 142 -6.26 -34.55 -18.98
N TRP A 143 -5.12 -33.91 -19.23
CA TRP A 143 -3.98 -34.03 -18.34
C TRP A 143 -4.33 -33.53 -16.94
N MET A 144 -5.04 -32.41 -16.86
CA MET A 144 -5.46 -31.87 -15.58
C MET A 144 -6.34 -32.86 -14.82
N VAL A 145 -7.33 -33.43 -15.49
CA VAL A 145 -8.22 -34.39 -14.84
C VAL A 145 -7.47 -35.66 -14.43
N GLY A 146 -6.56 -36.15 -15.26
CA GLY A 146 -5.81 -37.35 -14.95
C GLY A 146 -4.85 -37.20 -13.79
N THR A 147 -4.12 -36.08 -13.73
CA THR A 147 -3.03 -35.98 -12.75
C THR A 147 -3.48 -35.49 -11.38
N ALA A 148 -4.71 -35.02 -11.23
CA ALA A 148 -5.17 -34.46 -9.97
C ALA A 148 -6.47 -35.04 -9.46
N GLY A 149 -7.19 -35.82 -10.27
CA GLY A 149 -8.42 -36.41 -9.84
C GLY A 149 -9.62 -35.49 -10.03
N VAL A 150 -10.80 -36.13 -10.08
CA VAL A 150 -12.03 -35.42 -10.40
C VAL A 150 -12.34 -34.38 -9.33
N LEU A 151 -12.21 -34.75 -8.06
CA LEU A 151 -12.60 -33.84 -6.98
C LEU A 151 -11.74 -32.58 -6.98
N GLN A 152 -10.42 -32.73 -7.06
CA GLN A 152 -9.54 -31.56 -7.09
C GLN A 152 -9.71 -30.76 -8.38
N ALA A 153 -9.99 -31.44 -9.49
CA ALA A 153 -10.26 -30.71 -10.74
C ALA A 153 -11.47 -29.81 -10.58
N LEU A 154 -12.56 -30.36 -10.04
CA LEU A 154 -13.75 -29.54 -9.80
C LEU A 154 -13.47 -28.41 -8.81
N LEU A 155 -12.65 -28.69 -7.79
CA LEU A 155 -12.32 -27.63 -6.83
C LEU A 155 -11.59 -26.47 -7.52
N ILE A 156 -10.61 -26.79 -8.35
CA ILE A 156 -9.85 -25.74 -9.04
C ILE A 156 -10.76 -24.95 -9.98
N VAL A 157 -11.58 -25.67 -10.75
CA VAL A 157 -12.48 -24.99 -11.67
C VAL A 157 -13.45 -24.09 -10.91
N LEU A 158 -13.92 -24.56 -9.75
CA LEU A 158 -14.83 -23.76 -8.93
C LEU A 158 -14.14 -22.50 -8.44
N ILE A 159 -12.90 -22.60 -8.00
CA ILE A 159 -12.19 -21.43 -7.48
C ILE A 159 -12.00 -20.39 -8.58
N CYS A 160 -11.52 -20.84 -9.75
CA CYS A 160 -11.32 -19.92 -10.86
C CYS A 160 -12.62 -19.28 -11.31
N CYS A 161 -13.68 -20.09 -11.41
CA CYS A 161 -14.99 -19.57 -11.78
C CYS A 161 -15.50 -18.57 -10.76
N CYS A 162 -15.21 -18.78 -9.47
CA CYS A 162 -15.66 -17.85 -8.45
C CYS A 162 -14.98 -16.49 -8.60
N CYS A 163 -13.65 -16.49 -8.76
CA CYS A 163 -12.99 -15.19 -8.93
C CYS A 163 -13.46 -14.51 -10.21
N THR A 164 -13.61 -15.26 -11.30
CA THR A 164 -14.07 -14.66 -12.55
C THR A 164 -15.49 -14.10 -12.41
N LEU A 165 -16.37 -14.82 -11.71
CA LEU A 165 -17.75 -14.36 -11.57
C LEU A 165 -17.82 -13.11 -10.69
N LEU A 166 -17.03 -13.06 -9.62
CA LEU A 166 -17.03 -11.86 -8.79
C LEU A 166 -16.44 -10.67 -9.54
N THR A 167 -15.40 -10.91 -10.34
CA THR A 167 -14.88 -9.84 -11.19
C THR A 167 -15.92 -9.41 -12.21
N ALA A 168 -16.73 -10.34 -12.71
CA ALA A 168 -17.80 -9.99 -13.63
C ALA A 168 -18.86 -9.15 -12.94
N ILE A 169 -19.16 -9.46 -11.68
CA ILE A 169 -20.11 -8.64 -10.92
C ILE A 169 -19.58 -7.22 -10.78
N SER A 170 -18.28 -7.09 -10.46
CA SER A 170 -17.68 -5.77 -10.35
C SER A 170 -17.71 -5.04 -11.70
N MET A 171 -17.41 -5.74 -12.78
CA MET A 171 -17.42 -5.13 -14.11
C MET A 171 -18.83 -4.69 -14.49
N SER A 172 -19.83 -5.48 -14.14
CA SER A 172 -21.22 -5.10 -14.38
C SER A 172 -21.61 -3.86 -13.57
N ALA A 173 -21.15 -3.78 -12.33
CA ALA A 173 -21.40 -2.58 -11.54
C ALA A 173 -20.77 -1.35 -12.19
N ILE A 174 -19.56 -1.51 -12.73
CA ILE A 174 -18.93 -0.41 -13.46
C ILE A 174 -19.75 -0.04 -14.69
N ALA A 175 -20.19 -1.06 -15.44
CA ALA A 175 -20.92 -0.81 -16.68
C ALA A 175 -22.31 -0.25 -16.44
N THR A 176 -22.84 -0.37 -15.23
CA THR A 176 -24.14 0.21 -14.92
C THR A 176 -24.03 1.69 -14.58
N ASN A 177 -22.91 2.11 -14.00
CA ASN A 177 -22.72 3.51 -13.67
C ASN A 177 -22.50 4.34 -14.93
N GLY A 178 -22.83 5.63 -14.83
CA GLY A 178 -22.53 6.56 -15.90
C GLY A 178 -23.38 6.33 -17.13
N VAL A 179 -22.83 6.64 -18.29
CA VAL A 179 -23.56 6.60 -19.55
C VAL A 179 -22.87 5.66 -20.52
N VAL A 180 -21.93 4.85 -20.01
CA VAL A 180 -21.20 3.86 -20.81
C VAL A 180 -20.56 4.56 -22.00
N PRO A 181 -19.48 5.31 -21.80
CA PRO A 181 -18.84 6.00 -22.93
C PRO A 181 -18.39 5.03 -24.01
N ALA A 182 -18.56 5.45 -25.26
CA ALA A 182 -18.30 4.57 -26.40
C ALA A 182 -16.81 4.32 -26.58
N GLY A 183 -16.49 3.15 -27.13
CA GLY A 183 -15.12 2.83 -27.49
C GLY A 183 -14.43 1.88 -26.53
N GLY A 184 -14.36 0.61 -26.89
CA GLY A 184 -13.57 -0.36 -26.15
C GLY A 184 -14.03 -0.58 -24.72
N SER A 185 -13.13 -1.16 -23.93
CA SER A 185 -13.33 -1.40 -22.52
C SER A 185 -12.40 -0.61 -21.62
N TYR A 186 -11.23 -0.20 -22.11
CA TYR A 186 -10.33 0.63 -21.32
C TYR A 186 -10.96 1.99 -21.02
N PHE A 187 -11.68 2.56 -21.99
CA PHE A 187 -12.28 3.86 -21.79
C PHE A 187 -13.33 3.84 -20.68
N MET A 188 -14.13 2.78 -20.61
CA MET A 188 -15.13 2.68 -19.55
C MET A 188 -14.48 2.68 -18.18
N ILE A 189 -13.44 1.85 -18.00
CA ILE A 189 -12.77 1.77 -16.72
C ILE A 189 -12.11 3.10 -16.38
N SER A 190 -11.46 3.74 -17.36
CA SER A 190 -10.80 5.01 -17.10
C SER A 190 -11.79 6.08 -16.69
N ARG A 191 -12.93 6.15 -17.38
CA ARG A 191 -13.93 7.16 -17.04
C ARG A 191 -14.57 6.88 -15.68
N SER A 192 -14.78 5.62 -15.34
CA SER A 192 -15.45 5.29 -14.09
C SER A 192 -14.54 5.32 -12.87
N LEU A 193 -13.22 5.17 -13.06
CA LEU A 193 -12.31 5.02 -11.93
C LEU A 193 -11.16 6.04 -11.98
N GLY A 194 -11.30 7.11 -12.75
CA GLY A 194 -10.30 8.15 -12.78
C GLY A 194 -9.15 7.86 -13.72
N PRO A 195 -8.33 8.87 -14.00
CA PRO A 195 -7.16 8.64 -14.87
C PRO A 195 -6.21 7.57 -14.33
N GLU A 196 -5.99 7.55 -13.02
CA GLU A 196 -5.28 6.43 -12.42
C GLU A 196 -6.23 5.26 -12.24
N PHE A 197 -5.64 4.08 -11.98
CA PHE A 197 -6.31 2.77 -12.01
C PHE A 197 -6.71 2.37 -13.42
N GLY A 198 -6.48 3.22 -14.42
CA GLY A 198 -6.78 2.87 -15.79
C GLY A 198 -5.51 2.58 -16.57
N GLY A 199 -4.46 3.37 -16.32
CA GLY A 199 -3.19 3.11 -16.96
C GLY A 199 -2.56 1.81 -16.49
N ALA A 200 -2.63 1.53 -15.18
CA ALA A 200 -2.07 0.28 -14.66
C ALA A 200 -2.80 -0.93 -15.22
N VAL A 201 -4.14 -0.92 -15.16
CA VAL A 201 -4.89 -2.04 -15.71
C VAL A 201 -4.73 -2.10 -17.22
N GLY A 202 -4.61 -0.95 -17.88
CA GLY A 202 -4.40 -0.95 -19.31
C GLY A 202 -3.10 -1.63 -19.71
N LEU A 203 -2.01 -1.28 -19.02
CA LEU A 203 -0.73 -1.92 -19.29
C LEU A 203 -0.74 -3.40 -18.93
N CYS A 204 -1.39 -3.76 -17.82
CA CYS A 204 -1.48 -5.18 -17.47
C CYS A 204 -2.24 -5.96 -18.53
N PHE A 205 -3.35 -5.41 -19.02
CA PHE A 205 -4.11 -6.06 -20.07
C PHE A 205 -3.31 -6.15 -21.36
N TYR A 206 -2.54 -5.11 -21.68
CA TYR A 206 -1.71 -5.14 -22.88
C TYR A 206 -0.66 -6.23 -22.80
N LEU A 207 0.03 -6.33 -21.66
CA LEU A 207 1.03 -7.38 -21.50
C LEU A 207 0.40 -8.76 -21.52
N GLY A 208 -0.78 -8.91 -20.91
CA GLY A 208 -1.49 -10.16 -21.00
C GLY A 208 -1.83 -10.55 -22.42
N THR A 209 -2.34 -9.60 -23.21
CA THR A 209 -2.68 -9.90 -24.59
C THR A 209 -1.44 -10.27 -25.40
N THR A 210 -0.35 -9.54 -25.22
CA THR A 210 0.85 -9.80 -26.00
C THR A 210 1.57 -11.08 -25.59
N PHE A 211 1.37 -11.57 -24.36
CA PHE A 211 1.86 -12.89 -24.02
C PHE A 211 0.89 -14.01 -24.40
N ALA A 212 -0.41 -13.72 -24.40
CA ALA A 212 -1.37 -14.70 -24.88
C ALA A 212 -1.17 -14.98 -26.36
N ALA A 213 -0.80 -13.96 -27.13
CA ALA A 213 -0.47 -14.19 -28.54
C ALA A 213 0.68 -15.18 -28.67
N ALA A 214 1.74 -15.00 -27.87
CA ALA A 214 2.88 -15.91 -27.94
C ALA A 214 2.50 -17.31 -27.51
N MET A 215 1.68 -17.43 -26.45
CA MET A 215 1.23 -18.75 -26.01
C MET A 215 0.41 -19.43 -27.10
N TYR A 216 -0.45 -18.68 -27.79
CA TYR A 216 -1.23 -19.25 -28.88
C TYR A 216 -0.33 -19.72 -30.01
N ILE A 217 0.69 -18.92 -30.35
CA ILE A 217 1.62 -19.33 -31.39
C ILE A 217 2.33 -20.62 -30.99
N LEU A 218 2.76 -20.72 -29.74
CA LEU A 218 3.45 -21.92 -29.26
C LEU A 218 2.53 -23.13 -29.33
N GLY A 219 1.27 -22.97 -28.92
CA GLY A 219 0.34 -24.08 -28.99
C GLY A 219 0.08 -24.53 -30.42
N ALA A 220 -0.06 -23.58 -31.34
CA ALA A 220 -0.26 -23.93 -32.75
C ALA A 220 0.95 -24.67 -33.29
N ILE A 221 2.16 -24.22 -32.93
CA ILE A 221 3.36 -24.88 -33.39
C ILE A 221 3.44 -26.31 -32.84
N GLU A 222 3.10 -26.48 -31.56
CA GLU A 222 3.08 -27.81 -30.97
C GLU A 222 2.09 -28.72 -31.69
N ILE A 223 0.90 -28.22 -31.98
CA ILE A 223 -0.11 -29.02 -32.68
C ILE A 223 0.40 -29.41 -34.06
N LEU A 224 1.05 -28.47 -34.76
CA LEU A 224 1.60 -28.76 -36.07
C LEU A 224 2.70 -29.82 -36.00
N LEU A 225 3.56 -29.74 -34.99
CA LEU A 225 4.73 -30.61 -34.91
C LEU A 225 4.41 -32.02 -34.43
N THR A 226 3.76 -32.18 -33.28
CA THR A 226 3.65 -33.48 -32.66
C THR A 226 2.42 -34.28 -33.09
N TYR A 227 1.50 -33.68 -33.84
CA TYR A 227 0.27 -34.36 -34.23
C TYR A 227 0.09 -34.48 -35.73
N ILE A 228 0.28 -33.41 -36.49
CA ILE A 228 -0.07 -33.40 -37.90
C ILE A 228 1.07 -33.90 -38.77
N ALA A 229 2.21 -33.20 -38.77
CA ALA A 229 3.33 -33.53 -39.65
C ALA A 229 4.61 -33.65 -38.84
N PRO A 230 4.88 -34.83 -38.28
CA PRO A 230 6.13 -35.04 -37.54
C PRO A 230 7.37 -34.78 -38.38
N PRO A 231 7.41 -35.15 -39.68
CA PRO A 231 8.63 -34.87 -40.45
C PRO A 231 8.94 -33.39 -40.61
N ALA A 232 7.97 -32.50 -40.41
CA ALA A 232 8.21 -31.05 -40.58
C ALA A 232 9.01 -30.53 -39.39
N ALA A 233 10.29 -30.91 -39.37
CA ALA A 233 11.20 -30.51 -38.31
C ALA A 233 12.50 -30.02 -38.93
N ILE A 234 13.14 -29.06 -38.27
CA ILE A 234 14.40 -28.49 -38.76
C ILE A 234 15.57 -29.19 -38.10
N PHE A 235 15.64 -29.12 -36.77
CA PHE A 235 16.74 -29.72 -36.01
C PHE A 235 16.18 -30.93 -35.28
N TYR A 236 16.47 -32.12 -35.81
CA TYR A 236 15.97 -33.36 -35.23
C TYR A 236 16.66 -33.63 -33.90
N PRO A 237 15.94 -34.24 -32.94
CA PRO A 237 16.55 -34.62 -31.66
C PRO A 237 17.17 -36.02 -31.70
N SER A 238 18.17 -36.18 -32.56
CA SER A 238 18.80 -37.48 -32.74
C SER A 238 19.45 -37.94 -31.44
N GLY A 239 19.21 -39.20 -31.08
CA GLY A 239 19.77 -39.77 -29.87
C GLY A 239 19.06 -39.30 -28.60
N ALA A 240 19.06 -40.14 -27.57
CA ALA A 240 18.46 -39.76 -26.30
C ALA A 240 19.23 -38.64 -25.61
N HIS A 241 20.49 -38.43 -25.97
CA HIS A 241 21.28 -37.37 -25.37
C HIS A 241 20.75 -36.01 -25.82
N ASP A 242 20.67 -35.08 -24.87
CA ASP A 242 20.28 -33.70 -25.13
C ASP A 242 18.94 -33.63 -25.88
N THR A 243 18.01 -34.47 -25.44
CA THR A 243 16.73 -34.61 -26.12
C THR A 243 15.93 -33.31 -26.05
N SER A 244 15.89 -32.67 -24.89
CA SER A 244 15.04 -31.50 -24.69
C SER A 244 15.77 -30.20 -25.01
N ASN A 245 16.44 -30.16 -26.15
CA ASN A 245 16.97 -28.92 -26.70
C ASN A 245 16.57 -28.73 -28.16
N ALA A 246 16.56 -29.81 -28.95
CA ALA A 246 16.16 -29.71 -30.34
C ALA A 246 14.69 -29.33 -30.47
N THR A 247 13.83 -29.90 -29.62
CA THR A 247 12.42 -29.53 -29.65
C THR A 247 12.23 -28.05 -29.31
N LEU A 248 12.96 -27.55 -28.32
CA LEU A 248 12.86 -26.13 -27.97
C LEU A 248 13.37 -25.24 -29.10
N ASN A 249 14.44 -25.66 -29.77
CA ASN A 249 14.98 -24.86 -30.87
C ASN A 249 14.00 -24.84 -32.04
N ASN A 250 13.37 -25.98 -32.33
CA ASN A 250 12.33 -26.01 -33.35
C ASN A 250 11.16 -25.11 -32.97
N MET A 251 10.77 -25.14 -31.70
CA MET A 251 9.73 -24.24 -31.22
C MET A 251 10.09 -22.78 -31.46
N ARG A 252 11.32 -22.40 -31.12
CA ARG A 252 11.73 -21.01 -31.30
C ARG A 252 11.75 -20.61 -32.77
N VAL A 253 12.30 -21.47 -33.63
CA VAL A 253 12.40 -21.15 -35.05
C VAL A 253 11.01 -20.99 -35.65
N TYR A 254 10.15 -21.99 -35.44
CA TYR A 254 8.81 -21.90 -36.00
C TYR A 254 8.01 -20.75 -35.38
N GLY A 255 8.26 -20.46 -34.10
CA GLY A 255 7.57 -19.35 -33.47
C GLY A 255 7.93 -18.02 -34.09
N THR A 256 9.22 -17.79 -34.34
CA THR A 256 9.62 -16.51 -34.93
C THR A 256 9.16 -16.40 -36.38
N ILE A 257 9.21 -17.52 -37.12
CA ILE A 257 8.73 -17.48 -38.50
C ILE A 257 7.22 -17.20 -38.54
N PHE A 258 6.45 -17.88 -37.69
CA PHE A 258 5.02 -17.62 -37.63
C PHE A 258 4.74 -16.20 -37.18
N LEU A 259 5.51 -15.69 -36.22
CA LEU A 259 5.27 -14.34 -35.73
C LEU A 259 5.48 -13.31 -36.82
N THR A 260 6.58 -13.41 -37.57
CA THR A 260 6.81 -12.44 -38.63
C THR A 260 5.77 -12.58 -39.75
N PHE A 261 5.45 -13.82 -40.13
CA PHE A 261 4.47 -14.02 -41.19
C PHE A 261 3.10 -13.47 -40.80
N MET A 262 2.67 -13.74 -39.57
CA MET A 262 1.38 -13.27 -39.10
C MET A 262 1.36 -11.77 -38.85
N THR A 263 2.48 -11.17 -38.45
CA THR A 263 2.54 -9.71 -38.38
C THR A 263 2.37 -9.09 -39.76
N LEU A 264 3.00 -9.67 -40.77
CA LEU A 264 2.77 -9.19 -42.14
C LEU A 264 1.33 -9.39 -42.56
N VAL A 265 0.72 -10.52 -42.18
CA VAL A 265 -0.67 -10.80 -42.55
C VAL A 265 -1.60 -9.77 -41.93
N VAL A 266 -1.44 -9.50 -40.64
CA VAL A 266 -2.27 -8.51 -39.97
C VAL A 266 -1.88 -7.08 -40.31
N PHE A 267 -0.76 -6.89 -41.02
CA PHE A 267 -0.34 -5.56 -41.43
C PHE A 267 -1.18 -5.05 -42.60
N VAL A 268 -1.12 -5.75 -43.72
CA VAL A 268 -1.77 -5.30 -44.96
C VAL A 268 -3.29 -5.42 -44.88
N GLY A 269 -3.79 -6.53 -44.35
CA GLY A 269 -5.22 -6.76 -44.33
C GLY A 269 -5.75 -7.24 -43.00
N VAL A 270 -6.94 -6.79 -42.60
CA VAL A 270 -7.52 -7.17 -41.32
C VAL A 270 -8.97 -7.65 -41.40
N LYS A 271 -9.72 -7.26 -42.44
CA LYS A 271 -11.13 -7.62 -42.51
C LYS A 271 -11.33 -9.10 -42.81
N TYR A 272 -10.44 -9.68 -43.64
CA TYR A 272 -10.47 -11.11 -43.84
C TYR A 272 -10.34 -11.83 -42.51
N VAL A 273 -9.43 -11.38 -41.65
CA VAL A 273 -9.26 -11.91 -40.30
C VAL A 273 -10.55 -11.69 -39.52
N ASN A 274 -11.22 -10.56 -39.77
CA ASN A 274 -12.45 -10.23 -39.06
C ASN A 274 -13.53 -11.28 -39.31
N LYS A 275 -13.74 -11.68 -40.55
CA LYS A 275 -14.73 -12.74 -40.80
C LYS A 275 -14.19 -14.11 -40.41
N PHE A 276 -12.88 -14.30 -40.48
CA PHE A 276 -12.29 -15.54 -40.01
C PHE A 276 -12.59 -15.76 -38.53
N ALA A 277 -12.89 -14.68 -37.79
CA ALA A 277 -13.23 -14.82 -36.38
C ALA A 277 -14.50 -15.64 -36.20
N SER A 278 -15.55 -15.30 -36.95
CA SER A 278 -16.77 -16.08 -36.93
C SER A 278 -16.51 -17.50 -37.44
N LEU A 279 -15.65 -17.62 -38.45
CA LEU A 279 -15.25 -18.95 -38.91
C LEU A 279 -14.69 -19.80 -37.76
N PHE A 280 -13.78 -19.21 -36.98
CA PHE A 280 -13.14 -19.95 -35.90
C PHE A 280 -14.12 -20.27 -34.77
N LEU A 281 -15.05 -19.35 -34.50
CA LEU A 281 -16.09 -19.65 -33.51
C LEU A 281 -16.91 -20.86 -33.94
N ALA A 282 -17.28 -20.91 -35.22
CA ALA A 282 -17.99 -22.08 -35.73
C ALA A 282 -17.15 -23.35 -35.58
N CYS A 283 -15.85 -23.24 -35.85
CA CYS A 283 -14.97 -24.40 -35.70
C CYS A 283 -14.95 -24.90 -34.27
N VAL A 284 -14.84 -23.99 -33.30
CA VAL A 284 -14.82 -24.40 -31.89
C VAL A 284 -16.15 -25.06 -31.52
N ILE A 285 -17.27 -24.48 -31.97
CA ILE A 285 -18.57 -25.04 -31.63
C ILE A 285 -18.71 -26.46 -32.17
N ILE A 286 -18.34 -26.67 -33.44
CA ILE A 286 -18.44 -28.01 -34.01
C ILE A 286 -17.50 -28.97 -33.31
N SER A 287 -16.35 -28.48 -32.86
CA SER A 287 -15.41 -29.31 -32.10
C SER A 287 -16.05 -29.81 -30.81
N ILE A 288 -16.69 -28.90 -30.07
CA ILE A 288 -17.31 -29.25 -28.79
C ILE A 288 -18.45 -30.24 -29.02
N LEU A 289 -19.28 -29.97 -30.03
CA LEU A 289 -20.38 -30.89 -30.33
C LEU A 289 -19.86 -32.27 -30.73
N SER A 290 -18.76 -32.33 -31.47
CA SER A 290 -18.17 -33.60 -31.84
C SER A 290 -17.72 -34.36 -30.60
N ILE A 291 -17.04 -33.66 -29.69
CA ILE A 291 -16.58 -34.29 -28.45
C ILE A 291 -17.76 -34.87 -27.70
N TYR A 292 -18.84 -34.10 -27.56
CA TYR A 292 -19.95 -34.55 -26.74
C TYR A 292 -20.74 -35.67 -27.42
N ALA A 293 -20.84 -35.64 -28.74
CA ALA A 293 -21.47 -36.75 -29.46
C ALA A 293 -20.68 -38.03 -29.27
N GLY A 294 -19.35 -37.94 -29.32
CA GLY A 294 -18.54 -39.12 -29.04
C GLY A 294 -18.71 -39.60 -27.62
N GLY A 295 -18.81 -38.67 -26.67
CA GLY A 295 -19.05 -39.07 -25.29
C GLY A 295 -20.37 -39.80 -25.12
N ILE A 296 -21.41 -39.32 -25.78
CA ILE A 296 -22.70 -40.01 -25.74
C ILE A 296 -22.60 -41.38 -26.38
N LYS A 297 -21.91 -41.49 -27.51
CA LYS A 297 -21.76 -42.78 -28.17
C LYS A 297 -20.99 -43.76 -27.29
N SER A 298 -20.09 -43.24 -26.44
CA SER A 298 -19.31 -44.11 -25.57
C SER A 298 -20.17 -44.93 -24.62
N ILE A 299 -21.42 -44.56 -24.40
CA ILE A 299 -22.31 -45.34 -23.54
C ILE A 299 -22.52 -46.74 -24.11
N PHE A 300 -22.87 -46.83 -25.39
CA PHE A 300 -23.21 -48.12 -25.98
C PHE A 300 -21.97 -48.90 -26.39
N ASP A 301 -21.21 -48.38 -27.35
CA ASP A 301 -20.04 -49.06 -27.89
C ASP A 301 -18.87 -48.09 -28.00
N PRO A 302 -17.74 -48.39 -27.35
CA PRO A 302 -16.61 -47.48 -27.40
C PRO A 302 -15.73 -47.75 -28.60
N PRO A 303 -14.91 -46.78 -29.00
CA PRO A 303 -13.89 -47.05 -30.02
C PRO A 303 -12.76 -47.92 -29.46
N VAL A 304 -12.10 -48.64 -30.37
CA VAL A 304 -11.05 -49.58 -29.99
C VAL A 304 -9.71 -48.87 -30.16
N PHE A 305 -9.12 -48.47 -29.04
CA PHE A 305 -7.80 -47.82 -29.00
C PHE A 305 -6.96 -48.51 -27.94
N PRO A 306 -6.41 -49.68 -28.22
CA PRO A 306 -5.70 -50.44 -27.19
C PRO A 306 -4.41 -49.76 -26.76
N VAL A 307 -4.05 -49.98 -25.50
CA VAL A 307 -2.80 -49.50 -24.93
C VAL A 307 -2.02 -50.70 -24.40
N CYS A 308 -0.71 -50.72 -24.66
CA CYS A 308 0.16 -51.81 -24.25
C CYS A 308 0.59 -51.60 -22.81
N MET A 309 0.62 -52.70 -22.05
CA MET A 309 0.91 -52.65 -20.63
C MET A 309 1.99 -53.66 -20.29
N LEU A 310 3.06 -53.18 -19.65
CA LEU A 310 4.16 -54.04 -19.21
C LEU A 310 4.23 -54.00 -17.69
N GLY A 311 3.88 -55.11 -17.06
CA GLY A 311 3.90 -55.20 -15.61
C GLY A 311 2.95 -54.22 -14.97
N ASN A 312 3.48 -53.18 -14.35
CA ASN A 312 2.60 -52.16 -13.79
C ASN A 312 2.72 -50.85 -14.56
N ARG A 313 3.78 -50.69 -15.34
CA ARG A 313 3.99 -49.47 -16.10
C ARG A 313 3.57 -49.62 -17.56
N THR A 314 3.52 -48.48 -18.25
CA THR A 314 2.97 -48.40 -19.59
C THR A 314 4.07 -48.10 -20.60
N LEU A 315 4.03 -48.79 -21.73
CA LEU A 315 5.04 -48.62 -22.78
C LEU A 315 4.61 -47.49 -23.71
N SER A 316 5.28 -47.39 -24.86
CA SER A 316 4.93 -46.43 -25.91
C SER A 316 4.82 -47.18 -27.22
N ARG A 317 3.68 -47.02 -27.90
CA ARG A 317 3.35 -47.79 -29.09
C ARG A 317 3.83 -47.15 -30.38
N ASP A 318 4.43 -45.95 -30.33
CA ASP A 318 4.78 -45.24 -31.55
C ASP A 318 5.90 -45.93 -32.33
N GLN A 319 6.75 -46.71 -31.66
CA GLN A 319 7.95 -47.27 -32.27
C GLN A 319 7.80 -48.74 -32.66
N PHE A 320 7.40 -49.60 -31.74
CA PHE A 320 7.14 -50.99 -32.10
C PHE A 320 5.68 -51.15 -32.52
N ASP A 321 5.31 -52.36 -32.91
CA ASP A 321 4.01 -52.61 -33.52
C ASP A 321 3.10 -53.50 -32.69
N ILE A 322 3.57 -54.67 -32.27
CA ILE A 322 2.75 -55.68 -31.61
C ILE A 322 3.07 -55.69 -30.12
N CYS A 323 2.02 -55.73 -29.30
CA CYS A 323 2.15 -55.72 -27.84
C CYS A 323 2.15 -57.16 -27.34
N ALA A 324 3.31 -57.80 -27.40
CA ALA A 324 3.46 -59.16 -26.90
C ALA A 324 4.94 -59.43 -26.67
N LYS A 325 5.22 -60.47 -25.87
CA LYS A 325 6.59 -60.87 -25.63
C LYS A 325 7.13 -61.70 -26.81
N THR A 326 6.39 -62.72 -27.21
CA THR A 326 6.78 -63.61 -28.29
C THR A 326 5.60 -63.80 -29.23
N ALA A 327 5.88 -63.88 -30.53
CA ALA A 327 4.85 -64.04 -31.53
C ALA A 327 5.02 -65.37 -32.26
N VAL A 328 4.02 -65.69 -33.07
CA VAL A 328 4.01 -66.92 -33.86
C VAL A 328 4.09 -66.53 -35.33
N VAL A 329 5.20 -66.86 -35.97
CA VAL A 329 5.41 -66.60 -37.39
C VAL A 329 6.07 -67.83 -38.01
N ASP A 330 5.77 -68.07 -39.30
CA ASP A 330 6.37 -69.17 -40.05
C ASP A 330 6.16 -70.51 -39.36
N ASN A 331 4.99 -70.68 -38.76
CA ASN A 331 4.64 -71.88 -38.02
C ASN A 331 5.67 -72.19 -36.93
N GLU A 332 6.13 -71.14 -36.26
CA GLU A 332 7.12 -71.28 -35.20
C GLU A 332 7.00 -70.11 -34.24
N THR A 333 7.63 -70.24 -33.08
CA THR A 333 7.61 -69.22 -32.06
C THR A 333 8.88 -68.39 -32.17
N VAL A 334 8.73 -67.07 -32.35
CA VAL A 334 9.85 -66.17 -32.59
C VAL A 334 9.67 -64.92 -31.73
N ALA A 335 10.77 -64.44 -31.16
CA ALA A 335 10.73 -63.22 -30.36
C ALA A 335 10.26 -62.04 -31.21
N THR A 336 9.49 -61.16 -30.58
CA THR A 336 8.91 -60.02 -31.27
C THR A 336 9.94 -58.90 -31.43
N GLN A 337 9.51 -57.82 -32.10
CA GLN A 337 10.36 -56.64 -32.18
C GLN A 337 10.54 -55.99 -30.82
N LEU A 338 9.56 -56.16 -29.92
CA LEU A 338 9.72 -55.65 -28.56
C LEU A 338 10.86 -56.33 -27.83
N TRP A 339 11.02 -57.64 -28.03
CA TRP A 339 12.14 -58.37 -27.46
C TRP A 339 13.48 -57.73 -27.84
N SER A 340 13.66 -57.46 -29.13
CA SER A 340 14.91 -56.87 -29.61
C SER A 340 15.07 -55.43 -29.12
N PHE A 341 13.99 -54.65 -29.17
CA PHE A 341 14.09 -53.24 -28.80
C PHE A 341 14.25 -53.04 -27.31
N PHE A 342 13.91 -54.03 -26.49
CA PHE A 342 14.00 -53.91 -25.04
C PHE A 342 15.14 -54.72 -24.43
N CYS A 343 15.70 -55.68 -25.16
CA CYS A 343 16.79 -56.51 -24.63
C CYS A 343 18.03 -56.54 -25.50
N HIS A 344 18.03 -55.87 -26.66
CA HIS A 344 19.17 -55.83 -27.59
C HIS A 344 19.79 -57.21 -27.77
N SER A 345 18.93 -58.21 -27.95
CA SER A 345 19.36 -59.59 -28.15
C SER A 345 18.38 -60.30 -29.07
N PRO A 346 18.73 -60.52 -30.33
CA PRO A 346 17.79 -61.16 -31.26
C PRO A 346 17.59 -62.65 -31.00
N ASN A 347 18.19 -63.16 -29.92
CA ASN A 347 18.01 -64.54 -29.51
C ASN A 347 17.21 -64.58 -28.23
N LEU A 348 16.16 -65.42 -28.20
CA LEU A 348 15.30 -65.51 -27.04
C LEU A 348 15.97 -66.20 -25.85
N THR A 349 17.13 -66.83 -26.06
CA THR A 349 17.84 -67.50 -24.99
C THR A 349 18.72 -66.57 -24.16
N THR A 350 18.90 -65.34 -24.60
CA THR A 350 19.76 -64.41 -23.87
C THR A 350 19.02 -63.81 -22.68
N ASP A 351 19.79 -63.53 -21.62
CA ASP A 351 19.25 -62.94 -20.40
C ASP A 351 20.12 -61.79 -19.90
N SER A 352 20.55 -60.92 -20.80
CA SER A 352 21.43 -59.81 -20.47
C SER A 352 20.69 -58.49 -20.31
N CYS A 353 19.36 -58.50 -20.29
CA CYS A 353 18.56 -57.30 -20.24
C CYS A 353 17.88 -57.16 -18.88
N ASP A 354 16.97 -56.19 -18.79
CA ASP A 354 16.36 -55.83 -17.51
C ASP A 354 15.70 -57.03 -16.86
N PRO A 355 15.98 -57.30 -15.59
CA PRO A 355 15.22 -58.34 -14.88
C PRO A 355 13.75 -58.01 -14.74
N TYR A 356 13.38 -56.73 -14.79
CA TYR A 356 11.98 -56.35 -14.64
C TYR A 356 11.12 -56.92 -15.75
N PHE A 357 11.65 -56.94 -16.98
CA PHE A 357 10.91 -57.51 -18.09
C PHE A 357 10.69 -59.00 -17.92
N MET A 358 11.68 -59.71 -17.39
CA MET A 358 11.53 -61.14 -17.13
C MET A 358 10.82 -61.43 -15.83
N LEU A 359 10.51 -60.42 -15.02
CA LEU A 359 9.78 -60.62 -13.76
C LEU A 359 8.34 -60.17 -13.84
N ASN A 360 7.89 -59.63 -14.97
CA ASN A 360 6.51 -59.20 -15.14
C ASN A 360 6.00 -59.61 -16.52
N ASN A 361 4.71 -59.42 -16.77
CA ASN A 361 4.06 -60.04 -17.91
C ASN A 361 3.02 -59.07 -18.47
N VAL A 362 2.81 -59.16 -19.79
CA VAL A 362 2.26 -58.06 -20.58
C VAL A 362 0.76 -58.24 -20.77
N THR A 363 0.06 -57.11 -20.91
CA THR A 363 -1.38 -57.09 -21.19
C THR A 363 -1.70 -55.99 -22.20
N GLU A 364 -2.94 -56.00 -22.68
CA GLU A 364 -3.44 -54.98 -23.60
C GLU A 364 -4.72 -54.40 -23.01
N ILE A 365 -4.60 -53.22 -22.42
CA ILE A 365 -5.72 -52.59 -21.74
C ILE A 365 -6.53 -51.75 -22.73
N PRO A 366 -7.86 -51.81 -22.71
CA PRO A 366 -8.65 -50.95 -23.60
C PRO A 366 -8.50 -49.49 -23.20
N GLY A 367 -8.11 -48.66 -24.17
CA GLY A 367 -7.89 -47.25 -23.88
C GLY A 367 -9.17 -46.50 -23.55
N ILE A 368 -10.30 -46.95 -24.07
CA ILE A 368 -11.60 -46.34 -23.78
C ILE A 368 -12.56 -47.45 -23.37
N PRO A 369 -12.69 -47.73 -22.07
CA PRO A 369 -13.55 -48.84 -21.65
C PRO A 369 -15.03 -48.53 -21.71
N GLY A 370 -15.42 -47.26 -21.73
CA GLY A 370 -16.81 -46.86 -21.77
C GLY A 370 -17.09 -45.83 -20.71
N ALA A 371 -18.38 -45.59 -20.46
CA ALA A 371 -18.84 -44.64 -19.45
C ALA A 371 -19.68 -45.39 -18.43
N ALA A 372 -19.01 -45.90 -17.39
CA ALA A 372 -19.67 -46.66 -16.34
C ALA A 372 -19.24 -46.11 -14.99
N ALA A 373 -19.82 -46.68 -13.93
CA ALA A 373 -19.53 -46.22 -12.58
C ALA A 373 -18.15 -46.67 -12.12
N GLY A 374 -17.77 -47.90 -12.47
CA GLY A 374 -16.50 -48.44 -12.00
C GLY A 374 -15.31 -47.65 -12.52
N VAL A 375 -15.34 -47.26 -13.79
CA VAL A 375 -14.23 -46.49 -14.35
C VAL A 375 -14.13 -45.13 -13.68
N LEU A 376 -15.26 -44.50 -13.36
CA LEU A 376 -15.23 -43.24 -12.63
C LEU A 376 -14.67 -43.42 -11.23
N GLN A 377 -15.06 -44.50 -10.56
CA GLN A 377 -14.55 -44.75 -9.21
C GLN A 377 -13.05 -45.01 -9.22
N GLU A 378 -12.55 -45.65 -10.30
CA GLU A 378 -11.15 -46.04 -10.34
C GLU A 378 -10.21 -44.83 -10.28
N ASN A 379 -10.52 -43.79 -11.05
CA ASN A 379 -9.67 -42.60 -11.13
C ASN A 379 -10.34 -41.40 -10.46
N LEU A 380 -11.01 -41.64 -9.34
CA LEU A 380 -11.69 -40.58 -8.60
C LEU A 380 -10.79 -39.86 -7.63
N TRP A 381 -9.58 -40.38 -7.37
CA TRP A 381 -8.70 -39.85 -6.35
C TRP A 381 -7.44 -39.26 -6.97
N SER A 382 -6.85 -38.30 -6.28
CA SER A 382 -5.68 -37.60 -6.78
C SER A 382 -4.47 -38.52 -6.83
N ALA A 383 -3.61 -38.29 -7.83
CA ALA A 383 -2.33 -39.01 -7.94
C ALA A 383 -1.35 -38.07 -8.65
N TYR A 384 -0.54 -37.37 -7.87
CA TYR A 384 0.47 -36.47 -8.43
C TYR A 384 1.70 -37.29 -8.81
N LEU A 385 2.74 -36.61 -9.29
CA LEU A 385 3.93 -37.28 -9.76
C LEU A 385 5.09 -36.28 -9.74
N GLU A 386 6.30 -36.81 -9.79
CA GLU A 386 7.51 -36.00 -9.79
C GLU A 386 8.24 -36.18 -11.12
N LYS A 387 8.98 -35.14 -11.51
CA LYS A 387 9.67 -35.15 -12.79
C LYS A 387 10.62 -36.34 -12.89
N GLY A 388 10.57 -37.03 -14.03
CA GLY A 388 11.37 -38.22 -14.25
C GLY A 388 10.68 -39.52 -13.91
N ASP A 389 9.53 -39.47 -13.23
CA ASP A 389 8.81 -40.68 -12.89
C ASP A 389 7.99 -41.16 -14.08
N ILE A 390 7.39 -42.34 -13.94
CA ILE A 390 6.63 -42.99 -15.00
C ILE A 390 5.16 -42.97 -14.62
N VAL A 391 4.30 -42.57 -15.57
CA VAL A 391 2.87 -42.63 -15.31
C VAL A 391 2.49 -44.08 -15.07
N GLU A 392 1.64 -44.30 -14.07
CA GLU A 392 1.58 -45.59 -13.39
C GLU A 392 0.12 -46.01 -13.21
N LYS A 393 -0.17 -47.28 -13.47
CA LYS A 393 -1.48 -47.85 -13.17
C LYS A 393 -1.56 -48.27 -11.70
N HIS A 394 -2.78 -48.35 -11.18
CA HIS A 394 -3.02 -48.62 -9.76
C HIS A 394 -3.35 -50.07 -9.45
N GLY A 395 -4.27 -50.69 -10.18
CA GLY A 395 -4.78 -51.99 -9.80
C GLY A 395 -4.17 -53.18 -10.50
N LEU A 396 -2.98 -53.01 -11.07
CA LEU A 396 -2.48 -54.17 -11.83
C LEU A 396 -1.36 -54.88 -11.07
N PRO A 397 -1.38 -56.21 -11.07
CA PRO A 397 -0.33 -56.96 -10.35
C PRO A 397 1.01 -56.89 -11.06
N SER A 398 2.08 -56.84 -10.26
CA SER A 398 3.44 -56.74 -10.80
C SER A 398 4.48 -57.00 -9.71
N ALA A 399 5.56 -57.69 -10.08
CA ALA A 399 6.66 -57.93 -9.15
C ALA A 399 7.61 -56.72 -9.18
N ASP A 400 8.67 -56.78 -8.40
CA ASP A 400 9.64 -55.69 -8.33
C ASP A 400 11.02 -56.21 -8.69
N ALA A 401 11.75 -55.40 -9.46
CA ALA A 401 13.08 -55.75 -9.95
C ALA A 401 13.80 -54.49 -10.42
N PRO A 402 15.14 -54.49 -10.49
CA PRO A 402 15.85 -53.31 -11.00
C PRO A 402 15.80 -53.21 -12.52
N SER A 403 16.36 -52.13 -13.06
CA SER A 403 16.34 -51.90 -14.50
C SER A 403 17.60 -51.15 -14.89
N LEU A 404 17.99 -51.31 -16.15
CA LEU A 404 19.15 -50.61 -16.69
C LEU A 404 18.76 -49.19 -17.07
N LYS A 405 19.65 -48.48 -17.76
CA LYS A 405 19.37 -47.13 -18.22
C LYS A 405 19.07 -47.05 -19.72
N GLU A 406 19.29 -48.13 -20.47
CA GLU A 406 18.97 -48.11 -21.90
C GLU A 406 17.48 -48.33 -22.15
N SER A 407 16.76 -48.92 -21.20
CA SER A 407 15.35 -49.21 -21.40
C SER A 407 14.44 -48.04 -21.04
N LEU A 408 14.88 -47.15 -20.15
CA LEU A 408 14.12 -45.97 -19.75
C LEU A 408 13.69 -45.12 -20.94
N PRO A 409 14.54 -44.91 -21.96
CA PRO A 409 14.05 -44.18 -23.15
C PRO A 409 12.84 -44.83 -23.80
N LEU A 410 12.70 -46.15 -23.73
CA LEU A 410 11.54 -46.81 -24.32
C LEU A 410 10.39 -46.96 -23.32
N TYR A 411 10.09 -45.86 -22.62
CA TYR A 411 8.96 -45.76 -21.70
C TYR A 411 8.24 -44.43 -21.95
N VAL A 412 7.35 -44.09 -21.02
CA VAL A 412 6.69 -42.80 -20.99
C VAL A 412 6.96 -42.16 -19.63
N VAL A 413 7.28 -40.87 -19.65
CA VAL A 413 7.76 -40.16 -18.46
C VAL A 413 7.05 -38.82 -18.37
N ALA A 414 6.71 -38.43 -17.15
CA ALA A 414 6.15 -37.11 -16.89
C ALA A 414 7.22 -36.05 -17.15
N ASP A 415 6.92 -35.09 -18.01
CA ASP A 415 7.90 -34.09 -18.43
C ASP A 415 8.07 -32.95 -17.45
N ILE A 416 7.22 -32.85 -16.44
CA ILE A 416 7.28 -31.74 -15.48
C ILE A 416 6.73 -32.22 -14.14
N ALA A 417 7.31 -31.70 -13.06
CA ALA A 417 6.78 -31.98 -11.74
C ALA A 417 5.39 -31.38 -11.59
N THR A 418 4.47 -32.16 -11.04
CA THR A 418 3.07 -31.77 -10.95
C THR A 418 2.69 -31.49 -9.50
N SER A 419 1.90 -30.43 -9.32
CA SER A 419 1.41 -30.06 -8.00
C SER A 419 0.10 -29.32 -8.17
N PHE A 420 -0.61 -29.14 -7.06
CA PHE A 420 -1.87 -28.38 -7.09
C PHE A 420 -1.64 -26.97 -7.58
N THR A 421 -0.64 -26.29 -7.02
CA THR A 421 -0.36 -24.90 -7.41
C THR A 421 0.01 -24.79 -8.87
N VAL A 422 0.91 -25.66 -9.35
CA VAL A 422 1.35 -25.60 -10.74
C VAL A 422 0.18 -25.86 -11.67
N LEU A 423 -0.67 -26.84 -11.32
CA LEU A 423 -1.82 -27.15 -12.16
C LEU A 423 -2.80 -25.99 -12.22
N VAL A 424 -3.03 -25.32 -11.08
CA VAL A 424 -3.91 -24.14 -11.08
C VAL A 424 -3.32 -23.06 -11.97
N GLY A 425 -2.01 -22.84 -11.86
CA GLY A 425 -1.37 -21.82 -12.69
C GLY A 425 -1.49 -22.11 -14.17
N ILE A 426 -1.37 -23.39 -14.54
CA ILE A 426 -1.50 -23.77 -15.94
C ILE A 426 -2.95 -23.61 -16.41
N PHE A 427 -3.90 -23.97 -15.56
CA PHE A 427 -5.30 -23.96 -15.98
C PHE A 427 -5.89 -22.56 -16.05
N PHE A 428 -5.43 -21.63 -15.23
CA PHE A 428 -6.11 -20.33 -15.14
C PHE A 428 -6.32 -19.61 -16.48
N PRO A 429 -5.37 -19.59 -17.42
CA PRO A 429 -5.63 -18.88 -18.69
C PRO A 429 -6.82 -19.42 -19.46
N SER A 430 -7.34 -20.61 -19.13
CA SER A 430 -8.46 -21.19 -19.84
C SER A 430 -9.80 -20.56 -19.47
N VAL A 431 -9.81 -19.53 -18.61
CA VAL A 431 -11.03 -18.84 -18.22
C VAL A 431 -10.92 -17.34 -18.45
N THR A 432 -9.74 -16.83 -18.76
CA THR A 432 -9.56 -15.40 -19.01
C THR A 432 -10.26 -14.99 -20.30
N GLY A 433 -10.61 -13.71 -20.37
CA GLY A 433 -11.29 -13.17 -21.53
C GLY A 433 -12.66 -12.60 -21.21
N ILE A 434 -12.87 -12.31 -19.92
CA ILE A 434 -14.17 -11.76 -19.50
C ILE A 434 -14.39 -10.38 -20.10
N MET A 435 -13.35 -9.54 -20.08
CA MET A 435 -13.49 -8.16 -20.53
C MET A 435 -13.59 -8.02 -22.05
N ALA A 436 -13.58 -9.12 -22.79
CA ALA A 436 -13.75 -9.05 -24.24
C ALA A 436 -15.18 -8.69 -24.66
N GLY A 437 -16.14 -8.78 -23.74
CA GLY A 437 -17.51 -8.44 -24.05
C GLY A 437 -17.81 -6.95 -23.92
N SER A 438 -16.83 -6.12 -24.26
CA SER A 438 -17.03 -4.67 -24.22
C SER A 438 -16.39 -3.96 -25.42
N ASN A 439 -15.84 -4.70 -26.38
CA ASN A 439 -15.15 -4.07 -27.50
C ASN A 439 -16.10 -3.32 -28.41
N ARG A 440 -17.36 -3.74 -28.47
CA ARG A 440 -18.38 -3.06 -29.27
C ARG A 440 -19.29 -2.20 -28.39
N SER A 441 -18.76 -1.69 -27.28
CA SER A 441 -19.57 -0.92 -26.33
C SER A 441 -20.24 0.28 -26.97
N GLY A 442 -19.66 0.84 -28.02
CA GLY A 442 -20.24 1.95 -28.73
C GLY A 442 -21.28 1.58 -29.76
N ASP A 443 -21.71 0.33 -29.81
CA ASP A 443 -22.65 -0.13 -30.81
C ASP A 443 -23.87 -0.86 -30.26
N LEU A 444 -23.89 -1.21 -28.98
CA LEU A 444 -25.03 -1.91 -28.41
C LEU A 444 -26.28 -1.03 -28.43
N ARG A 445 -27.43 -1.67 -28.67
CA ARG A 445 -28.70 -0.95 -28.61
C ARG A 445 -29.02 -0.53 -27.18
N ASP A 446 -28.73 -1.40 -26.21
CA ASP A 446 -28.94 -1.12 -24.79
C ASP A 446 -27.67 -1.45 -24.04
N ALA A 447 -26.88 -0.43 -23.72
CA ALA A 447 -25.59 -0.66 -23.07
C ALA A 447 -25.77 -1.04 -21.60
N GLN A 448 -26.72 -0.40 -20.91
CA GLN A 448 -26.87 -0.62 -19.48
C GLN A 448 -27.35 -2.03 -19.14
N LYS A 449 -27.99 -2.72 -20.08
CA LYS A 449 -28.57 -4.03 -19.79
C LYS A 449 -27.83 -5.19 -20.45
N SER A 450 -27.46 -5.05 -21.72
CA SER A 450 -26.94 -6.19 -22.48
C SER A 450 -25.61 -6.71 -21.92
N ILE A 451 -24.72 -5.80 -21.54
CA ILE A 451 -23.37 -6.22 -21.14
C ILE A 451 -23.38 -7.13 -19.92
N PRO A 452 -24.02 -6.77 -18.79
CA PRO A 452 -23.91 -7.64 -17.60
C PRO A 452 -24.54 -9.01 -17.80
N VAL A 453 -25.77 -9.06 -18.30
CA VAL A 453 -26.45 -10.34 -18.46
C VAL A 453 -25.70 -11.23 -19.45
N GLY A 454 -25.23 -10.64 -20.56
CA GLY A 454 -24.50 -11.43 -21.54
C GLY A 454 -23.20 -11.98 -20.98
N THR A 455 -22.44 -11.15 -20.28
CA THR A 455 -21.19 -11.60 -19.68
C THR A 455 -21.43 -12.71 -18.68
N ILE A 456 -22.43 -12.54 -17.81
CA ILE A 456 -22.69 -13.53 -16.77
C ILE A 456 -23.17 -14.84 -17.38
N LEU A 457 -24.02 -14.77 -18.40
CA LEU A 457 -24.48 -16.00 -19.04
C LEU A 457 -23.35 -16.72 -19.76
N ALA A 458 -22.45 -15.96 -20.40
CA ALA A 458 -21.30 -16.58 -21.04
C ALA A 458 -20.43 -17.30 -20.01
N ILE A 459 -20.17 -16.64 -18.88
CA ILE A 459 -19.36 -17.28 -17.84
C ILE A 459 -20.06 -18.53 -17.32
N ILE A 460 -21.37 -18.46 -17.11
CA ILE A 460 -22.10 -19.60 -16.56
C ILE A 460 -22.05 -20.78 -17.52
N THR A 461 -22.28 -20.53 -18.81
CA THR A 461 -22.30 -21.64 -19.76
C THR A 461 -20.90 -22.24 -19.93
N THR A 462 -19.87 -21.40 -19.93
CA THR A 462 -18.51 -21.96 -19.97
C THR A 462 -18.23 -22.80 -18.74
N SER A 463 -18.64 -22.35 -17.56
CA SER A 463 -18.42 -23.12 -16.35
C SER A 463 -19.15 -24.45 -16.40
N LEU A 464 -20.40 -24.45 -16.89
CA LEU A 464 -21.15 -25.70 -17.00
C LEU A 464 -20.49 -26.67 -17.97
N VAL A 465 -20.04 -26.17 -19.12
CA VAL A 465 -19.36 -27.03 -20.07
C VAL A 465 -18.08 -27.59 -19.46
N TYR A 466 -17.34 -26.76 -18.74
CA TYR A 466 -16.11 -27.23 -18.09
C TYR A 466 -16.40 -28.34 -17.09
N PHE A 467 -17.41 -28.13 -16.23
CA PHE A 467 -17.77 -29.15 -15.25
C PHE A 467 -18.16 -30.46 -15.92
N SER A 468 -19.06 -30.38 -16.90
CA SER A 468 -19.57 -31.59 -17.53
C SER A 468 -18.48 -32.32 -18.30
N SER A 469 -17.61 -31.58 -18.99
CA SER A 469 -16.51 -32.22 -19.72
C SER A 469 -15.50 -32.85 -18.77
N VAL A 470 -15.23 -32.20 -17.63
CA VAL A 470 -14.33 -32.81 -16.65
C VAL A 470 -14.90 -34.12 -16.15
N VAL A 471 -16.20 -34.13 -15.83
CA VAL A 471 -16.82 -35.37 -15.38
C VAL A 471 -16.79 -36.43 -16.47
N LEU A 472 -17.05 -36.04 -17.72
CA LEU A 472 -17.03 -36.99 -18.82
C LEU A 472 -15.65 -37.61 -19.00
N PHE A 473 -14.60 -36.79 -18.96
CA PHE A 473 -13.25 -37.31 -19.06
C PHE A 473 -12.94 -38.24 -17.90
N GLY A 474 -13.39 -37.88 -16.69
CA GLY A 474 -13.16 -38.75 -15.54
C GLY A 474 -13.86 -40.09 -15.68
N ALA A 475 -15.04 -40.10 -16.30
CA ALA A 475 -15.87 -41.29 -16.35
C ALA A 475 -15.80 -42.04 -17.67
N CYS A 476 -14.91 -41.65 -18.59
CA CYS A 476 -14.81 -42.41 -19.83
C CYS A 476 -13.39 -42.89 -20.14
N ILE A 477 -12.38 -42.17 -19.66
CA ILE A 477 -10.98 -42.52 -19.93
C ILE A 477 -10.30 -42.84 -18.61
N GLU A 478 -9.52 -43.91 -18.60
CA GLU A 478 -8.82 -44.33 -17.39
C GLU A 478 -7.62 -43.42 -17.14
N GLY A 479 -6.99 -43.61 -15.98
CA GLY A 479 -5.94 -42.75 -15.49
C GLY A 479 -4.59 -42.89 -16.17
N VAL A 480 -4.46 -43.79 -17.14
CA VAL A 480 -3.23 -43.94 -17.90
C VAL A 480 -3.19 -42.99 -19.09
N VAL A 481 -4.23 -42.99 -19.92
CA VAL A 481 -4.26 -42.12 -21.08
C VAL A 481 -4.32 -40.66 -20.65
N LEU A 482 -5.15 -40.35 -19.64
CA LEU A 482 -5.32 -38.97 -19.21
C LEU A 482 -4.03 -38.38 -18.66
N ARG A 483 -3.19 -39.20 -18.02
CA ARG A 483 -1.94 -38.74 -17.45
C ARG A 483 -0.78 -38.81 -18.42
N ASP A 484 -1.06 -38.79 -19.73
CA ASP A 484 -0.04 -38.92 -20.76
C ASP A 484 -0.16 -37.75 -21.73
N LYS A 485 0.71 -36.75 -21.56
CA LYS A 485 0.76 -35.66 -22.51
C LYS A 485 1.29 -36.15 -23.86
N TYR A 486 0.89 -35.45 -24.91
CA TYR A 486 1.27 -35.73 -26.30
C TYR A 486 0.74 -37.06 -26.81
N GLY A 487 -0.02 -37.80 -26.00
CA GLY A 487 -0.54 -39.09 -26.41
C GLY A 487 0.54 -40.10 -26.76
N ASP A 488 1.61 -40.13 -25.98
CA ASP A 488 2.72 -41.04 -26.28
C ASP A 488 2.30 -42.50 -26.14
N GLY A 489 1.48 -42.81 -25.14
CA GLY A 489 1.06 -44.19 -24.92
C GLY A 489 0.09 -44.71 -25.96
N VAL A 490 -0.51 -43.84 -26.76
CA VAL A 490 -1.47 -44.23 -27.79
C VAL A 490 -1.05 -43.61 -29.11
N SER A 491 -0.20 -44.33 -29.85
CA SER A 491 0.09 -44.12 -31.27
C SER A 491 0.16 -42.64 -31.67
N ARG A 492 0.86 -41.86 -30.84
CA ARG A 492 1.13 -40.45 -31.13
C ARG A 492 -0.16 -39.67 -31.42
N ASN A 493 -1.24 -40.04 -30.75
CA ASN A 493 -2.57 -39.53 -31.08
C ASN A 493 -3.06 -38.60 -29.99
N LEU A 494 -3.80 -37.57 -30.38
CA LEU A 494 -4.37 -36.63 -29.43
C LEU A 494 -5.38 -37.33 -28.55
N VAL A 495 -5.29 -37.10 -27.25
CA VAL A 495 -6.15 -37.81 -26.29
C VAL A 495 -7.60 -37.37 -26.42
N VAL A 496 -7.84 -36.07 -26.57
CA VAL A 496 -9.21 -35.58 -26.64
C VAL A 496 -9.90 -36.07 -27.90
N GLY A 497 -9.17 -36.21 -29.00
CA GLY A 497 -9.74 -36.68 -30.24
C GLY A 497 -10.05 -38.16 -30.27
N THR A 498 -9.62 -38.90 -29.26
CA THR A 498 -9.96 -40.32 -29.19
C THR A 498 -11.46 -40.53 -28.98
N LEU A 499 -12.12 -39.61 -28.28
CA LEU A 499 -13.54 -39.73 -28.00
C LEU A 499 -14.42 -39.26 -29.15
N ALA A 500 -13.93 -38.34 -29.98
CA ALA A 500 -14.76 -37.70 -31.00
C ALA A 500 -15.44 -38.74 -31.88
N TRP A 501 -16.59 -38.35 -32.43
CA TRP A 501 -17.41 -39.31 -33.18
C TRP A 501 -16.78 -39.69 -34.52
N PRO A 502 -16.61 -38.78 -35.49
CA PRO A 502 -16.13 -39.22 -36.80
C PRO A 502 -14.70 -39.74 -36.77
N SER A 503 -13.79 -38.91 -36.27
CA SER A 503 -12.36 -39.21 -36.22
C SER A 503 -11.66 -38.11 -35.45
N PRO A 504 -10.48 -38.39 -34.90
CA PRO A 504 -9.73 -37.32 -34.21
C PRO A 504 -9.29 -36.17 -35.11
N TRP A 505 -9.19 -36.39 -36.42
CA TRP A 505 -8.69 -35.33 -37.29
C TRP A 505 -9.58 -34.09 -37.31
N VAL A 506 -10.90 -34.26 -37.16
CA VAL A 506 -11.74 -33.07 -37.09
C VAL A 506 -11.40 -32.26 -35.84
N ILE A 507 -11.13 -32.94 -34.73
CA ILE A 507 -10.74 -32.25 -33.51
C ILE A 507 -9.42 -31.52 -33.71
N VAL A 508 -8.45 -32.19 -34.34
CA VAL A 508 -7.15 -31.59 -34.55
C VAL A 508 -7.26 -30.35 -35.44
N ILE A 509 -8.02 -30.46 -36.53
CA ILE A 509 -8.16 -29.34 -37.46
C ILE A 509 -8.86 -28.17 -36.78
N GLY A 510 -9.94 -28.45 -36.04
CA GLY A 510 -10.63 -27.38 -35.34
C GLY A 510 -9.75 -26.69 -34.33
N SER A 511 -8.98 -27.46 -33.56
CA SER A 511 -8.08 -26.87 -32.58
C SER A 511 -7.01 -26.03 -33.24
N PHE A 512 -6.44 -26.52 -34.34
CA PHE A 512 -5.39 -25.78 -35.03
C PHE A 512 -5.92 -24.45 -35.56
N PHE A 513 -7.06 -24.48 -36.24
CA PHE A 513 -7.64 -23.26 -36.79
C PHE A 513 -8.01 -22.28 -35.69
N SER A 514 -8.61 -22.78 -34.60
CA SER A 514 -9.00 -21.92 -33.50
C SER A 514 -7.78 -21.28 -32.85
N THR A 515 -6.70 -22.04 -32.69
CA THR A 515 -5.50 -21.50 -32.04
C THR A 515 -4.85 -20.42 -32.92
N CYS A 516 -4.72 -20.69 -34.22
CA CYS A 516 -4.16 -19.69 -35.12
C CYS A 516 -5.02 -18.43 -35.12
N GLY A 517 -6.34 -18.59 -35.17
CA GLY A 517 -7.20 -17.43 -35.13
C GLY A 517 -7.12 -16.65 -33.84
N ALA A 518 -7.03 -17.36 -32.71
CA ALA A 518 -6.88 -16.67 -31.44
C ALA A 518 -5.59 -15.86 -31.41
N GLY A 519 -4.50 -16.43 -31.94
CA GLY A 519 -3.29 -15.65 -32.09
C GLY A 519 -3.50 -14.41 -32.95
N LEU A 520 -4.24 -14.55 -34.05
CA LEU A 520 -4.52 -13.41 -34.93
C LEU A 520 -5.27 -12.30 -34.19
N GLN A 521 -6.36 -12.64 -33.50
CA GLN A 521 -7.09 -11.60 -32.76
C GLN A 521 -6.25 -10.99 -31.65
N SER A 522 -5.46 -11.79 -30.93
CA SER A 522 -4.63 -11.22 -29.88
C SER A 522 -3.63 -10.22 -30.47
N LEU A 523 -2.99 -10.59 -31.58
CA LEU A 523 -1.99 -9.74 -32.19
C LEU A 523 -2.57 -8.51 -32.86
N THR A 524 -3.84 -8.56 -33.29
CA THR A 524 -4.48 -7.35 -33.82
C THR A 524 -5.20 -6.55 -32.74
N GLY A 525 -5.32 -7.08 -31.53
CA GLY A 525 -5.97 -6.36 -30.46
C GLY A 525 -5.02 -5.61 -29.54
N ALA A 526 -3.86 -6.20 -29.25
CA ALA A 526 -2.90 -5.51 -28.36
C ALA A 526 -2.47 -4.14 -28.88
N PRO A 527 -2.08 -3.98 -30.15
CA PRO A 527 -1.73 -2.63 -30.63
C PRO A 527 -2.87 -1.66 -30.53
N ARG A 528 -4.12 -2.12 -30.59
CA ARG A 528 -5.26 -1.21 -30.54
C ARG A 528 -5.30 -0.46 -29.22
N LEU A 529 -5.27 -1.19 -28.10
CA LEU A 529 -5.32 -0.49 -26.82
C LEU A 529 -3.99 0.18 -26.51
N LEU A 530 -2.87 -0.33 -27.04
CA LEU A 530 -1.63 0.43 -26.85
C LEU A 530 -1.74 1.80 -27.51
N GLN A 531 -2.27 1.85 -28.73
CA GLN A 531 -2.45 3.13 -29.41
C GLN A 531 -3.46 4.01 -28.69
N ALA A 532 -4.52 3.41 -28.14
CA ALA A 532 -5.50 4.20 -27.41
C ALA A 532 -4.88 4.85 -26.18
N ILE A 533 -4.13 4.07 -25.40
CA ILE A 533 -3.45 4.61 -24.22
C ILE A 533 -2.47 5.69 -24.63
N ALA A 534 -1.73 5.45 -25.71
CA ALA A 534 -0.76 6.45 -26.18
C ALA A 534 -1.45 7.74 -26.57
N LYS A 535 -2.58 7.65 -27.28
CA LYS A 535 -3.27 8.84 -27.75
C LYS A 535 -3.95 9.60 -26.62
N ASP A 536 -4.33 8.90 -25.54
CA ASP A 536 -4.88 9.62 -24.40
C ASP A 536 -3.82 10.42 -23.65
N ASN A 537 -2.54 10.18 -23.93
CA ASN A 537 -1.44 11.02 -23.46
C ASN A 537 -1.40 11.10 -21.93
N ILE A 538 -1.12 9.96 -21.31
CA ILE A 538 -0.88 9.90 -19.87
C ILE A 538 0.54 9.49 -19.55
N ILE A 539 1.28 8.92 -20.49
CA ILE A 539 2.69 8.56 -20.29
C ILE A 539 3.48 9.12 -21.47
N PRO A 540 4.64 9.75 -21.24
CA PRO A 540 5.30 10.49 -22.33
C PRO A 540 5.74 9.65 -23.52
N PHE A 541 6.54 8.59 -23.31
CA PHE A 541 7.11 7.87 -24.43
C PHE A 541 6.03 7.15 -25.26
N LEU A 542 4.87 6.91 -24.67
CA LEU A 542 3.80 6.33 -25.46
C LEU A 542 3.38 7.29 -26.56
N ARG A 543 3.68 8.58 -26.41
CA ARG A 543 3.37 9.54 -27.47
C ARG A 543 4.03 9.14 -28.79
N VAL A 544 5.33 8.85 -28.76
CA VAL A 544 5.98 8.35 -29.97
C VAL A 544 5.55 6.92 -30.27
N PHE A 545 5.21 6.16 -29.23
CA PHE A 545 4.67 4.82 -29.47
C PHE A 545 3.25 4.84 -30.03
N GLY A 546 2.72 6.03 -30.32
CA GLY A 546 1.31 6.15 -30.64
C GLY A 546 0.92 6.43 -32.08
N HIS A 547 1.82 6.99 -32.88
CA HIS A 547 1.48 7.40 -34.24
C HIS A 547 0.87 6.28 -35.06
N GLY A 548 -0.04 6.62 -35.97
CA GLY A 548 -0.75 5.62 -36.74
C GLY A 548 -0.79 5.96 -38.22
N LYS A 549 -1.39 5.07 -38.98
CA LYS A 549 -1.47 5.21 -40.44
C LYS A 549 -2.57 6.21 -40.80
N VAL A 550 -2.85 6.33 -42.10
CA VAL A 550 -3.88 7.24 -42.57
C VAL A 550 -5.26 6.80 -42.10
N ASN A 551 -5.55 5.50 -42.15
CA ASN A 551 -6.86 5.03 -41.70
C ASN A 551 -6.97 5.04 -40.19
N GLY A 552 -5.92 4.63 -39.49
CA GLY A 552 -5.93 4.58 -38.04
C GLY A 552 -5.25 3.35 -37.49
N GLU A 553 -4.92 2.41 -38.36
CA GLU A 553 -4.24 1.20 -37.92
C GLU A 553 -2.83 1.53 -37.43
N PRO A 554 -2.41 0.98 -36.30
CA PRO A 554 -1.11 1.34 -35.73
C PRO A 554 0.05 0.97 -36.65
N THR A 555 1.13 1.72 -36.52
CA THR A 555 2.30 1.54 -37.38
C THR A 555 3.62 1.38 -36.65
N TRP A 556 3.76 1.83 -35.40
CA TRP A 556 4.92 1.50 -34.57
C TRP A 556 4.60 0.65 -33.35
N ALA A 557 3.42 0.80 -32.75
CA ALA A 557 3.05 -0.05 -31.63
C ALA A 557 3.07 -1.53 -32.02
N LEU A 558 2.75 -1.82 -33.27
CA LEU A 558 2.81 -3.20 -33.75
C LEU A 558 4.22 -3.76 -33.64
N LEU A 559 5.24 -2.94 -33.92
CA LEU A 559 6.61 -3.40 -33.75
C LEU A 559 6.92 -3.72 -32.29
N LEU A 560 6.46 -2.89 -31.37
CA LEU A 560 6.71 -3.14 -29.95
C LEU A 560 6.06 -4.44 -29.50
N THR A 561 4.79 -4.64 -29.87
CA THR A 561 4.13 -5.87 -29.45
C THR A 561 4.73 -7.09 -30.14
N ALA A 562 5.21 -6.94 -31.38
CA ALA A 562 5.89 -8.05 -32.05
C ALA A 562 7.18 -8.42 -31.33
N LEU A 563 7.96 -7.41 -30.91
CA LEU A 563 9.18 -7.70 -30.17
C LEU A 563 8.89 -8.37 -28.83
N ILE A 564 7.87 -7.91 -28.12
CA ILE A 564 7.53 -8.53 -26.85
C ILE A 564 7.05 -9.96 -27.06
N ALA A 565 6.26 -10.20 -28.12
CA ALA A 565 5.81 -11.55 -28.42
C ALA A 565 6.99 -12.45 -28.77
N GLU A 566 7.98 -11.93 -29.51
CA GLU A 566 9.17 -12.72 -29.79
C GLU A 566 9.94 -13.04 -28.51
N LEU A 567 10.03 -12.08 -27.60
CA LEU A 567 10.67 -12.34 -26.32
C LEU A 567 9.95 -13.45 -25.57
N GLY A 568 8.63 -13.43 -25.58
CA GLY A 568 7.88 -14.50 -24.94
C GLY A 568 8.07 -15.84 -25.61
N ILE A 569 8.09 -15.86 -26.94
CA ILE A 569 8.29 -17.10 -27.68
C ILE A 569 9.67 -17.68 -27.43
N LEU A 570 10.65 -16.81 -27.14
CA LEU A 570 12.01 -17.29 -26.91
C LEU A 570 12.07 -18.31 -25.78
N ILE A 571 11.14 -18.25 -24.83
CA ILE A 571 11.07 -19.27 -23.79
C ILE A 571 10.77 -20.63 -24.39
N ALA A 572 9.82 -20.68 -25.33
CA ALA A 572 9.48 -21.90 -26.07
C ALA A 572 9.02 -23.02 -25.14
N SER A 573 7.96 -22.73 -24.38
CA SER A 573 7.32 -23.72 -23.54
C SER A 573 5.92 -23.24 -23.19
N LEU A 574 4.91 -24.02 -23.57
CA LEU A 574 3.53 -23.63 -23.29
C LEU A 574 3.26 -23.55 -21.80
N ASP A 575 3.77 -24.49 -21.02
CA ASP A 575 3.52 -24.51 -19.57
C ASP A 575 4.24 -23.38 -18.85
N MET A 576 5.40 -22.95 -19.36
CA MET A 576 6.18 -21.91 -18.68
C MET A 576 5.67 -20.51 -18.96
N VAL A 577 4.82 -20.32 -19.97
CA VAL A 577 4.35 -18.99 -20.31
C VAL A 577 2.99 -18.68 -19.68
N ALA A 578 2.15 -19.70 -19.49
CA ALA A 578 0.83 -19.48 -18.92
C ALA A 578 0.84 -18.77 -17.56
N PRO A 579 1.73 -19.10 -16.62
CA PRO A 579 1.69 -18.39 -15.33
C PRO A 579 1.88 -16.89 -15.44
N ILE A 580 2.68 -16.39 -16.38
CA ILE A 580 2.88 -14.96 -16.51
C ILE A 580 1.58 -14.29 -17.00
N LEU A 581 0.94 -14.91 -17.98
CA LEU A 581 -0.38 -14.48 -18.42
C LEU A 581 -1.35 -14.42 -17.25
N SER A 582 -1.36 -15.48 -16.43
CA SER A 582 -2.24 -15.51 -15.27
C SER A 582 -1.91 -14.39 -14.31
N MET A 583 -0.63 -14.09 -14.10
CA MET A 583 -0.25 -13.02 -13.21
C MET A 583 -0.76 -11.68 -13.69
N PHE A 584 -0.62 -11.39 -14.99
CA PHE A 584 -1.07 -10.10 -15.47
C PHE A 584 -2.59 -9.98 -15.37
N PHE A 585 -3.33 -11.01 -15.80
CA PHE A 585 -4.79 -10.92 -15.74
C PHE A 585 -5.28 -10.86 -14.29
N LEU A 586 -4.71 -11.66 -13.40
CA LEU A 586 -5.08 -11.60 -11.99
C LEU A 586 -4.76 -10.24 -11.38
N MET A 587 -3.64 -9.64 -11.77
CA MET A 587 -3.27 -8.33 -11.23
C MET A 587 -4.30 -7.28 -11.64
N CYS A 588 -4.71 -7.32 -12.92
CA CYS A 588 -5.74 -6.40 -13.40
C CYS A 588 -7.06 -6.62 -12.67
N TYR A 589 -7.43 -7.88 -12.46
CA TYR A 589 -8.66 -8.19 -11.74
C TYR A 589 -8.59 -7.69 -10.30
N LEU A 590 -7.43 -7.82 -9.68
CA LEU A 590 -7.24 -7.33 -8.32
C LEU A 590 -7.45 -5.82 -8.24
N PHE A 591 -6.86 -5.08 -9.18
CA PHE A 591 -7.11 -3.64 -9.20
C PHE A 591 -8.57 -3.29 -9.45
N VAL A 592 -9.24 -3.97 -10.37
CA VAL A 592 -10.62 -3.58 -10.64
C VAL A 592 -11.50 -3.84 -9.41
N ASN A 593 -11.31 -4.99 -8.76
CA ASN A 593 -12.08 -5.31 -7.56
C ASN A 593 -11.77 -4.35 -6.42
N LEU A 594 -10.48 -4.05 -6.21
CA LEU A 594 -10.10 -3.14 -5.13
C LEU A 594 -10.67 -1.76 -5.37
N ALA A 595 -10.59 -1.27 -6.61
CA ALA A 595 -11.12 0.04 -6.92
C ALA A 595 -12.62 0.09 -6.66
N CYS A 596 -13.35 -0.93 -7.11
CA CYS A 596 -14.79 -0.93 -6.87
C CYS A 596 -15.11 -0.93 -5.38
N ALA A 597 -14.43 -1.78 -4.61
CA ALA A 597 -14.72 -1.90 -3.18
C ALA A 597 -14.42 -0.60 -2.45
N VAL A 598 -13.25 -0.02 -2.70
CA VAL A 598 -12.88 1.22 -2.01
C VAL A 598 -13.80 2.36 -2.43
N GLN A 599 -14.10 2.45 -3.74
CA GLN A 599 -14.94 3.53 -4.23
C GLN A 599 -16.33 3.47 -3.59
N THR A 600 -16.86 2.25 -3.43
CA THR A 600 -18.16 2.11 -2.79
C THR A 600 -18.09 2.43 -1.30
N LEU A 601 -17.09 1.90 -0.60
CA LEU A 601 -17.03 2.07 0.85
C LEU A 601 -16.81 3.52 1.26
N LEU A 602 -15.90 4.24 0.60
CA LEU A 602 -15.41 5.50 1.14
C LEU A 602 -16.16 6.69 0.56
N ARG A 603 -17.29 6.45 -0.10
CA ARG A 603 -18.21 7.49 -0.55
C ARG A 603 -17.56 8.46 -1.53
N THR A 604 -17.18 7.93 -2.69
CA THR A 604 -16.71 8.79 -3.76
C THR A 604 -17.89 9.47 -4.45
N PRO A 605 -17.77 10.75 -4.81
CA PRO A 605 -18.79 11.37 -5.66
C PRO A 605 -18.77 10.76 -7.05
N ASN A 606 -19.93 10.84 -7.72
CA ASN A 606 -20.09 10.35 -9.09
C ASN A 606 -19.73 8.87 -9.20
N TRP A 607 -20.25 8.08 -8.27
CA TRP A 607 -20.07 6.62 -8.32
C TRP A 607 -21.34 6.01 -7.74
N ARG A 608 -22.28 5.67 -8.62
CA ARG A 608 -23.59 5.13 -8.22
C ARG A 608 -23.89 3.91 -9.09
N PRO A 609 -23.33 2.75 -8.74
CA PRO A 609 -23.57 1.55 -9.55
C PRO A 609 -24.96 0.98 -9.32
N ARG A 610 -25.96 1.49 -10.05
CA ARG A 610 -27.35 1.10 -9.84
C ARG A 610 -27.63 -0.29 -10.43
N PHE A 611 -26.83 -1.26 -9.97
CA PHE A 611 -27.06 -2.65 -10.31
C PHE A 611 -27.76 -3.35 -9.16
N LYS A 612 -28.70 -4.24 -9.50
CA LYS A 612 -29.59 -4.82 -8.50
C LYS A 612 -28.95 -5.92 -7.66
N TYR A 613 -27.80 -6.45 -8.07
CA TYR A 613 -27.15 -7.56 -7.37
C TYR A 613 -25.70 -7.24 -7.02
N TYR A 614 -25.42 -6.00 -6.65
CA TYR A 614 -24.05 -5.58 -6.33
C TYR A 614 -23.93 -5.25 -4.85
N HIS A 615 -22.80 -5.63 -4.27
CA HIS A 615 -22.48 -5.31 -2.88
C HIS A 615 -20.97 -5.29 -2.73
N TRP A 616 -20.45 -4.29 -2.02
CA TRP A 616 -19.01 -4.15 -1.86
C TRP A 616 -18.37 -5.35 -1.20
N ALA A 617 -19.13 -6.09 -0.38
CA ALA A 617 -18.59 -7.29 0.24
C ALA A 617 -18.18 -8.31 -0.80
N LEU A 618 -18.97 -8.44 -1.88
CA LEU A 618 -18.65 -9.40 -2.94
C LEU A 618 -17.35 -9.02 -3.63
N SER A 619 -17.17 -7.74 -3.94
CA SER A 619 -15.93 -7.29 -4.58
C SER A 619 -14.74 -7.53 -3.65
N PHE A 620 -14.91 -7.23 -2.36
CA PHE A 620 -13.83 -7.47 -1.40
C PHE A 620 -13.48 -8.95 -1.34
N LEU A 621 -14.50 -9.82 -1.33
CA LEU A 621 -14.26 -11.26 -1.26
C LEU A 621 -13.54 -11.76 -2.49
N GLY A 622 -13.94 -11.31 -3.69
CA GLY A 622 -13.25 -11.72 -4.89
C GLY A 622 -11.81 -11.24 -4.93
N MET A 623 -11.59 -9.98 -4.54
CA MET A 623 -10.25 -9.45 -4.41
C MET A 623 -9.39 -10.34 -3.53
N SER A 624 -9.89 -10.66 -2.34
CA SER A 624 -9.11 -11.49 -1.42
C SER A 624 -8.86 -12.88 -2.00
N LEU A 625 -9.90 -13.48 -2.58
CA LEU A 625 -9.80 -14.87 -3.03
C LEU A 625 -8.74 -15.02 -4.13
N CYS A 626 -8.83 -14.22 -5.17
CA CYS A 626 -7.84 -14.43 -6.22
C CYS A 626 -6.59 -13.56 -6.07
N LEU A 627 -6.53 -12.69 -5.07
CA LEU A 627 -5.22 -12.26 -4.56
C LEU A 627 -4.49 -13.44 -3.93
N ALA A 628 -5.21 -14.24 -3.14
CA ALA A 628 -4.61 -15.46 -2.59
C ALA A 628 -4.21 -16.40 -3.71
N LEU A 629 -5.03 -16.52 -4.75
CA LEU A 629 -4.64 -17.30 -5.91
C LEU A 629 -3.34 -16.78 -6.52
N MET A 630 -3.26 -15.47 -6.75
CA MET A 630 -2.08 -14.90 -7.38
C MET A 630 -0.83 -15.17 -6.56
N PHE A 631 -0.91 -15.02 -5.24
CA PHE A 631 0.28 -15.30 -4.42
C PHE A 631 0.60 -16.78 -4.31
N VAL A 632 -0.41 -17.64 -4.18
CA VAL A 632 -0.12 -19.07 -3.99
C VAL A 632 0.48 -19.66 -5.25
N SER A 633 0.09 -19.17 -6.42
CA SER A 633 0.63 -19.70 -7.67
C SER A 633 2.13 -19.47 -7.76
N SER A 634 2.57 -18.23 -7.56
CA SER A 634 3.99 -17.89 -7.62
C SER A 634 4.18 -16.54 -6.94
N TRP A 635 5.10 -16.49 -5.97
CA TRP A 635 5.21 -15.30 -5.14
C TRP A 635 6.14 -14.26 -5.72
N TYR A 636 7.21 -14.66 -6.41
CA TYR A 636 8.12 -13.67 -6.98
C TYR A 636 7.53 -12.99 -8.22
N TYR A 637 6.83 -13.73 -9.07
CA TYR A 637 6.14 -13.09 -10.19
C TYR A 637 5.08 -12.12 -9.69
N ALA A 638 4.32 -12.54 -8.66
CA ALA A 638 3.33 -11.64 -8.08
C ALA A 638 3.99 -10.39 -7.50
N LEU A 639 5.13 -10.57 -6.83
CA LEU A 639 5.83 -9.44 -6.24
C LEU A 639 6.29 -8.45 -7.30
N VAL A 640 6.89 -8.95 -8.38
CA VAL A 640 7.40 -8.04 -9.41
C VAL A 640 6.25 -7.36 -10.14
N ALA A 641 5.15 -8.08 -10.37
CA ALA A 641 3.98 -7.48 -10.99
C ALA A 641 3.42 -6.37 -10.11
N MET A 642 3.32 -6.62 -8.80
CA MET A 642 2.83 -5.59 -7.89
C MET A 642 3.76 -4.38 -7.88
N LEU A 643 5.07 -4.62 -7.90
CA LEU A 643 6.02 -3.50 -7.88
C LEU A 643 5.87 -2.64 -9.13
N ILE A 644 5.79 -3.27 -10.31
CA ILE A 644 5.68 -2.47 -11.53
C ILE A 644 4.33 -1.75 -11.58
N ALA A 645 3.26 -2.41 -11.11
CA ALA A 645 1.95 -1.76 -11.10
C ALA A 645 1.94 -0.55 -10.17
N GLY A 646 2.50 -0.70 -8.97
CA GLY A 646 2.57 0.43 -8.05
C GLY A 646 3.42 1.56 -8.60
N MET A 647 4.55 1.20 -9.23
CA MET A 647 5.42 2.23 -9.79
C MET A 647 4.73 3.00 -10.89
N ILE A 648 4.02 2.31 -11.79
CA ILE A 648 3.33 3.01 -12.86
C ILE A 648 2.18 3.84 -12.31
N TYR A 649 1.49 3.35 -11.28
CA TYR A 649 0.43 4.14 -10.65
C TYR A 649 0.99 5.45 -10.08
N LYS A 650 2.08 5.35 -9.33
CA LYS A 650 2.67 6.54 -8.73
C LYS A 650 3.21 7.49 -9.81
N TYR A 651 3.79 6.94 -10.87
CA TYR A 651 4.30 7.79 -11.95
C TYR A 651 3.17 8.52 -12.65
N ILE A 652 2.05 7.84 -12.89
CA ILE A 652 0.90 8.49 -13.51
C ILE A 652 0.37 9.60 -12.59
N GLU A 653 0.30 9.32 -11.29
CA GLU A 653 -0.16 10.35 -10.35
C GLU A 653 0.77 11.56 -10.37
N TYR A 654 2.07 11.33 -10.39
CA TYR A 654 3.04 12.43 -10.41
C TYR A 654 2.91 13.24 -11.68
N GLN A 655 2.77 12.57 -12.83
CA GLN A 655 2.60 13.30 -14.09
C GLN A 655 1.32 14.11 -14.11
N GLY A 656 0.23 13.54 -13.60
CA GLY A 656 -1.01 14.29 -13.52
C GLY A 656 -0.90 15.51 -12.61
N ALA A 657 -0.24 15.35 -11.47
CA ALA A 657 -0.02 16.48 -10.58
C ALA A 657 0.81 17.55 -11.24
N GLU A 658 1.86 17.16 -11.96
CA GLU A 658 2.69 18.14 -12.65
C GLU A 658 1.93 18.84 -13.77
N LYS A 659 1.00 18.13 -14.42
CA LYS A 659 0.25 18.75 -15.51
C LYS A 659 -0.81 19.71 -14.99
N GLU A 660 -1.67 19.24 -14.08
CA GLU A 660 -2.79 20.06 -13.64
C GLU A 660 -2.32 21.19 -12.73
N TRP A 661 -1.42 20.91 -11.80
CA TRP A 661 -1.00 21.88 -10.80
C TRP A 661 0.22 22.65 -11.30
N GLY A 662 0.88 23.36 -10.39
CA GLY A 662 2.02 24.18 -10.74
C GLY A 662 3.29 23.43 -11.11
N ASP A 663 3.16 22.12 -11.37
CA ASP A 663 4.24 21.27 -11.85
C ASP A 663 5.38 21.16 -10.84
N GLY A 664 5.05 20.97 -9.57
CA GLY A 664 6.03 20.77 -8.53
C GLY A 664 5.84 19.46 -7.78
N ILE A 665 6.72 19.23 -6.81
CA ILE A 665 6.57 18.10 -5.90
C ILE A 665 5.44 18.32 -4.90
N ARG A 666 4.94 19.55 -4.80
CA ARG A 666 3.78 19.85 -3.97
C ARG A 666 2.46 19.62 -4.69
N GLY A 667 2.50 19.28 -5.98
CA GLY A 667 1.27 19.13 -6.73
C GLY A 667 0.40 17.99 -6.24
N LEU A 668 1.01 16.85 -5.94
CA LEU A 668 0.23 15.68 -5.53
C LEU A 668 -0.24 15.76 -4.09
N SER A 669 0.07 16.85 -3.38
CA SER A 669 -0.57 17.16 -2.11
C SER A 669 -1.77 18.07 -2.29
N LEU A 670 -1.66 19.07 -3.17
CA LEU A 670 -2.83 19.85 -3.55
C LEU A 670 -3.91 18.97 -4.15
N SER A 671 -3.51 18.01 -5.00
CA SER A 671 -4.48 17.10 -5.59
C SER A 671 -5.18 16.27 -4.52
N ALA A 672 -4.42 15.77 -3.53
CA ALA A 672 -5.03 15.01 -2.46
C ALA A 672 -6.00 15.85 -1.64
N ALA A 673 -5.61 17.10 -1.34
CA ALA A 673 -6.50 17.97 -0.58
C ALA A 673 -7.79 18.23 -1.35
N ARG A 674 -7.67 18.53 -2.64
CA ARG A 674 -8.87 18.79 -3.45
C ARG A 674 -9.75 17.55 -3.53
N TYR A 675 -9.14 16.38 -3.71
CA TYR A 675 -9.92 15.15 -3.82
C TYR A 675 -10.65 14.84 -2.52
N ALA A 676 -9.99 15.04 -1.38
CA ALA A 676 -10.64 14.84 -0.09
C ALA A 676 -11.79 15.82 0.11
N LEU A 677 -11.56 17.10 -0.19
CA LEU A 677 -12.63 18.08 -0.04
C LEU A 677 -13.80 17.82 -0.98
N LEU A 678 -13.56 17.25 -2.15
CA LEU A 678 -14.66 16.89 -3.04
C LEU A 678 -15.41 15.67 -2.53
N ARG A 679 -14.69 14.68 -2.01
CA ARG A 679 -15.35 13.56 -1.35
C ARG A 679 -16.22 14.01 -0.19
N LEU A 680 -15.78 15.04 0.52
CA LEU A 680 -16.45 15.48 1.74
C LEU A 680 -17.85 16.03 1.50
N GLU A 681 -18.21 16.34 0.26
CA GLU A 681 -19.49 16.96 -0.04
C GLU A 681 -20.65 15.98 -0.11
N GLU A 682 -20.39 14.70 -0.39
CA GLU A 682 -21.46 13.74 -0.61
C GLU A 682 -22.25 13.47 0.67
N GLY A 683 -21.57 13.36 1.80
CA GLY A 683 -22.21 13.00 3.04
C GLY A 683 -23.17 14.06 3.55
N PRO A 684 -24.25 13.62 4.21
CA PRO A 684 -25.20 14.56 4.78
C PRO A 684 -24.82 14.95 6.20
N PRO A 685 -24.69 16.24 6.48
CA PRO A 685 -24.43 16.69 7.85
C PRO A 685 -25.72 17.07 8.57
N HIS A 686 -25.74 16.79 9.87
CA HIS A 686 -24.66 16.13 10.58
C HIS A 686 -25.20 15.07 11.54
N THR A 687 -24.39 14.06 11.82
CA THR A 687 -24.74 13.02 12.78
C THR A 687 -24.42 13.51 14.19
N LYS A 688 -24.44 12.59 15.15
CA LYS A 688 -24.17 12.92 16.54
C LYS A 688 -22.66 13.04 16.76
N ASN A 689 -22.25 13.06 18.03
CA ASN A 689 -20.84 13.19 18.42
C ASN A 689 -20.25 14.52 17.94
N TRP A 690 -20.84 15.60 18.47
CA TRP A 690 -20.37 16.95 18.15
C TRP A 690 -18.99 17.20 18.78
N ARG A 691 -18.09 17.77 17.98
CA ARG A 691 -16.78 18.16 18.46
C ARG A 691 -16.53 19.61 18.08
N PRO A 692 -15.82 20.38 18.91
CA PRO A 692 -15.67 21.82 18.62
C PRO A 692 -14.57 22.09 17.61
N GLN A 693 -14.85 23.03 16.70
CA GLN A 693 -13.85 23.59 15.80
C GLN A 693 -13.82 25.10 16.00
N LEU A 694 -12.62 25.65 16.12
CA LEU A 694 -12.43 26.99 16.65
C LEU A 694 -12.05 27.99 15.58
N LEU A 695 -12.73 29.13 15.59
CA LEU A 695 -12.30 30.33 14.89
C LEU A 695 -11.90 31.37 15.93
N VAL A 696 -10.70 31.91 15.79
CA VAL A 696 -10.11 32.80 16.78
C VAL A 696 -10.12 34.22 16.23
N LEU A 697 -10.69 35.14 16.99
CA LEU A 697 -10.74 36.55 16.64
C LEU A 697 -9.76 37.30 17.52
N LEU A 698 -8.88 38.08 16.90
CA LEU A 698 -7.89 38.86 17.61
C LEU A 698 -7.99 40.34 17.26
N LYS A 699 -7.49 41.18 18.16
CA LYS A 699 -7.37 42.60 17.92
C LYS A 699 -5.89 42.98 17.90
N LEU A 700 -5.52 43.83 16.95
CA LEU A 700 -4.14 44.24 16.77
C LEU A 700 -3.91 45.64 17.30
N ASP A 701 -2.82 45.83 18.02
CA ASP A 701 -2.48 47.13 18.57
C ASP A 701 -2.15 48.11 17.45
N GLU A 702 -2.17 49.41 17.80
CA GLU A 702 -1.87 50.45 16.82
C GLU A 702 -0.47 50.29 16.25
N ASP A 703 0.43 49.63 16.97
CA ASP A 703 1.78 49.37 16.50
C ASP A 703 1.88 48.03 15.76
N LEU A 704 0.77 47.53 15.22
CA LEU A 704 0.76 46.29 14.44
C LEU A 704 1.31 45.11 15.24
N HIS A 705 0.86 45.00 16.49
CA HIS A 705 1.28 43.92 17.37
C HIS A 705 0.07 43.30 18.03
N VAL A 706 0.20 42.02 18.40
CA VAL A 706 -0.90 41.33 19.07
C VAL A 706 -1.10 41.89 20.48
N LYS A 707 -2.25 41.60 21.05
CA LYS A 707 -2.60 42.09 22.38
C LYS A 707 -2.72 41.00 23.42
N TYR A 708 -3.33 39.86 23.10
CA TYR A 708 -3.63 38.81 24.07
C TYR A 708 -3.09 37.47 23.58
N PRO A 709 -1.77 37.28 23.65
CA PRO A 709 -1.21 35.95 23.33
C PRO A 709 -1.68 34.86 24.28
N ARG A 710 -2.08 35.22 25.50
CA ARG A 710 -2.65 34.23 26.41
C ARG A 710 -3.90 33.59 25.83
N LEU A 711 -4.66 34.33 25.02
CA LEU A 711 -5.80 33.73 24.34
C LEU A 711 -5.35 32.66 23.36
N LEU A 712 -4.24 32.90 22.64
CA LEU A 712 -3.69 31.86 21.77
C LEU A 712 -3.24 30.65 22.56
N THR A 713 -2.60 30.88 23.72
CA THR A 713 -2.19 29.75 24.56
C THR A 713 -3.39 28.93 25.01
N PHE A 714 -4.46 29.62 25.43
CA PHE A 714 -5.68 28.92 25.84
C PHE A 714 -6.29 28.14 24.69
N ALA A 715 -6.36 28.74 23.49
CA ALA A 715 -6.89 28.03 22.34
C ALA A 715 -6.03 26.84 21.95
N SER A 716 -4.72 26.92 22.15
CA SER A 716 -3.86 25.79 21.87
C SER A 716 -4.05 24.68 22.88
N GLN A 717 -4.19 25.02 24.17
CA GLN A 717 -4.35 24.00 25.20
C GLN A 717 -5.73 23.38 25.22
N LEU A 718 -6.74 24.08 24.67
CA LEU A 718 -8.07 23.48 24.60
C LEU A 718 -8.14 22.37 23.57
N LYS A 719 -7.52 22.57 22.40
CA LYS A 719 -7.56 21.57 21.33
C LYS A 719 -6.38 20.62 21.36
N ALA A 720 -5.26 21.03 21.97
CA ALA A 720 -4.09 20.18 22.14
C ALA A 720 -3.56 19.67 20.79
N GLY A 721 -3.58 20.53 19.78
CA GLY A 721 -3.02 20.18 18.49
C GLY A 721 -3.88 19.28 17.65
N LYS A 722 -5.16 19.12 17.98
CA LYS A 722 -6.08 18.34 17.18
C LYS A 722 -7.09 19.29 16.52
N GLY A 723 -7.84 18.74 15.57
CA GLY A 723 -8.86 19.53 14.90
C GLY A 723 -8.27 20.64 14.05
N LEU A 724 -9.05 21.70 13.89
CA LEU A 724 -8.71 22.85 13.06
C LEU A 724 -8.85 24.14 13.86
N THR A 725 -8.01 25.13 13.54
CA THR A 725 -8.09 26.46 14.10
C THR A 725 -7.72 27.47 13.02
N ILE A 726 -8.56 28.50 12.88
CA ILE A 726 -8.30 29.60 11.95
C ILE A 726 -8.21 30.91 12.71
N VAL A 727 -6.99 31.41 12.92
CA VAL A 727 -6.81 32.72 13.49
C VAL A 727 -7.09 33.79 12.44
N GLY A 728 -7.87 34.79 12.80
CA GLY A 728 -8.21 35.85 11.87
C GLY A 728 -8.14 37.20 12.54
N SER A 729 -7.96 38.22 11.72
CA SER A 729 -7.82 39.59 12.22
C SER A 729 -8.42 40.55 11.21
N VAL A 730 -8.59 41.80 11.60
CA VAL A 730 -9.16 42.83 10.75
C VAL A 730 -8.37 44.11 10.94
N ILE A 731 -8.03 44.76 9.82
CA ILE A 731 -7.29 46.02 9.84
C ILE A 731 -8.11 47.09 9.15
N GLN A 732 -8.35 48.21 9.83
CA GLN A 732 -9.09 49.32 9.25
C GLN A 732 -8.29 49.95 8.12
N GLY A 733 -9.00 50.50 7.14
CA GLY A 733 -8.36 51.17 6.03
C GLY A 733 -8.72 50.59 4.68
N SER A 734 -8.31 51.27 3.61
CA SER A 734 -8.56 50.77 2.26
C SER A 734 -7.58 49.65 1.92
N PHE A 735 -8.03 48.74 1.06
CA PHE A 735 -7.20 47.62 0.64
C PHE A 735 -6.19 48.01 -0.44
N LEU A 736 -6.56 48.93 -1.32
CA LEU A 736 -5.70 49.29 -2.46
C LEU A 736 -4.44 50.03 -2.03
N GLU A 737 -4.34 50.46 -0.77
CA GLU A 737 -3.16 51.19 -0.31
C GLU A 737 -2.61 50.65 1.00
N SER A 738 -3.02 49.46 1.42
CA SER A 738 -2.55 48.89 2.69
C SER A 738 -2.25 47.41 2.54
N TYR A 739 -1.70 47.02 1.38
CA TYR A 739 -1.36 45.61 1.17
C TYR A 739 -0.17 45.19 2.02
N GLY A 740 0.84 46.05 2.12
CA GLY A 740 2.01 45.70 2.91
C GLY A 740 1.70 45.48 4.37
N GLU A 741 0.78 46.27 4.92
CA GLU A 741 0.39 46.10 6.32
C GLU A 741 -0.22 44.72 6.55
N ALA A 742 -1.11 44.28 5.66
CA ALA A 742 -1.70 42.96 5.79
C ALA A 742 -0.64 41.86 5.61
N GLN A 743 0.25 42.03 4.63
CA GLN A 743 1.30 41.04 4.41
C GLN A 743 2.22 40.91 5.61
N ALA A 744 2.51 42.00 6.30
CA ALA A 744 3.34 41.95 7.51
C ALA A 744 2.58 41.38 8.70
N ALA A 745 1.30 41.74 8.85
CA ALA A 745 0.51 41.23 9.96
C ALA A 745 0.33 39.73 9.86
N GLU A 746 0.07 39.21 8.66
CA GLU A 746 -0.05 37.77 8.50
C GLU A 746 1.24 37.06 8.90
N GLN A 747 2.38 37.60 8.48
CA GLN A 747 3.66 36.97 8.81
C GLN A 747 3.92 37.01 10.31
N THR A 748 3.64 38.14 10.97
CA THR A 748 3.92 38.21 12.40
C THR A 748 2.97 37.32 13.19
N ILE A 749 1.72 37.18 12.74
CA ILE A 749 0.82 36.25 13.40
C ILE A 749 1.28 34.81 13.20
N LYS A 750 1.79 34.50 12.01
CA LYS A 750 2.34 33.16 11.78
C LYS A 750 3.53 32.88 12.69
N ASN A 751 4.40 33.87 12.86
CA ASN A 751 5.53 33.70 13.79
C ASN A 751 5.04 33.50 15.21
N MET A 752 4.04 34.28 15.63
CA MET A 752 3.57 34.20 17.01
C MET A 752 2.87 32.87 17.29
N MET A 753 2.15 32.34 16.29
CA MET A 753 1.49 31.04 16.48
C MET A 753 2.48 29.90 16.65
N GLU A 754 3.66 30.00 16.06
CA GLU A 754 4.61 28.89 16.11
C GLU A 754 5.10 28.63 17.53
N ILE A 755 5.34 29.68 18.30
CA ILE A 755 5.87 29.52 19.65
C ILE A 755 4.81 29.10 20.65
N GLU A 756 3.52 29.23 20.32
CA GLU A 756 2.45 28.86 21.23
C GLU A 756 1.99 27.42 21.05
N LYS A 757 2.66 26.65 20.18
CA LYS A 757 2.34 25.24 19.95
C LYS A 757 0.91 25.06 19.47
N VAL A 758 0.49 25.94 18.56
CA VAL A 758 -0.82 25.84 17.90
C VAL A 758 -0.59 25.68 16.41
N LYS A 759 -1.29 24.72 15.81
CA LYS A 759 -1.16 24.42 14.38
C LYS A 759 -2.49 24.79 13.71
N GLY A 760 -2.41 25.64 12.69
CA GLY A 760 -3.61 26.09 12.01
C GLY A 760 -3.27 27.00 10.86
N PHE A 761 -4.28 27.74 10.43
CA PHE A 761 -4.15 28.68 9.32
C PHE A 761 -4.50 30.09 9.76
N CYS A 762 -3.97 31.06 9.03
CA CYS A 762 -4.16 32.47 9.34
C CYS A 762 -4.81 33.18 8.16
N GLN A 763 -5.51 34.27 8.46
CA GLN A 763 -6.15 35.08 7.43
C GLN A 763 -6.33 36.50 7.95
N VAL A 764 -6.00 37.48 7.11
CA VAL A 764 -6.15 38.89 7.45
C VAL A 764 -6.89 39.57 6.30
N VAL A 765 -7.93 40.34 6.65
CA VAL A 765 -8.72 41.04 5.65
C VAL A 765 -8.78 42.53 5.97
N VAL A 766 -8.26 43.36 5.06
CA VAL A 766 -8.36 44.80 5.19
C VAL A 766 -9.80 45.20 4.87
N ALA A 767 -10.37 46.09 5.70
CA ALA A 767 -11.76 46.49 5.54
C ALA A 767 -11.92 47.91 6.05
N SER A 768 -13.01 48.55 5.65
CA SER A 768 -13.30 49.91 6.10
C SER A 768 -14.02 49.94 7.44
N LYS A 769 -14.93 49.00 7.68
CA LYS A 769 -15.62 48.87 8.95
C LYS A 769 -15.17 47.58 9.62
N VAL A 770 -14.68 47.70 10.85
CA VAL A 770 -14.15 46.53 11.55
C VAL A 770 -15.25 45.51 11.83
N ARG A 771 -16.45 45.98 12.19
CA ARG A 771 -17.55 45.04 12.43
C ARG A 771 -18.00 44.39 11.13
N GLU A 772 -17.95 45.12 10.01
CA GLU A 772 -18.24 44.49 8.71
C GLU A 772 -17.22 43.41 8.40
N GLY A 773 -15.94 43.68 8.67
CA GLY A 773 -14.92 42.67 8.45
C GLY A 773 -15.13 41.44 9.32
N LEU A 774 -15.50 41.64 10.58
CA LEU A 774 -15.78 40.51 11.46
C LEU A 774 -16.98 39.71 10.94
N ALA A 775 -18.04 40.41 10.53
CA ALA A 775 -19.22 39.73 10.03
C ALA A 775 -18.90 38.92 8.79
N HIS A 776 -18.08 39.47 7.89
CA HIS A 776 -17.63 38.73 6.72
C HIS A 776 -16.77 37.53 7.09
N LEU A 777 -15.87 37.68 8.07
CA LEU A 777 -15.04 36.57 8.52
C LEU A 777 -15.82 35.47 9.24
N ILE A 778 -17.04 35.79 9.70
CA ILE A 778 -17.82 34.78 10.41
C ILE A 778 -18.03 33.53 9.56
N GLN A 779 -18.45 33.69 8.30
CA GLN A 779 -18.79 32.55 7.47
C GLN A 779 -17.87 32.34 6.28
N SER A 780 -16.88 33.22 6.07
CA SER A 780 -16.03 33.09 4.90
C SER A 780 -14.87 32.12 5.12
N CYS A 781 -14.41 31.96 6.36
CA CYS A 781 -13.24 31.12 6.62
C CYS A 781 -13.55 29.65 6.35
N GLY A 782 -12.60 28.98 5.71
CA GLY A 782 -12.74 27.59 5.37
C GLY A 782 -13.46 27.38 4.05
N LEU A 783 -13.22 26.22 3.45
CA LEU A 783 -13.83 25.83 2.19
C LEU A 783 -15.08 25.00 2.46
N GLY A 784 -15.70 24.56 1.37
CA GLY A 784 -16.92 23.78 1.47
C GLY A 784 -16.76 22.49 2.25
N GLY A 785 -17.41 22.41 3.40
CA GLY A 785 -17.36 21.24 4.24
C GLY A 785 -16.21 21.22 5.23
N MET A 786 -15.19 22.04 5.02
CA MET A 786 -14.01 22.10 5.88
C MET A 786 -14.10 23.28 6.84
N ARG A 787 -15.32 23.61 7.27
CA ARG A 787 -15.62 24.87 7.91
C ARG A 787 -15.15 24.89 9.37
N HIS A 788 -15.56 25.94 10.07
CA HIS A 788 -15.35 26.09 11.50
C HIS A 788 -16.68 25.94 12.22
N ASN A 789 -16.62 25.43 13.46
CA ASN A 789 -17.82 25.09 14.20
C ASN A 789 -18.12 26.04 15.36
N SER A 790 -17.12 26.76 15.86
CA SER A 790 -17.32 27.64 17.00
C SER A 790 -16.40 28.84 16.88
N VAL A 791 -16.74 29.90 17.60
CA VAL A 791 -16.02 31.16 17.55
C VAL A 791 -15.53 31.51 18.94
N VAL A 792 -14.30 32.01 19.01
CA VAL A 792 -13.68 32.44 20.26
C VAL A 792 -13.40 33.93 20.16
N LEU A 793 -13.98 34.71 21.06
CA LEU A 793 -13.74 36.15 21.10
C LEU A 793 -13.51 36.60 22.53
N GLY A 794 -12.71 37.65 22.70
CA GLY A 794 -12.36 38.13 24.00
C GLY A 794 -13.42 39.03 24.61
N TRP A 795 -13.16 39.45 25.85
CA TRP A 795 -14.01 40.31 26.66
C TRP A 795 -13.57 41.76 26.55
N PRO A 796 -14.51 42.70 26.51
CA PRO A 796 -14.15 44.13 26.47
C PRO A 796 -13.76 44.63 27.85
N TYR A 797 -12.52 45.07 28.00
CA TYR A 797 -12.01 45.55 29.27
C TYR A 797 -12.14 47.06 29.38
N GLY A 798 -12.65 47.51 30.52
CA GLY A 798 -12.77 48.94 30.78
C GLY A 798 -13.70 49.67 29.83
N TRP A 799 -14.88 49.10 29.57
CA TRP A 799 -15.84 49.75 28.68
C TRP A 799 -16.41 51.02 29.29
N ARG A 800 -16.52 51.08 30.63
CA ARG A 800 -16.97 52.30 31.27
C ARG A 800 -15.92 53.41 31.17
N GLN A 801 -14.65 53.04 31.16
CA GLN A 801 -13.60 54.04 30.97
C GLN A 801 -13.71 54.71 29.61
N SER A 802 -13.97 53.93 28.57
CA SER A 802 -14.16 54.50 27.24
C SER A 802 -15.50 55.22 27.16
N GLU A 803 -15.50 56.38 26.50
CA GLU A 803 -16.73 57.14 26.34
C GLU A 803 -17.53 56.71 25.13
N ASP A 804 -16.86 56.30 24.06
CA ASP A 804 -17.56 55.90 22.85
C ASP A 804 -18.17 54.52 23.02
N PRO A 805 -19.45 54.33 22.69
CA PRO A 805 -20.04 52.98 22.78
C PRO A 805 -19.41 51.97 21.84
N ARG A 806 -18.76 52.42 20.76
CA ARG A 806 -18.20 51.52 19.76
C ARG A 806 -17.14 50.60 20.33
N ALA A 807 -16.55 50.93 21.49
CA ALA A 807 -15.58 50.03 22.10
C ALA A 807 -16.22 48.72 22.53
N TRP A 808 -17.51 48.73 22.87
CA TRP A 808 -18.19 47.52 23.31
C TRP A 808 -19.38 47.13 22.45
N LYS A 809 -20.06 48.09 21.81
CA LYS A 809 -21.21 47.76 20.99
C LYS A 809 -20.86 46.76 19.90
N THR A 810 -19.74 46.97 19.21
CA THR A 810 -19.27 46.00 18.22
C THR A 810 -19.22 44.60 18.83
N PHE A 811 -18.66 44.49 20.03
CA PHE A 811 -18.69 43.24 20.78
C PHE A 811 -20.07 42.59 20.70
N ILE A 812 -21.09 43.29 21.20
CA ILE A 812 -22.44 42.72 21.21
C ILE A 812 -22.86 42.34 19.81
N ASP A 813 -22.55 43.19 18.82
CA ASP A 813 -22.92 42.90 17.45
C ASP A 813 -22.40 41.54 17.03
N THR A 814 -21.14 41.24 17.34
CA THR A 814 -20.57 39.95 16.97
C THR A 814 -21.40 38.82 17.53
N VAL A 815 -21.82 38.94 18.79
CA VAL A 815 -22.64 37.90 19.41
C VAL A 815 -23.87 37.64 18.56
N ARG A 816 -24.54 38.70 18.11
CA ARG A 816 -25.74 38.53 17.30
C ARG A 816 -25.43 37.71 16.06
N CYS A 817 -24.32 38.02 15.39
CA CYS A 817 -23.95 37.22 14.21
C CYS A 817 -23.74 35.77 14.59
N THR A 818 -23.07 35.52 15.71
CA THR A 818 -22.87 34.15 16.16
C THR A 818 -24.20 33.48 16.47
N THR A 819 -25.20 34.26 16.91
CA THR A 819 -26.53 33.69 17.09
C THR A 819 -27.23 33.50 15.74
N ALA A 820 -26.98 34.40 14.80
CA ALA A 820 -27.63 34.31 13.49
C ALA A 820 -27.11 33.14 12.66
N ALA A 821 -25.82 32.82 12.78
CA ALA A 821 -25.23 31.72 12.02
C ALA A 821 -25.32 30.39 12.74
N HIS A 822 -25.94 30.35 13.93
CA HIS A 822 -26.07 29.13 14.73
C HIS A 822 -24.69 28.53 15.03
N LEU A 823 -23.88 29.33 15.73
CA LEU A 823 -22.51 28.97 16.04
C LEU A 823 -22.29 29.08 17.54
N ALA A 824 -21.55 28.12 18.11
CA ALA A 824 -21.27 28.14 19.54
C ALA A 824 -20.35 29.31 19.88
N LEU A 825 -20.66 29.99 20.97
CA LEU A 825 -19.93 31.17 21.40
C LEU A 825 -19.24 30.92 22.74
N LEU A 826 -17.96 31.29 22.78
CA LEU A 826 -17.15 31.16 23.99
C LEU A 826 -16.52 32.51 24.29
N VAL A 827 -16.76 33.05 25.48
CA VAL A 827 -16.20 34.35 25.84
C VAL A 827 -15.51 34.30 27.20
N PRO A 828 -14.25 33.88 27.24
CA PRO A 828 -13.51 33.90 28.51
C PRO A 828 -13.38 35.31 29.05
N LYS A 829 -13.40 35.44 30.38
CA LYS A 829 -13.20 36.73 31.03
C LYS A 829 -11.93 36.68 31.88
N ASN A 830 -11.29 37.84 32.01
CA ASN A 830 -10.02 37.97 32.73
C ASN A 830 -8.97 37.03 32.13
N ILE A 831 -8.70 37.23 30.83
CA ILE A 831 -7.73 36.39 30.13
C ILE A 831 -6.30 36.64 30.60
N ALA A 832 -6.04 37.80 31.21
CA ALA A 832 -4.69 38.09 31.68
C ALA A 832 -4.26 37.16 32.80
N PHE A 833 -5.22 36.68 33.60
CA PHE A 833 -4.93 35.79 34.71
C PHE A 833 -4.84 34.32 34.28
N TYR A 834 -5.17 34.01 33.03
CA TYR A 834 -5.12 32.63 32.58
C TYR A 834 -3.68 32.13 32.55
N PRO A 835 -3.46 30.87 32.91
CA PRO A 835 -2.09 30.37 33.05
C PRO A 835 -1.36 30.27 31.72
N SER A 836 -0.05 30.48 31.78
CA SER A 836 0.80 30.29 30.62
C SER A 836 0.95 28.81 30.32
N ASN A 837 1.53 28.51 29.16
CA ASN A 837 1.68 27.13 28.71
C ASN A 837 2.77 26.38 29.47
N HIS A 838 3.47 27.04 30.39
CA HIS A 838 4.53 26.39 31.15
C HIS A 838 4.14 26.10 32.59
N GLU A 839 3.39 27.01 33.22
CA GLU A 839 3.02 26.85 34.62
C GLU A 839 2.11 25.64 34.79
N ARG A 840 2.57 24.65 35.55
CA ARG A 840 1.81 23.44 35.81
C ARG A 840 0.96 23.60 37.05
N TYR A 841 -0.08 22.78 37.15
CA TYR A 841 -1.00 22.79 38.28
C TYR A 841 -0.99 21.41 38.94
N LEU A 842 -0.97 21.39 40.27
CA LEU A 842 -0.94 20.16 41.03
C LEU A 842 -2.25 19.80 41.70
N GLU A 843 -3.06 20.80 42.06
CA GLU A 843 -4.34 20.54 42.72
C GLU A 843 -5.30 21.67 42.40
N GLY A 844 -6.59 21.37 42.50
CA GLY A 844 -7.61 22.38 42.25
C GLY A 844 -8.95 21.73 41.99
N HIS A 845 -9.86 22.52 41.42
CA HIS A 845 -11.20 22.04 41.10
C HIS A 845 -11.77 22.92 39.99
N ILE A 846 -12.24 22.30 38.92
CA ILE A 846 -12.82 23.02 37.79
C ILE A 846 -14.34 22.97 37.98
N ASP A 847 -14.90 24.07 38.45
CA ASP A 847 -16.34 24.12 38.67
C ASP A 847 -17.07 24.27 37.35
N VAL A 848 -18.19 23.56 37.21
CA VAL A 848 -19.03 23.62 36.01
C VAL A 848 -20.46 23.81 36.50
N TRP A 849 -20.95 25.05 36.42
CA TRP A 849 -22.28 25.36 36.97
C TRP A 849 -23.33 25.22 35.87
N TRP A 850 -23.70 23.97 35.63
CA TRP A 850 -24.70 23.65 34.61
C TRP A 850 -26.06 24.22 35.01
N ILE A 851 -26.82 24.65 34.01
CA ILE A 851 -28.16 25.19 34.21
C ILE A 851 -29.10 24.42 33.28
N VAL A 852 -30.37 24.81 33.22
CA VAL A 852 -31.43 24.04 32.57
C VAL A 852 -31.11 23.68 31.12
N HIS A 853 -30.28 24.47 30.45
CA HIS A 853 -30.05 24.30 29.02
C HIS A 853 -28.56 24.19 28.73
N ASP A 854 -28.26 23.79 27.48
CA ASP A 854 -26.91 23.75 26.93
C ASP A 854 -26.00 22.76 27.67
N GLY A 855 -26.56 21.69 28.21
CA GLY A 855 -25.74 20.71 28.92
C GLY A 855 -24.98 19.77 28.01
N GLY A 856 -25.15 19.90 26.69
CA GLY A 856 -24.50 18.97 25.78
C GLY A 856 -22.98 19.03 25.85
N MET A 857 -22.42 20.23 25.92
CA MET A 857 -20.97 20.39 25.92
C MET A 857 -20.40 20.93 27.22
N LEU A 858 -21.22 21.54 28.08
CA LEU A 858 -20.72 21.98 29.37
C LEU A 858 -20.09 20.84 30.16
N MET A 859 -20.57 19.62 29.96
CA MET A 859 -19.94 18.43 30.52
C MET A 859 -18.87 17.86 29.60
N LEU A 860 -18.69 18.42 28.40
CA LEU A 860 -17.69 17.93 27.45
C LEU A 860 -16.41 18.77 27.47
N LEU A 861 -16.52 20.08 27.63
CA LEU A 861 -15.32 20.92 27.66
C LEU A 861 -14.30 20.47 28.71
N PRO A 862 -14.67 20.16 29.97
CA PRO A 862 -13.67 19.62 30.89
C PRO A 862 -13.04 18.32 30.41
N PHE A 863 -13.80 17.45 29.74
CA PHE A 863 -13.24 16.20 29.25
C PHE A 863 -12.20 16.44 28.16
N LEU A 864 -12.50 17.34 27.22
CA LEU A 864 -11.57 17.61 26.13
C LEU A 864 -10.37 18.42 26.62
N LEU A 865 -10.57 19.27 27.63
CA LEU A 865 -9.50 20.09 28.14
C LEU A 865 -8.62 19.35 29.13
N ARG A 866 -9.10 18.24 29.71
CA ARG A 866 -8.32 17.49 30.67
C ARG A 866 -7.09 16.87 30.04
N GLN A 867 -7.14 16.61 28.73
CA GLN A 867 -6.05 15.94 28.05
C GLN A 867 -4.90 16.90 27.76
N HIS A 868 -4.38 17.56 28.80
CA HIS A 868 -3.22 18.43 28.67
C HIS A 868 -2.36 18.30 29.92
N LYS A 869 -1.09 18.67 29.77
CA LYS A 869 -0.14 18.59 30.87
C LYS A 869 -0.39 19.64 31.96
N VAL A 870 -1.28 20.60 31.72
CA VAL A 870 -1.52 21.67 32.68
C VAL A 870 -2.64 21.29 33.63
N TRP A 871 -3.81 20.96 33.09
CA TRP A 871 -5.02 20.74 33.88
C TRP A 871 -5.26 19.27 34.21
N ARG A 872 -4.30 18.38 33.92
CA ARG A 872 -4.53 16.96 34.15
C ARG A 872 -4.73 16.63 35.62
N LYS A 873 -4.18 17.45 36.52
CA LYS A 873 -4.26 17.17 37.94
C LYS A 873 -5.61 17.51 38.54
N CYS A 874 -6.37 18.40 37.90
CA CYS A 874 -7.62 18.86 38.47
C CYS A 874 -8.72 17.80 38.34
N ARG A 875 -9.83 18.04 39.02
CA ARG A 875 -10.98 17.16 39.00
C ARG A 875 -12.26 17.99 38.92
N MET A 876 -13.20 17.54 38.10
CA MET A 876 -14.44 18.27 37.90
C MET A 876 -15.32 18.19 39.15
N ARG A 877 -16.13 19.24 39.34
CA ARG A 877 -17.03 19.29 40.48
C ARG A 877 -18.41 19.76 40.06
N ILE A 878 -18.99 19.15 39.03
CA ILE A 878 -20.28 19.53 38.47
C ILE A 878 -21.29 19.79 39.58
N PHE A 879 -21.91 20.96 39.56
CA PHE A 879 -22.73 21.45 40.67
C PHE A 879 -24.06 22.01 40.15
N THR A 880 -24.75 21.21 39.34
CA THR A 880 -26.03 21.61 38.75
C THR A 880 -27.01 22.12 39.80
N VAL A 881 -27.94 22.96 39.39
CA VAL A 881 -28.84 23.67 40.31
C VAL A 881 -30.00 22.76 40.71
N ALA A 882 -30.43 22.88 41.95
CA ALA A 882 -31.58 22.14 42.47
C ALA A 882 -32.68 23.14 42.80
N GLN A 883 -33.51 23.42 41.80
CA GLN A 883 -34.57 24.40 41.95
C GLN A 883 -35.54 23.98 43.05
N MET A 884 -36.03 24.95 43.80
CA MET A 884 -36.94 24.69 44.92
C MET A 884 -38.30 24.17 44.47
N ASP A 885 -38.61 24.25 43.18
CA ASP A 885 -39.88 23.71 42.69
C ASP A 885 -39.94 22.20 42.86
N ASP A 886 -38.83 21.51 42.58
CA ASP A 886 -38.80 20.06 42.68
C ASP A 886 -37.42 19.63 43.16
N ASN A 887 -37.41 18.68 44.10
CA ASN A 887 -36.15 18.17 44.63
C ASN A 887 -35.44 17.30 43.59
N SER A 888 -34.20 16.95 43.91
CA SER A 888 -33.35 16.18 43.00
C SER A 888 -32.77 14.94 43.67
N ILE A 889 -33.56 14.24 44.49
CA ILE A 889 -33.10 13.03 45.17
C ILE A 889 -32.82 11.94 44.14
N GLN A 890 -33.78 11.71 43.24
CA GLN A 890 -33.61 10.72 42.18
C GLN A 890 -32.93 11.31 40.94
N MET A 891 -33.07 12.61 40.71
CA MET A 891 -32.39 13.24 39.59
C MET A 891 -30.87 13.19 39.76
N LYS A 892 -30.40 13.33 41.00
CA LYS A 892 -28.97 13.19 41.27
C LYS A 892 -28.48 11.79 40.94
N LYS A 893 -29.26 10.77 41.32
CA LYS A 893 -28.90 9.40 41.01
C LYS A 893 -28.88 9.16 39.50
N ASP A 894 -29.88 9.69 38.80
CA ASP A 894 -29.93 9.52 37.35
C ASP A 894 -28.75 10.21 36.66
N LEU A 895 -28.41 11.43 37.09
CA LEU A 895 -27.28 12.13 36.51
C LEU A 895 -25.98 11.41 36.81
N ALA A 896 -25.83 10.88 38.02
CA ALA A 896 -24.63 10.13 38.37
C ALA A 896 -24.53 8.85 37.54
N VAL A 897 -25.66 8.18 37.30
CA VAL A 897 -25.66 6.98 36.47
C VAL A 897 -25.25 7.33 35.05
N PHE A 898 -25.79 8.44 34.53
CA PHE A 898 -25.42 8.87 33.17
C PHE A 898 -23.94 9.20 33.07
N LEU A 899 -23.39 9.85 34.10
CA LEU A 899 -21.96 10.18 34.10
C LEU A 899 -21.11 8.92 34.18
N TYR A 900 -21.49 7.98 35.06
CA TYR A 900 -20.68 6.78 35.25
C TYR A 900 -20.77 5.87 34.03
N HIS A 901 -21.89 5.89 33.32
CA HIS A 901 -22.00 5.11 32.09
C HIS A 901 -20.99 5.60 31.05
N LEU A 902 -20.78 6.91 30.98
CA LEU A 902 -19.77 7.47 30.11
C LEU A 902 -18.40 7.43 30.78
N ARG A 903 -17.36 7.68 29.99
CA ARG A 903 -16.00 7.63 30.51
C ARG A 903 -15.76 8.71 31.55
N LEU A 904 -16.25 9.92 31.29
CA LEU A 904 -16.03 11.06 32.17
C LEU A 904 -16.99 10.99 33.35
N GLU A 905 -16.46 11.13 34.56
CA GLU A 905 -17.26 11.09 35.76
C GLU A 905 -16.55 11.87 36.86
N ALA A 906 -17.35 12.49 37.72
CA ALA A 906 -16.83 13.29 38.83
C ALA A 906 -17.90 13.54 39.87
N GLU A 907 -17.57 14.30 40.91
CA GLU A 907 -18.53 14.62 41.95
C GLU A 907 -19.68 15.45 41.39
N VAL A 908 -20.90 15.05 41.72
CA VAL A 908 -22.10 15.74 41.26
C VAL A 908 -23.00 16.01 42.47
N GLU A 909 -23.51 17.23 42.56
CA GLU A 909 -24.38 17.63 43.66
C GLU A 909 -25.55 18.43 43.09
N VAL A 910 -26.56 18.61 43.94
CA VAL A 910 -27.76 19.36 43.58
C VAL A 910 -27.98 20.38 44.70
N VAL A 911 -27.92 21.66 44.35
CA VAL A 911 -28.12 22.74 45.32
C VAL A 911 -28.53 24.00 44.58
N GLU A 912 -29.43 24.77 45.20
CA GLU A 912 -29.85 26.07 44.70
C GLU A 912 -30.57 26.80 45.82
N MET A 913 -30.55 28.13 45.76
CA MET A 913 -31.14 28.95 46.82
C MET A 913 -32.59 29.33 46.55
N HIS A 914 -33.00 29.43 45.29
CA HIS A 914 -34.37 29.83 44.96
C HIS A 914 -34.66 29.36 43.54
N ASN A 915 -35.95 29.31 43.19
CA ASN A 915 -36.38 28.88 41.87
C ASN A 915 -37.40 29.85 41.29
N SER A 916 -38.03 30.66 42.15
CA SER A 916 -39.06 31.58 41.69
C SER A 916 -38.50 32.60 40.72
N ASP A 917 -37.26 33.06 40.96
CA ASP A 917 -36.63 34.04 40.09
C ASP A 917 -36.46 33.48 38.69
N ILE A 918 -36.87 34.28 37.69
CA ILE A 918 -36.79 33.87 36.29
C ILE A 918 -35.57 34.53 35.65
N SER A 919 -34.46 33.80 35.61
CA SER A 919 -33.24 34.34 34.99
C SER A 919 -33.12 33.90 33.54
N ALA A 920 -33.07 32.60 33.30
CA ALA A 920 -32.95 32.05 31.95
C ALA A 920 -34.25 31.40 31.48
N TYR A 921 -35.38 31.70 32.12
CA TYR A 921 -36.64 31.08 31.75
C TYR A 921 -37.05 31.45 30.33
N THR A 922 -36.89 32.72 29.96
CA THR A 922 -37.26 33.19 28.63
C THR A 922 -36.51 34.46 28.25
N ARG A 1018 -35.83 41.36 35.50
CA ARG A 1018 -34.99 40.21 35.79
C ARG A 1018 -33.58 40.65 36.16
N MET A 1019 -33.47 41.50 37.18
CA MET A 1019 -32.18 41.99 37.66
C MET A 1019 -31.79 41.43 39.02
N HIS A 1020 -32.76 41.24 39.92
CA HIS A 1020 -32.44 40.69 41.23
C HIS A 1020 -31.93 39.24 41.12
N THR A 1021 -32.45 38.50 40.14
CA THR A 1021 -32.02 37.13 39.94
C THR A 1021 -30.54 37.03 39.56
N ALA A 1022 -29.92 38.12 39.12
CA ALA A 1022 -28.50 38.10 38.85
C ALA A 1022 -27.69 38.00 40.14
N VAL A 1023 -27.88 38.97 41.05
CA VAL A 1023 -27.15 38.95 42.31
C VAL A 1023 -27.57 37.75 43.17
N LYS A 1024 -28.83 37.33 43.05
CA LYS A 1024 -29.30 36.20 43.84
C LYS A 1024 -28.49 34.94 43.56
N LEU A 1025 -28.24 34.66 42.28
CA LEU A 1025 -27.37 33.55 41.91
C LEU A 1025 -25.89 33.87 42.09
N ASN A 1026 -25.50 35.12 41.94
CA ASN A 1026 -24.09 35.49 42.08
C ASN A 1026 -23.60 35.23 43.50
N GLU A 1027 -24.43 35.51 44.50
CA GLU A 1027 -24.05 35.23 45.88
C GLU A 1027 -23.75 33.76 46.08
N VAL A 1028 -24.62 32.88 45.58
CA VAL A 1028 -24.41 31.45 45.73
C VAL A 1028 -23.15 31.03 44.99
N ILE A 1029 -22.96 31.53 43.77
CA ILE A 1029 -21.79 31.12 42.99
C ILE A 1029 -20.50 31.54 43.69
N VAL A 1030 -20.44 32.77 44.20
CA VAL A 1030 -19.22 33.24 44.84
C VAL A 1030 -18.98 32.49 46.15
N THR A 1031 -20.04 32.19 46.90
CA THR A 1031 -19.83 31.55 48.19
C THR A 1031 -19.49 30.07 48.03
N ARG A 1032 -19.89 29.45 46.93
CA ARG A 1032 -19.68 28.02 46.74
C ARG A 1032 -18.51 27.69 45.82
N SER A 1033 -17.99 28.65 45.05
CA SER A 1033 -16.96 28.33 44.08
C SER A 1033 -15.86 29.40 44.03
N HIS A 1034 -15.59 30.06 45.16
CA HIS A 1034 -14.58 31.11 45.17
C HIS A 1034 -13.18 30.56 44.91
N ASP A 1035 -12.86 29.39 45.46
CA ASP A 1035 -11.52 28.85 45.38
C ASP A 1035 -11.27 27.99 44.14
N ALA A 1036 -12.27 27.84 43.27
CA ALA A 1036 -12.11 26.99 42.09
C ALA A 1036 -11.11 27.59 41.11
N ARG A 1037 -10.36 26.71 40.44
CA ARG A 1037 -9.38 27.17 39.46
C ARG A 1037 -10.07 27.84 38.27
N LEU A 1038 -11.13 27.23 37.75
CA LEU A 1038 -11.80 27.72 36.57
C LEU A 1038 -13.28 27.44 36.69
N VAL A 1039 -14.10 28.28 36.05
CA VAL A 1039 -15.55 28.20 36.17
C VAL A 1039 -16.22 28.21 34.80
N LEU A 1040 -16.78 27.06 34.42
CA LEU A 1040 -17.64 26.98 33.24
C LEU A 1040 -19.05 27.40 33.61
N LEU A 1041 -19.62 28.30 32.82
CA LEU A 1041 -20.90 28.91 33.15
C LEU A 1041 -21.67 29.23 31.88
N ASN A 1042 -22.99 29.10 31.96
CA ASN A 1042 -23.85 29.28 30.80
C ASN A 1042 -24.08 30.77 30.53
N MET A 1043 -23.68 31.21 29.34
CA MET A 1043 -23.91 32.60 28.95
C MET A 1043 -25.38 32.84 28.69
N PRO A 1044 -25.95 33.94 29.17
CA PRO A 1044 -27.37 34.22 28.90
C PRO A 1044 -27.59 34.59 27.43
N GLY A 1045 -28.85 34.86 27.11
CA GLY A 1045 -29.24 35.19 25.76
C GLY A 1045 -28.93 36.62 25.39
N PRO A 1046 -28.99 36.92 24.10
CA PRO A 1046 -28.74 38.29 23.63
C PRO A 1046 -29.87 39.21 24.02
N PRO A 1047 -29.66 40.53 23.95
CA PRO A 1047 -30.77 41.46 24.23
C PRO A 1047 -31.94 41.24 23.29
N ARG A 1048 -33.15 41.43 23.81
CA ARG A 1048 -34.35 41.16 23.04
C ARG A 1048 -34.47 42.08 21.83
N ASN A 1049 -34.16 43.36 21.99
CA ASN A 1049 -34.24 44.33 20.90
C ASN A 1049 -32.89 45.05 20.83
N SER A 1050 -32.82 46.06 19.96
CA SER A 1050 -31.57 46.81 19.81
C SER A 1050 -31.29 47.66 21.04
N GLU A 1051 -32.32 48.28 21.61
CA GLU A 1051 -32.15 49.18 22.75
C GLU A 1051 -31.79 48.45 24.04
N GLY A 1052 -31.92 47.13 24.08
CA GLY A 1052 -31.62 46.37 25.29
C GLY A 1052 -30.17 46.01 25.47
N ASP A 1053 -29.28 46.51 24.61
CA ASP A 1053 -27.87 46.15 24.70
C ASP A 1053 -27.23 46.74 25.97
N GLU A 1054 -27.46 48.04 26.23
CA GLU A 1054 -26.73 48.74 27.27
C GLU A 1054 -26.89 48.05 28.63
N ASN A 1055 -28.12 48.01 29.14
CA ASN A 1055 -28.36 47.35 30.43
C ASN A 1055 -27.91 45.89 30.39
N TYR A 1056 -27.91 45.27 29.21
CA TYR A 1056 -27.31 43.96 29.05
C TYR A 1056 -25.91 43.93 29.65
N MET A 1057 -25.00 44.74 29.09
CA MET A 1057 -23.64 44.80 29.60
C MET A 1057 -23.60 45.24 31.05
N GLU A 1058 -24.70 45.82 31.55
CA GLU A 1058 -24.77 46.21 32.94
C GLU A 1058 -24.69 45.01 33.87
N PHE A 1059 -25.36 43.90 33.57
CA PHE A 1059 -25.51 42.87 34.59
C PHE A 1059 -24.69 41.62 34.36
N LEU A 1060 -24.39 41.24 33.11
CA LEU A 1060 -23.55 40.06 32.91
C LEU A 1060 -22.25 40.17 33.69
N GLU A 1061 -21.65 41.35 33.71
CA GLU A 1061 -20.42 41.54 34.49
C GLU A 1061 -20.65 41.42 35.99
N VAL A 1062 -21.77 41.93 36.53
CA VAL A 1062 -22.03 41.67 37.94
C VAL A 1062 -22.45 40.21 38.11
N LEU A 1063 -22.82 39.55 37.02
CA LEU A 1063 -23.02 38.10 37.08
C LEU A 1063 -21.69 37.39 37.30
N THR A 1064 -20.60 37.98 36.86
CA THR A 1064 -19.26 37.44 37.05
C THR A 1064 -18.40 38.30 37.97
N GLU A 1065 -19.00 39.26 38.66
CA GLU A 1065 -18.24 40.13 39.55
C GLU A 1065 -17.67 39.33 40.71
N GLY A 1066 -16.41 39.61 41.05
CA GLY A 1066 -15.72 38.94 42.14
C GLY A 1066 -14.94 37.71 41.71
N LEU A 1067 -15.43 36.99 40.71
CA LEU A 1067 -14.78 35.78 40.25
C LEU A 1067 -13.43 36.11 39.61
N GLU A 1068 -12.49 35.17 39.73
CA GLU A 1068 -11.18 35.34 39.10
C GLU A 1068 -11.22 34.94 37.64
N ARG A 1069 -11.55 33.69 37.34
CA ARG A 1069 -11.59 33.17 35.98
C ARG A 1069 -12.97 32.59 35.72
N VAL A 1070 -13.62 33.06 34.65
CA VAL A 1070 -14.89 32.49 34.19
C VAL A 1070 -14.81 32.33 32.68
N LEU A 1071 -15.51 31.32 32.17
CA LEU A 1071 -15.49 31.01 30.74
C LEU A 1071 -16.94 30.85 30.28
N LEU A 1072 -17.57 31.95 29.89
CA LEU A 1072 -18.99 31.93 29.52
C LEU A 1072 -19.19 31.20 28.20
N VAL A 1073 -20.22 30.35 28.17
CA VAL A 1073 -20.45 29.45 27.04
C VAL A 1073 -21.92 29.57 26.61
N ARG A 1074 -22.14 29.56 25.30
CA ARG A 1074 -23.49 29.40 24.76
C ARG A 1074 -23.42 28.51 23.52
N GLY A 1075 -24.43 27.65 23.36
CA GLY A 1075 -24.48 26.77 22.21
C GLY A 1075 -25.13 27.38 20.99
N GLY A 1076 -26.40 27.78 21.13
CA GLY A 1076 -27.12 28.40 20.03
C GLY A 1076 -27.27 27.55 18.79
N GLY A 1077 -27.16 26.24 18.93
CA GLY A 1077 -27.25 25.35 17.79
C GLY A 1077 -27.88 24.02 18.18
N ARG A 1078 -27.52 22.97 17.46
CA ARG A 1078 -28.04 21.63 17.70
C ARG A 1078 -27.06 20.79 18.51
N GLU A 1079 -25.87 20.56 17.96
CA GLU A 1079 -24.70 20.01 18.66
C GLU A 1079 -25.07 18.88 19.64
N VAL A 1080 -25.65 17.82 19.10
CA VAL A 1080 -25.93 16.64 19.89
C VAL A 1080 -24.64 15.84 20.08
N ILE A 1081 -24.54 15.13 21.20
CA ILE A 1081 -23.35 14.40 21.57
C ILE A 1081 -23.72 12.97 21.95
N THR A 1082 -22.92 12.01 21.50
CA THR A 1082 -23.10 10.60 21.83
C THR A 1082 -21.92 10.00 22.57
N ILE A 1083 -20.70 10.28 22.13
CA ILE A 1083 -19.47 9.82 22.79
C ILE A 1083 -18.67 11.05 23.19
N TYR A 1084 -18.18 11.07 24.42
CA TYR A 1084 -18.29 9.93 25.34
C TYR A 1084 -19.57 9.88 26.19
N SER A 1085 -20.00 10.96 26.86
CA SER A 1085 -19.34 12.27 26.89
C SER A 1085 -18.55 12.46 28.17
N PRO B 116 19.63 14.64 35.48
CA PRO B 116 20.23 14.23 34.20
C PRO B 116 21.76 14.14 34.29
N SER B 117 22.26 12.96 34.68
CA SER B 117 23.70 12.75 34.82
C SER B 117 24.00 11.30 34.49
N MET B 118 24.46 11.05 33.26
CA MET B 118 24.84 9.71 32.83
C MET B 118 25.86 9.84 31.72
N GLY B 119 26.83 8.92 31.71
CA GLY B 119 27.85 8.93 30.69
C GLY B 119 27.38 8.33 29.38
N THR B 120 28.28 8.24 28.40
CA THR B 120 27.94 7.64 27.11
C THR B 120 28.32 6.18 27.01
N LEU B 121 29.38 5.74 27.68
CA LEU B 121 29.71 4.32 27.70
C LEU B 121 28.76 3.55 28.61
N MET B 122 28.46 4.11 29.79
CA MET B 122 27.58 3.45 30.74
C MET B 122 26.11 3.64 30.40
N GLY B 123 25.78 4.62 29.56
CA GLY B 123 24.40 4.92 29.26
C GLY B 123 23.84 4.16 28.08
N VAL B 124 24.57 4.14 26.97
CA VAL B 124 24.07 3.53 25.74
C VAL B 124 24.98 2.45 25.19
N TYR B 125 26.28 2.46 25.45
CA TYR B 125 27.17 1.48 24.85
C TYR B 125 26.99 0.11 25.49
N LEU B 126 27.21 0.03 26.80
CA LEU B 126 27.15 -1.24 27.53
C LEU B 126 25.76 -1.89 27.47
N PRO B 127 24.65 -1.15 27.68
CA PRO B 127 23.34 -1.81 27.55
C PRO B 127 23.09 -2.37 26.16
N CYS B 128 23.44 -1.62 25.12
CA CYS B 128 23.25 -2.11 23.75
C CYS B 128 24.11 -3.33 23.49
N LEU B 129 25.36 -3.31 23.96
CA LEU B 129 26.24 -4.46 23.79
C LEU B 129 25.71 -5.68 24.51
N GLN B 130 25.19 -5.50 25.73
CA GLN B 130 24.64 -6.62 26.48
C GLN B 130 23.40 -7.19 25.81
N ASN B 131 22.55 -6.33 25.26
CA ASN B 131 21.32 -6.81 24.62
C ASN B 131 21.58 -7.47 23.28
N ILE B 132 22.49 -6.92 22.48
CA ILE B 132 22.68 -7.43 21.12
C ILE B 132 23.27 -8.83 21.13
N PHE B 133 24.20 -9.11 22.04
CA PHE B 133 24.74 -10.46 22.16
C PHE B 133 23.67 -11.40 22.70
N GLY B 134 23.65 -12.61 22.16
CA GLY B 134 22.61 -13.56 22.52
C GLY B 134 23.09 -14.99 22.64
N VAL B 135 22.19 -15.94 22.34
CA VAL B 135 22.49 -17.35 22.49
C VAL B 135 22.86 -18.02 21.17
N ILE B 136 22.51 -17.42 20.03
CA ILE B 136 22.85 -18.01 18.74
C ILE B 136 24.37 -18.09 18.59
N LEU B 137 25.09 -17.09 19.09
CA LEU B 137 26.55 -17.11 19.03
C LEU B 137 27.13 -18.33 19.72
N PHE B 138 26.54 -18.75 20.84
CA PHE B 138 27.10 -19.84 21.63
C PHE B 138 26.46 -21.20 21.31
N LEU B 139 25.44 -21.24 20.46
CA LEU B 139 24.75 -22.49 20.16
C LEU B 139 24.79 -22.85 18.69
N ARG B 140 24.48 -21.92 17.79
CA ARG B 140 24.25 -22.24 16.39
C ARG B 140 24.97 -21.25 15.48
N LEU B 141 26.25 -21.01 15.76
CA LEU B 141 27.12 -20.26 14.85
C LEU B 141 28.18 -21.14 14.22
N THR B 142 28.79 -22.04 14.99
CA THR B 142 29.71 -23.01 14.39
C THR B 142 28.99 -23.89 13.39
N TRP B 143 27.73 -24.24 13.67
CA TRP B 143 26.92 -24.95 12.70
C TRP B 143 26.75 -24.13 11.43
N MET B 144 26.52 -22.83 11.57
CA MET B 144 26.39 -21.94 10.42
C MET B 144 27.65 -21.94 9.56
N VAL B 145 28.81 -21.81 10.21
CA VAL B 145 30.07 -21.82 9.46
C VAL B 145 30.33 -23.16 8.81
N GLY B 146 30.04 -24.25 9.49
CA GLY B 146 30.27 -25.58 8.95
C GLY B 146 29.39 -25.94 7.77
N THR B 147 28.10 -25.59 7.83
CA THR B 147 27.17 -26.09 6.81
C THR B 147 27.07 -25.19 5.59
N ALA B 148 27.68 -24.01 5.59
CA ALA B 148 27.56 -23.08 4.48
C ALA B 148 28.89 -22.55 3.96
N GLY B 149 29.99 -22.77 4.69
CA GLY B 149 31.28 -22.30 4.25
C GLY B 149 31.55 -20.86 4.68
N VAL B 150 32.85 -20.54 4.70
CA VAL B 150 33.30 -19.25 5.21
C VAL B 150 32.77 -18.12 4.35
N LEU B 151 32.83 -18.27 3.03
CA LEU B 151 32.44 -17.17 2.14
C LEU B 151 30.95 -16.85 2.28
N GLN B 152 30.10 -17.87 2.26
CA GLN B 152 28.67 -17.62 2.40
C GLN B 152 28.32 -17.13 3.81
N ALA B 153 29.04 -17.61 4.83
CA ALA B 153 28.81 -17.11 6.17
C ALA B 153 29.12 -15.61 6.24
N LEU B 154 30.25 -15.21 5.67
CA LEU B 154 30.60 -13.78 5.63
C LEU B 154 29.56 -12.99 4.85
N LEU B 155 29.07 -13.54 3.75
CA LEU B 155 28.05 -12.83 2.97
C LEU B 155 26.79 -12.60 3.79
N ILE B 156 26.33 -13.64 4.51
CA ILE B 156 25.11 -13.50 5.31
C ILE B 156 25.31 -12.48 6.41
N VAL B 157 26.45 -12.56 7.11
CA VAL B 157 26.73 -11.62 8.19
C VAL B 157 26.78 -10.20 7.64
N LEU B 158 27.38 -10.04 6.45
CA LEU B 158 27.46 -8.72 5.83
C LEU B 158 26.08 -8.17 5.51
N ILE B 159 25.19 -9.02 4.99
CA ILE B 159 23.85 -8.55 4.63
C ILE B 159 23.09 -8.11 5.88
N CYS B 160 23.12 -8.95 6.91
CA CYS B 160 22.41 -8.61 8.15
C CYS B 160 22.99 -7.35 8.78
N CYS B 161 24.32 -7.23 8.81
CA CYS B 161 24.95 -6.04 9.35
C CYS B 161 24.60 -4.80 8.54
N CYS B 162 24.45 -4.94 7.22
CA CYS B 162 24.08 -3.80 6.40
C CYS B 162 22.68 -3.30 6.73
N CYS B 163 21.70 -4.21 6.80
CA CYS B 163 20.35 -3.75 7.13
C CYS B 163 20.33 -3.15 8.54
N THR B 164 21.01 -3.77 9.49
CA THR B 164 21.02 -3.23 10.86
C THR B 164 21.68 -1.86 10.90
N LEU B 165 22.77 -1.67 10.16
CA LEU B 165 23.48 -0.40 10.18
C LEU B 165 22.65 0.70 9.52
N LEU B 166 21.96 0.40 8.43
CA LEU B 166 21.10 1.39 7.80
C LEU B 166 19.92 1.74 8.71
N THR B 167 19.34 0.74 9.39
CA THR B 167 18.32 1.02 10.37
C THR B 167 18.85 1.87 11.51
N ALA B 168 20.10 1.64 11.90
CA ALA B 168 20.72 2.47 12.93
C ALA B 168 20.90 3.91 12.45
N ILE B 169 21.25 4.09 11.18
CA ILE B 169 21.36 5.44 10.63
C ILE B 169 20.00 6.13 10.69
N SER B 170 18.94 5.42 10.32
CA SER B 170 17.59 5.99 10.39
C SER B 170 17.22 6.33 11.83
N MET B 171 17.53 5.42 12.76
CA MET B 171 17.22 5.67 14.17
C MET B 171 17.99 6.87 14.70
N SER B 172 19.25 7.03 14.28
CA SER B 172 20.03 8.19 14.66
C SER B 172 19.44 9.48 14.10
N ALA B 173 18.96 9.44 12.85
CA ALA B 173 18.29 10.60 12.29
C ALA B 173 17.05 10.96 13.09
N ILE B 174 16.29 9.96 13.52
CA ILE B 174 15.14 10.21 14.37
C ILE B 174 15.57 10.82 15.70
N ALA B 175 16.61 10.26 16.31
CA ALA B 175 17.07 10.72 17.62
C ALA B 175 17.71 12.09 17.57
N THR B 176 18.11 12.56 16.38
CA THR B 176 18.66 13.90 16.26
C THR B 176 17.57 14.95 16.15
N ASN B 177 16.41 14.60 15.60
CA ASN B 177 15.31 15.53 15.48
C ASN B 177 14.67 15.79 16.84
N GLY B 178 14.04 16.96 16.95
CA GLY B 178 13.25 17.27 18.14
C GLY B 178 14.11 17.48 19.37
N VAL B 179 13.55 17.15 20.52
CA VAL B 179 14.18 17.42 21.81
C VAL B 179 14.38 16.11 22.57
N VAL B 180 14.20 14.98 21.87
CA VAL B 180 14.39 13.65 22.44
C VAL B 180 13.53 13.51 23.68
N PRO B 181 12.22 13.34 23.55
CA PRO B 181 11.36 13.22 24.73
C PRO B 181 11.77 12.04 25.60
N ALA B 182 11.69 12.25 26.91
CA ALA B 182 12.17 11.26 27.86
C ALA B 182 11.25 10.05 27.93
N GLY B 183 11.83 8.90 28.26
CA GLY B 183 11.06 7.69 28.48
C GLY B 183 11.10 6.70 27.34
N GLY B 184 11.92 5.66 27.48
CA GLY B 184 11.95 4.55 26.55
C GLY B 184 12.34 4.93 25.14
N SER B 185 12.01 4.02 24.22
CA SER B 185 12.22 4.22 22.80
C SER B 185 10.95 4.31 21.98
N TYR B 186 9.84 3.74 22.47
CA TYR B 186 8.57 3.87 21.77
C TYR B 186 8.11 5.32 21.72
N PHE B 187 8.30 6.06 22.82
CA PHE B 187 7.87 7.45 22.87
C PHE B 187 8.59 8.30 21.84
N MET B 188 9.90 8.07 21.66
CA MET B 188 10.65 8.83 20.67
C MET B 188 10.08 8.64 19.28
N ILE B 189 9.86 7.38 18.88
CA ILE B 189 9.32 7.09 17.55
C ILE B 189 7.92 7.68 17.40
N SER B 190 7.09 7.53 18.44
CA SER B 190 5.72 8.05 18.36
C SER B 190 5.71 9.56 18.20
N ARG B 191 6.55 10.27 18.96
CA ARG B 191 6.59 11.72 18.85
C ARG B 191 7.16 12.17 17.52
N SER B 192 8.15 11.45 16.98
CA SER B 192 8.79 11.86 15.75
C SER B 192 8.01 11.49 14.49
N LEU B 193 7.14 10.47 14.56
CA LEU B 193 6.48 9.96 13.36
C LEU B 193 4.96 9.91 13.49
N GLY B 194 4.39 10.65 14.45
CA GLY B 194 2.96 10.72 14.58
C GLY B 194 2.37 9.58 15.38
N PRO B 195 1.10 9.71 15.77
CA PRO B 195 0.44 8.61 16.51
C PRO B 195 0.43 7.30 15.75
N GLU B 196 0.20 7.34 14.44
CA GLU B 196 0.37 6.17 13.61
C GLU B 196 1.86 5.98 13.31
N PHE B 197 2.20 4.79 12.83
CA PHE B 197 3.56 4.27 12.69
C PHE B 197 4.22 4.03 14.03
N GLY B 198 3.56 4.32 15.14
CA GLY B 198 4.09 4.04 16.46
C GLY B 198 3.40 2.85 17.10
N GLY B 199 2.08 2.76 16.92
CA GLY B 199 1.36 1.60 17.42
C GLY B 199 1.74 0.32 16.70
N ALA B 200 1.90 0.39 15.37
CA ALA B 200 2.28 -0.79 14.61
C ALA B 200 3.67 -1.28 15.01
N VAL B 201 4.64 -0.37 15.02
CA VAL B 201 5.99 -0.77 15.43
C VAL B 201 6.01 -1.17 16.90
N GLY B 202 5.19 -0.54 17.74
CA GLY B 202 5.15 -0.92 19.13
C GLY B 202 4.66 -2.34 19.32
N LEU B 203 3.57 -2.71 18.64
CA LEU B 203 3.06 -4.07 18.72
C LEU B 203 4.04 -5.07 18.10
N CYS B 204 4.69 -4.71 16.99
CA CYS B 204 5.67 -5.62 16.41
C CYS B 204 6.83 -5.86 17.36
N PHE B 205 7.33 -4.80 18.00
CA PHE B 205 8.41 -4.95 18.97
C PHE B 205 7.95 -5.77 20.17
N TYR B 206 6.71 -5.56 20.62
CA TYR B 206 6.20 -6.33 21.75
C TYR B 206 6.14 -7.82 21.42
N LEU B 207 5.63 -8.17 20.24
CA LEU B 207 5.56 -9.57 19.85
C LEU B 207 6.95 -10.16 19.68
N GLY B 208 7.88 -9.39 19.10
CA GLY B 208 9.24 -9.86 18.97
C GLY B 208 9.88 -10.14 20.32
N THR B 209 9.67 -9.25 21.29
CA THR B 209 10.25 -9.45 22.61
C THR B 209 9.62 -10.65 23.33
N THR B 210 8.30 -10.79 23.23
CA THR B 210 7.64 -11.88 23.91
C THR B 210 7.90 -13.24 23.27
N PHE B 211 8.31 -13.27 21.99
CA PHE B 211 8.81 -14.52 21.42
C PHE B 211 10.30 -14.72 21.67
N ALA B 212 11.06 -13.63 21.83
CA ALA B 212 12.46 -13.75 22.21
C ALA B 212 12.59 -14.36 23.60
N ALA B 213 11.67 -14.01 24.51
CA ALA B 213 11.66 -14.66 25.81
C ALA B 213 11.49 -16.16 25.68
N ALA B 214 10.55 -16.59 24.84
CA ALA B 214 10.32 -18.02 24.65
C ALA B 214 11.53 -18.71 24.03
N MET B 215 12.15 -18.06 23.04
CA MET B 215 13.34 -18.63 22.42
C MET B 215 14.47 -18.78 23.44
N TYR B 216 14.64 -17.77 24.29
CA TYR B 216 15.66 -17.82 25.33
C TYR B 216 15.39 -18.96 26.31
N ILE B 217 14.12 -19.13 26.69
CA ILE B 217 13.78 -20.25 27.58
C ILE B 217 14.10 -21.58 26.91
N LEU B 218 13.77 -21.71 25.62
CA LEU B 218 14.05 -22.96 24.92
C LEU B 218 15.54 -23.23 24.84
N GLY B 219 16.33 -22.19 24.57
CA GLY B 219 17.78 -22.36 24.53
C GLY B 219 18.36 -22.77 25.86
N ALA B 220 17.87 -22.16 26.94
CA ALA B 220 18.31 -22.57 28.28
C ALA B 220 17.93 -24.00 28.57
N ILE B 221 16.74 -24.42 28.14
CA ILE B 221 16.29 -25.80 28.34
C ILE B 221 17.22 -26.76 27.61
N GLU B 222 17.56 -26.44 26.36
CA GLU B 222 18.45 -27.30 25.60
C GLU B 222 19.82 -27.39 26.25
N ILE B 223 20.35 -26.24 26.70
CA ILE B 223 21.67 -26.25 27.35
C ILE B 223 21.65 -27.11 28.61
N LEU B 224 20.58 -26.97 29.41
CA LEU B 224 20.47 -27.78 30.62
C LEU B 224 20.34 -29.26 30.30
N LEU B 225 19.58 -29.60 29.25
CA LEU B 225 19.22 -30.97 28.95
C LEU B 225 20.31 -31.77 28.27
N THR B 226 20.93 -31.24 27.22
CA THR B 226 21.85 -32.05 26.42
C THR B 226 23.31 -31.88 26.81
N TYR B 227 23.64 -30.95 27.70
CA TYR B 227 25.03 -30.68 28.05
C TYR B 227 25.35 -30.89 29.51
N ILE B 228 24.53 -30.38 30.42
CA ILE B 228 24.87 -30.37 31.84
C ILE B 228 24.41 -31.64 32.55
N ALA B 229 23.11 -31.89 32.58
CA ALA B 229 22.56 -33.03 33.31
C ALA B 229 21.62 -33.82 32.42
N PRO B 230 22.15 -34.75 31.62
CA PRO B 230 21.31 -35.60 30.78
C PRO B 230 20.28 -36.40 31.56
N PRO B 231 20.61 -36.93 32.76
CA PRO B 231 19.59 -37.68 33.49
C PRO B 231 18.38 -36.86 33.91
N ALA B 232 18.49 -35.53 33.95
CA ALA B 232 17.38 -34.68 34.37
C ALA B 232 16.34 -34.60 33.26
N ALA B 233 15.65 -35.72 33.06
CA ALA B 233 14.63 -35.84 32.03
C ALA B 233 13.38 -36.48 32.63
N ILE B 234 12.23 -36.11 32.09
CA ILE B 234 10.95 -36.62 32.58
C ILE B 234 10.50 -37.79 31.71
N PHE B 235 10.29 -37.52 30.42
CA PHE B 235 9.82 -38.53 29.47
C PHE B 235 10.99 -38.94 28.58
N TYR B 236 11.59 -40.09 28.91
CA TYR B 236 12.74 -40.56 28.16
C TYR B 236 12.32 -40.99 26.75
N PRO B 237 13.19 -40.80 25.76
CA PRO B 237 12.89 -41.27 24.40
C PRO B 237 13.38 -42.70 24.16
N SER B 238 12.83 -43.63 24.93
CA SER B 238 13.25 -45.02 24.85
C SER B 238 12.99 -45.60 23.47
N GLY B 239 13.98 -46.29 22.91
CA GLY B 239 13.85 -46.89 21.60
C GLY B 239 14.01 -45.90 20.47
N ALA B 240 14.45 -46.40 19.30
CA ALA B 240 14.58 -45.54 18.14
C ALA B 240 13.23 -45.06 17.63
N HIS B 241 12.15 -45.77 17.93
CA HIS B 241 10.83 -45.35 17.50
C HIS B 241 10.39 -44.11 18.26
N ASP B 242 9.78 -43.17 17.55
CA ASP B 242 9.18 -41.97 18.13
C ASP B 242 10.20 -41.21 18.99
N THR B 243 11.43 -41.15 18.46
CA THR B 243 12.52 -40.55 19.22
C THR B 243 12.34 -39.05 19.37
N SER B 244 12.04 -38.35 18.28
CA SER B 244 12.00 -36.89 18.32
C SER B 244 10.59 -36.36 18.62
N ASN B 245 9.96 -36.93 19.63
CA ASN B 245 8.77 -36.33 20.23
C ASN B 245 8.83 -36.31 21.75
N ALA B 246 9.49 -37.30 22.36
CA ALA B 246 9.71 -37.24 23.80
C ALA B 246 10.60 -36.08 24.19
N THR B 247 11.62 -35.79 23.36
CA THR B 247 12.44 -34.61 23.61
C THR B 247 11.61 -33.33 23.52
N LEU B 248 10.70 -33.25 22.56
CA LEU B 248 9.85 -32.07 22.45
C LEU B 248 8.93 -31.94 23.66
N ASN B 249 8.41 -33.07 24.15
CA ASN B 249 7.55 -33.04 25.33
C ASN B 249 8.33 -32.59 26.55
N ASN B 250 9.58 -33.04 26.69
CA ASN B 250 10.44 -32.56 27.77
C ASN B 250 10.68 -31.06 27.64
N MET B 251 10.91 -30.58 26.42
CA MET B 251 11.07 -29.15 26.20
C MET B 251 9.83 -28.38 26.66
N ARG B 252 8.64 -28.87 26.28
CA ARG B 252 7.41 -28.18 26.67
C ARG B 252 7.23 -28.15 28.18
N VAL B 253 7.47 -29.29 28.84
CA VAL B 253 7.28 -29.37 30.29
C VAL B 253 8.24 -28.43 31.01
N TYR B 254 9.52 -28.50 30.67
CA TYR B 254 10.49 -27.63 31.33
C TYR B 254 10.25 -26.17 30.96
N GLY B 255 9.84 -25.90 29.73
CA GLY B 255 9.54 -24.54 29.34
C GLY B 255 8.41 -23.94 30.17
N THR B 256 7.32 -24.68 30.34
CA THR B 256 6.20 -24.13 31.10
C THR B 256 6.55 -23.98 32.58
N ILE B 257 7.28 -24.95 33.14
CA ILE B 257 7.59 -24.85 34.57
C ILE B 257 8.54 -23.67 34.82
N PHE B 258 9.55 -23.49 33.97
CA PHE B 258 10.44 -22.34 34.16
C PHE B 258 9.76 -21.04 33.79
N LEU B 259 8.79 -21.09 32.87
CA LEU B 259 8.03 -19.88 32.56
C LEU B 259 7.27 -19.38 33.77
N THR B 260 6.53 -20.28 34.44
CA THR B 260 5.78 -19.86 35.61
C THR B 260 6.72 -19.46 36.76
N PHE B 261 7.83 -20.20 36.92
CA PHE B 261 8.77 -19.87 37.99
C PHE B 261 9.38 -18.49 37.77
N MET B 262 9.80 -18.20 36.55
CA MET B 262 10.40 -16.90 36.23
C MET B 262 9.38 -15.78 36.24
N THR B 263 8.13 -16.04 35.87
CA THR B 263 7.09 -15.02 36.04
C THR B 263 6.90 -14.66 37.50
N LEU B 264 6.90 -15.66 38.38
CA LEU B 264 6.83 -15.37 39.81
C LEU B 264 8.07 -14.63 40.28
N VAL B 265 9.24 -14.98 39.76
CA VAL B 265 10.48 -14.31 40.17
C VAL B 265 10.44 -12.84 39.78
N VAL B 266 10.03 -12.55 38.55
CA VAL B 266 9.94 -11.16 38.10
C VAL B 266 8.71 -10.45 38.65
N PHE B 267 7.82 -11.17 39.32
CA PHE B 267 6.62 -10.56 39.90
C PHE B 267 6.96 -9.83 41.19
N VAL B 268 7.46 -10.56 42.19
CA VAL B 268 7.68 -10.01 43.52
C VAL B 268 8.85 -9.02 43.54
N GLY B 269 9.98 -9.39 42.92
CA GLY B 269 11.16 -8.56 42.97
C GLY B 269 11.83 -8.35 41.63
N VAL B 270 12.43 -7.17 41.43
CA VAL B 270 13.08 -6.86 40.16
C VAL B 270 14.50 -6.30 40.33
N LYS B 271 14.82 -5.71 41.49
CA LYS B 271 16.11 -5.04 41.65
C LYS B 271 17.26 -6.04 41.53
N TYR B 272 17.09 -7.22 42.14
CA TYR B 272 18.10 -8.26 42.02
C TYR B 272 18.34 -8.60 40.56
N VAL B 273 17.27 -8.69 39.78
CA VAL B 273 17.37 -8.94 38.34
C VAL B 273 18.15 -7.81 37.68
N ASN B 274 17.94 -6.57 38.16
CA ASN B 274 18.64 -5.42 37.59
C ASN B 274 20.14 -5.53 37.75
N LYS B 275 20.62 -5.91 38.95
CA LYS B 275 22.07 -6.07 39.09
C LYS B 275 22.57 -7.34 38.41
N PHE B 276 21.73 -8.36 38.34
CA PHE B 276 22.11 -9.57 37.62
C PHE B 276 22.37 -9.26 36.15
N ALA B 277 21.82 -8.16 35.63
CA ALA B 277 22.07 -7.79 34.24
C ALA B 277 23.55 -7.50 34.01
N SER B 278 24.15 -6.67 34.86
CA SER B 278 25.58 -6.43 34.77
C SER B 278 26.36 -7.71 35.03
N LEU B 279 25.86 -8.54 35.96
CA LEU B 279 26.50 -9.85 36.17
C LEU B 279 26.58 -10.65 34.88
N PHE B 280 25.46 -10.72 34.15
CA PHE B 280 25.42 -11.52 32.93
C PHE B 280 26.26 -10.90 31.82
N LEU B 281 26.31 -9.57 31.76
CA LEU B 281 27.19 -8.93 30.78
C LEU B 281 28.65 -9.31 31.06
N ALA B 282 29.06 -9.31 32.32
CA ALA B 282 30.40 -9.75 32.67
C ALA B 282 30.62 -11.21 32.27
N CYS B 283 29.60 -12.04 32.47
CA CYS B 283 29.71 -13.45 32.09
C CYS B 283 29.94 -13.61 30.59
N VAL B 284 29.18 -12.86 29.78
CA VAL B 284 29.35 -12.95 28.33
C VAL B 284 30.73 -12.47 27.93
N ILE B 285 31.20 -11.37 28.54
CA ILE B 285 32.52 -10.85 28.19
C ILE B 285 33.61 -11.86 28.50
N ILE B 286 33.54 -12.49 29.68
CA ILE B 286 34.57 -13.46 30.05
C ILE B 286 34.49 -14.69 29.15
N SER B 287 33.28 -15.07 28.73
CA SER B 287 33.13 -16.19 27.81
C SER B 287 33.82 -15.91 26.48
N ILE B 288 33.60 -14.72 25.93
CA ILE B 288 34.20 -14.34 24.66
C ILE B 288 35.72 -14.31 24.80
N LEU B 289 36.18 -13.74 25.91
CA LEU B 289 37.63 -13.65 26.15
C LEU B 289 38.26 -15.04 26.22
N SER B 290 37.58 -15.97 26.88
CA SER B 290 38.07 -17.34 26.99
C SER B 290 38.13 -18.01 25.62
N ILE B 291 37.08 -17.80 24.81
CA ILE B 291 37.07 -18.38 23.46
C ILE B 291 38.27 -17.87 22.67
N TYR B 292 38.52 -16.56 22.73
CA TYR B 292 39.60 -16.01 21.91
C TYR B 292 40.97 -16.41 22.45
N ALA B 293 41.11 -16.52 23.78
CA ALA B 293 42.36 -17.02 24.34
C ALA B 293 42.64 -18.44 23.88
N GLY B 294 41.62 -19.28 23.87
CA GLY B 294 41.80 -20.63 23.35
C GLY B 294 42.16 -20.63 21.87
N GLY B 295 41.52 -19.75 21.09
CA GLY B 295 41.87 -19.64 19.69
C GLY B 295 43.33 -19.26 19.48
N ILE B 296 43.82 -18.32 20.29
CA ILE B 296 45.23 -17.94 20.21
C ILE B 296 46.12 -19.12 20.60
N LYS B 297 45.76 -19.85 21.66
CA LYS B 297 46.55 -20.99 22.08
C LYS B 297 46.58 -22.07 21.01
N SER B 298 45.53 -22.15 20.20
CA SER B 298 45.48 -23.17 19.15
C SER B 298 46.61 -23.04 18.13
N ILE B 299 47.25 -21.87 18.06
CA ILE B 299 48.39 -21.70 17.15
C ILE B 299 49.53 -22.64 17.53
N PHE B 300 49.88 -22.66 18.82
CA PHE B 300 51.05 -23.42 19.24
C PHE B 300 50.73 -24.90 19.44
N ASP B 301 49.86 -25.22 20.39
CA ASP B 301 49.52 -26.60 20.71
C ASP B 301 48.01 -26.72 20.89
N PRO B 302 47.34 -27.59 20.13
CA PRO B 302 45.90 -27.70 20.23
C PRO B 302 45.50 -28.69 21.31
N PRO B 303 44.27 -28.62 21.81
CA PRO B 303 43.76 -29.65 22.71
C PRO B 303 43.47 -30.93 21.94
N VAL B 304 43.49 -32.05 22.66
CA VAL B 304 43.31 -33.38 22.09
C VAL B 304 41.85 -33.78 22.28
N PHE B 305 41.06 -33.70 21.20
CA PHE B 305 39.67 -34.12 21.18
C PHE B 305 39.44 -35.00 19.97
N PRO B 306 39.84 -36.27 20.02
CA PRO B 306 39.74 -37.12 18.83
C PRO B 306 38.30 -37.40 18.44
N VAL B 307 38.09 -37.57 17.14
CA VAL B 307 36.79 -37.94 16.59
C VAL B 307 36.95 -39.25 15.82
N CYS B 308 35.98 -40.14 15.99
CA CYS B 308 36.01 -41.45 15.38
C CYS B 308 35.45 -41.38 13.95
N MET B 309 36.15 -42.03 13.02
CA MET B 309 35.80 -41.96 11.61
C MET B 309 35.67 -43.38 11.07
N LEU B 310 34.55 -43.65 10.39
CA LEU B 310 34.30 -44.93 9.74
C LEU B 310 34.12 -44.70 8.25
N GLY B 311 35.11 -45.12 7.46
CA GLY B 311 35.05 -44.91 6.03
C GLY B 311 34.99 -43.45 5.68
N ASN B 312 33.84 -42.99 5.20
CA ASN B 312 33.67 -41.56 4.93
C ASN B 312 32.77 -40.89 5.95
N ARG B 313 31.93 -41.66 6.64
CA ARG B 313 30.98 -41.11 7.60
C ARG B 313 31.54 -41.19 9.02
N THR B 314 30.90 -40.44 9.92
CA THR B 314 31.41 -40.23 11.27
C THR B 314 30.48 -40.90 12.28
N LEU B 315 31.06 -41.61 13.24
CA LEU B 315 30.30 -42.33 14.24
C LEU B 315 29.92 -41.38 15.39
N SER B 316 29.41 -41.94 16.48
CA SER B 316 29.09 -41.20 17.69
C SER B 316 29.77 -41.85 18.86
N ARG B 317 30.57 -41.08 19.60
CA ARG B 317 31.42 -41.61 20.67
C ARG B 317 30.72 -41.67 22.01
N ASP B 318 29.48 -41.18 22.11
CA ASP B 318 28.80 -41.14 23.41
C ASP B 318 28.48 -42.53 23.96
N GLN B 319 28.29 -43.52 23.09
CA GLN B 319 27.82 -44.84 23.49
C GLN B 319 28.94 -45.85 23.65
N PHE B 320 29.76 -46.06 22.62
CA PHE B 320 30.90 -46.95 22.77
C PHE B 320 32.11 -46.17 23.26
N ASP B 321 33.22 -46.87 23.49
CA ASP B 321 34.38 -46.29 24.14
C ASP B 321 35.61 -46.17 23.24
N ILE B 322 36.02 -47.25 22.60
CA ILE B 322 37.27 -47.29 21.84
C ILE B 322 36.95 -47.26 20.35
N CYS B 323 37.67 -46.41 19.62
CA CYS B 323 37.49 -46.26 18.17
C CYS B 323 38.51 -47.13 17.46
N ALA B 324 38.18 -48.41 17.31
CA ALA B 324 39.05 -49.35 16.61
C ALA B 324 38.21 -50.52 16.13
N LYS B 325 38.80 -51.31 15.23
CA LYS B 325 38.12 -52.48 14.71
C LYS B 325 38.17 -53.63 15.71
N THR B 326 39.37 -54.07 16.07
CA THR B 326 39.57 -55.18 16.98
C THR B 326 40.61 -54.79 18.01
N ALA B 327 40.37 -55.14 19.27
CA ALA B 327 41.25 -54.75 20.37
C ALA B 327 42.09 -55.94 20.81
N VAL B 328 43.09 -55.65 21.63
CA VAL B 328 43.98 -56.66 22.20
C VAL B 328 43.77 -56.70 23.70
N VAL B 329 43.23 -57.81 24.19
CA VAL B 329 42.99 -58.02 25.62
C VAL B 329 43.37 -59.46 25.96
N ASP B 330 43.83 -59.67 27.20
CA ASP B 330 44.18 -60.99 27.71
C ASP B 330 45.20 -61.68 26.80
N ASN B 331 46.13 -60.89 26.27
CA ASN B 331 47.17 -61.38 25.36
C ASN B 331 46.55 -62.10 24.17
N GLU B 332 45.45 -61.54 23.65
CA GLU B 332 44.75 -62.14 22.52
C GLU B 332 43.99 -61.04 21.79
N THR B 333 43.55 -61.36 20.58
CA THR B 333 42.80 -60.43 19.75
C THR B 333 41.31 -60.72 19.91
N VAL B 334 40.55 -59.69 20.32
CA VAL B 334 39.15 -59.84 20.63
C VAL B 334 38.39 -58.67 20.01
N ALA B 335 37.21 -58.96 19.45
CA ALA B 335 36.39 -57.92 18.86
C ALA B 335 35.99 -56.88 19.90
N THR B 336 35.93 -55.63 19.48
CA THR B 336 35.64 -54.51 20.36
C THR B 336 34.14 -54.43 20.63
N GLN B 337 33.76 -53.49 21.49
CA GLN B 337 32.34 -53.22 21.70
C GLN B 337 31.69 -52.65 20.44
N LEU B 338 32.47 -51.98 19.60
CA LEU B 338 31.94 -51.48 18.33
C LEU B 338 31.51 -52.64 17.43
N TRP B 339 32.30 -53.71 17.41
CA TRP B 339 31.93 -54.90 16.65
C TRP B 339 30.54 -55.40 17.05
N SER B 340 30.30 -55.54 18.35
CA SER B 340 29.02 -56.06 18.82
C SER B 340 27.90 -55.06 18.56
N PHE B 341 28.15 -53.76 18.80
CA PHE B 341 27.11 -52.76 18.63
C PHE B 341 26.78 -52.48 17.18
N PHE B 342 27.66 -52.86 16.24
CA PHE B 342 27.43 -52.59 14.84
C PHE B 342 27.13 -53.83 14.01
N CYS B 343 27.41 -55.02 14.51
CA CYS B 343 27.12 -56.25 13.78
C CYS B 343 26.22 -57.23 14.52
N HIS B 344 25.90 -56.98 15.79
CA HIS B 344 24.99 -57.84 16.56
C HIS B 344 25.51 -59.27 16.61
N SER B 345 26.82 -59.41 16.70
CA SER B 345 27.47 -60.73 16.72
C SER B 345 28.72 -60.69 17.57
N PRO B 346 28.71 -61.30 18.76
CA PRO B 346 29.90 -61.26 19.61
C PRO B 346 31.03 -62.15 19.12
N ASN B 347 30.87 -62.74 17.94
CA ASN B 347 31.89 -63.59 17.33
C ASN B 347 32.44 -62.89 16.10
N LEU B 348 33.77 -62.79 16.03
CA LEU B 348 34.42 -62.12 14.90
C LEU B 348 34.31 -62.90 13.61
N THR B 349 33.90 -64.16 13.65
CA THR B 349 33.77 -64.98 12.45
C THR B 349 32.45 -64.76 11.72
N THR B 350 31.51 -64.04 12.32
CA THR B 350 30.21 -63.81 11.69
C THR B 350 30.31 -62.74 10.61
N ASP B 351 29.46 -62.87 9.59
CA ASP B 351 29.41 -61.92 8.48
C ASP B 351 27.97 -61.59 8.11
N SER B 352 27.11 -61.36 9.11
CA SER B 352 25.70 -61.08 8.89
C SER B 352 25.35 -59.60 8.99
N CYS B 353 26.34 -58.72 9.05
CA CYS B 353 26.11 -57.30 9.25
C CYS B 353 26.43 -56.51 7.98
N ASP B 354 26.42 -55.19 8.11
CA ASP B 354 26.50 -54.30 6.97
C ASP B 354 27.75 -54.59 6.14
N PRO B 355 27.62 -54.74 4.82
CA PRO B 355 28.81 -54.87 3.97
C PRO B 355 29.68 -53.63 3.98
N TYR B 356 29.10 -52.46 4.30
CA TYR B 356 29.89 -51.23 4.32
C TYR B 356 30.96 -51.27 5.40
N PHE B 357 30.63 -51.85 6.56
CA PHE B 357 31.60 -51.96 7.64
C PHE B 357 32.74 -52.89 7.28
N MET B 358 32.46 -53.92 6.50
CA MET B 358 33.49 -54.87 6.09
C MET B 358 34.32 -54.37 4.92
N LEU B 359 33.98 -53.23 4.32
CA LEU B 359 34.71 -52.71 3.18
C LEU B 359 35.38 -51.37 3.43
N ASN B 360 35.41 -50.90 4.67
CA ASN B 360 36.02 -49.62 5.00
C ASN B 360 36.92 -49.73 6.21
N ASN B 361 37.37 -48.59 6.74
CA ASN B 361 38.34 -48.56 7.83
C ASN B 361 37.84 -47.66 8.95
N VAL B 362 38.59 -47.64 10.05
CA VAL B 362 38.30 -46.80 11.20
C VAL B 362 39.55 -45.99 11.52
N THR B 363 39.38 -44.69 11.73
CA THR B 363 40.48 -43.78 12.04
C THR B 363 40.08 -42.85 13.17
N GLU B 364 41.09 -42.20 13.75
CA GLU B 364 40.91 -41.23 14.84
C GLU B 364 41.41 -39.88 14.34
N ILE B 365 40.49 -39.08 13.79
CA ILE B 365 40.87 -37.78 13.21
C ILE B 365 40.97 -36.75 14.33
N PRO B 366 42.01 -35.92 14.37
CA PRO B 366 42.09 -34.89 15.41
C PRO B 366 40.98 -33.86 15.25
N GLY B 367 40.18 -33.70 16.31
CA GLY B 367 39.07 -32.78 16.25
C GLY B 367 39.49 -31.32 16.21
N ILE B 368 40.68 -31.02 16.69
CA ILE B 368 41.24 -29.67 16.64
C ILE B 368 42.65 -29.77 16.08
N PRO B 369 42.83 -29.65 14.77
CA PRO B 369 44.18 -29.80 14.20
C PRO B 369 45.08 -28.60 14.39
N GLY B 370 44.52 -27.42 14.65
CA GLY B 370 45.28 -26.20 14.82
C GLY B 370 44.72 -25.11 13.94
N ALA B 371 45.48 -24.02 13.81
CA ALA B 371 45.10 -22.87 13.00
C ALA B 371 46.15 -22.68 11.92
N ALA B 372 45.95 -23.34 10.79
CA ALA B 372 46.87 -23.26 9.66
C ALA B 372 46.10 -22.91 8.40
N ALA B 373 46.83 -22.77 7.30
CA ALA B 373 46.22 -22.42 6.03
C ALA B 373 45.46 -23.59 5.41
N GLY B 374 46.05 -24.79 5.51
CA GLY B 374 45.42 -25.95 4.90
C GLY B 374 44.05 -26.26 5.45
N VAL B 375 43.90 -26.18 6.78
CA VAL B 375 42.61 -26.46 7.41
C VAL B 375 41.57 -25.43 6.96
N LEU B 376 41.97 -24.18 6.81
CA LEU B 376 41.05 -23.16 6.31
C LEU B 376 40.66 -23.43 4.86
N GLN B 377 41.62 -23.83 4.03
CA GLN B 377 41.31 -24.13 2.64
C GLN B 377 40.38 -25.33 2.52
N GLU B 378 40.50 -26.29 3.45
CA GLU B 378 39.73 -27.53 3.34
C GLU B 378 38.24 -27.28 3.43
N ASN B 379 37.81 -26.44 4.37
CA ASN B 379 36.39 -26.16 4.60
C ASN B 379 36.03 -24.74 4.18
N LEU B 380 36.61 -24.28 3.08
CA LEU B 380 36.36 -22.94 2.57
C LEU B 380 35.13 -22.86 1.67
N TRP B 381 34.57 -23.99 1.25
CA TRP B 381 33.50 -24.03 0.28
C TRP B 381 32.22 -24.54 0.91
N SER B 382 31.09 -24.12 0.33
CA SER B 382 29.78 -24.48 0.86
C SER B 382 29.51 -25.97 0.68
N ALA B 383 28.81 -26.54 1.66
CA ALA B 383 28.37 -27.95 1.59
C ALA B 383 27.06 -28.06 2.37
N TYR B 384 25.94 -27.95 1.66
CA TYR B 384 24.63 -28.08 2.29
C TYR B 384 24.30 -29.56 2.46
N LEU B 385 23.11 -29.85 2.97
CA LEU B 385 22.70 -31.22 3.24
C LEU B 385 21.18 -31.25 3.32
N GLU B 386 20.64 -32.47 3.20
CA GLU B 386 19.19 -32.69 3.27
C GLU B 386 18.86 -33.53 4.50
N LYS B 387 17.65 -33.34 5.00
CA LYS B 387 17.24 -34.02 6.22
C LYS B 387 17.34 -35.53 6.06
N GLY B 388 17.91 -36.19 7.07
CA GLY B 388 18.13 -37.62 7.03
C GLY B 388 19.48 -38.05 6.50
N ASP B 389 20.25 -37.14 5.92
CA ASP B 389 21.56 -37.49 5.40
C ASP B 389 22.59 -37.51 6.53
N ILE B 390 23.79 -38.02 6.19
CA ILE B 390 24.88 -38.18 7.13
C ILE B 390 25.98 -37.21 6.75
N VAL B 391 26.52 -36.49 7.75
CA VAL B 391 27.64 -35.61 7.49
C VAL B 391 28.84 -36.42 7.03
N GLU B 392 29.62 -35.87 6.11
CA GLU B 392 30.65 -36.62 5.43
C GLU B 392 31.93 -35.80 5.35
N LYS B 393 33.07 -36.47 5.55
CA LYS B 393 34.36 -35.87 5.23
C LYS B 393 34.55 -35.83 3.72
N HIS B 394 35.37 -34.88 3.25
CA HIS B 394 35.55 -34.67 1.83
C HIS B 394 36.74 -35.41 1.25
N GLY B 395 37.89 -35.43 1.94
CA GLY B 395 39.09 -36.00 1.38
C GLY B 395 39.42 -37.40 1.87
N LEU B 396 38.43 -38.10 2.42
CA LEU B 396 38.85 -39.41 2.92
C LEU B 396 38.42 -40.52 1.99
N PRO B 397 39.31 -41.46 1.70
CA PRO B 397 38.98 -42.56 0.79
C PRO B 397 38.08 -43.60 1.47
N SER B 398 37.12 -44.10 0.69
CA SER B 398 36.19 -45.12 1.19
C SER B 398 35.45 -45.78 0.03
N ALA B 399 35.21 -47.08 0.15
CA ALA B 399 34.48 -47.83 -0.88
C ALA B 399 32.99 -47.61 -0.69
N ASP B 400 32.19 -48.21 -1.57
CA ASP B 400 30.74 -48.07 -1.54
C ASP B 400 30.08 -49.43 -1.37
N ALA B 401 29.04 -49.47 -0.53
CA ALA B 401 28.32 -50.69 -0.22
C ALA B 401 27.00 -50.35 0.44
N PRO B 402 26.01 -51.25 0.42
CA PRO B 402 24.74 -50.94 1.08
C PRO B 402 24.81 -51.12 2.59
N SER B 403 23.70 -50.82 3.28
CA SER B 403 23.66 -50.91 4.74
C SER B 403 22.24 -51.27 5.16
N LEU B 404 22.14 -51.86 6.35
CA LEU B 404 20.85 -52.23 6.91
C LEU B 404 20.22 -51.00 7.56
N LYS B 405 19.11 -51.21 8.27
CA LYS B 405 18.43 -50.13 8.97
C LYS B 405 18.69 -50.11 10.47
N GLU B 406 19.36 -51.12 11.02
CA GLU B 406 19.68 -51.13 12.44
C GLU B 406 20.92 -50.31 12.75
N SER B 407 21.80 -50.11 11.77
CA SER B 407 23.04 -49.39 12.01
C SER B 407 22.89 -47.87 11.90
N LEU B 408 21.89 -47.41 11.15
CA LEU B 408 21.63 -45.97 11.00
C LEU B 408 21.46 -45.26 12.34
N PRO B 409 20.77 -45.84 13.34
CA PRO B 409 20.72 -45.19 14.65
C PRO B 409 22.09 -44.95 15.26
N LEU B 410 23.08 -45.80 14.97
CA LEU B 410 24.42 -45.61 15.52
C LEU B 410 25.29 -44.77 14.59
N TYR B 411 24.75 -43.65 14.11
CA TYR B 411 25.46 -42.67 13.28
C TYR B 411 25.11 -41.27 13.78
N VAL B 412 25.48 -40.28 12.99
CA VAL B 412 25.09 -38.89 13.21
C VAL B 412 24.33 -38.41 11.98
N VAL B 413 23.25 -37.68 12.21
CA VAL B 413 22.31 -37.31 11.15
C VAL B 413 21.98 -35.83 11.29
N ALA B 414 21.86 -35.16 10.15
CA ALA B 414 21.38 -33.78 10.12
C ALA B 414 19.90 -33.77 10.49
N ASP B 415 19.55 -33.00 11.53
CA ASP B 415 18.19 -33.00 12.05
C ASP B 415 17.24 -32.12 11.25
N ILE B 416 17.74 -31.31 10.32
CA ILE B 416 16.89 -30.39 9.57
C ILE B 416 17.54 -30.15 8.21
N ALA B 417 16.69 -29.98 7.19
CA ALA B 417 17.19 -29.61 5.88
C ALA B 417 17.80 -28.22 5.92
N THR B 418 18.98 -28.07 5.31
CA THR B 418 19.74 -26.84 5.37
C THR B 418 19.73 -26.14 4.02
N SER B 419 19.61 -24.81 4.06
CA SER B 419 19.63 -24.00 2.86
C SER B 419 20.11 -22.61 3.23
N PHE B 420 20.43 -21.82 2.20
CA PHE B 420 20.86 -20.45 2.43
C PHE B 420 19.77 -19.65 3.14
N THR B 421 18.54 -19.73 2.64
CA THR B 421 17.43 -18.98 3.21
C THR B 421 17.16 -19.39 4.65
N VAL B 422 17.12 -20.71 4.92
CA VAL B 422 16.85 -21.19 6.27
C VAL B 422 17.94 -20.74 7.22
N LEU B 423 19.19 -20.82 6.77
CA LEU B 423 20.31 -20.42 7.62
C LEU B 423 20.26 -18.93 7.93
N VAL B 424 19.92 -18.10 6.94
CA VAL B 424 19.77 -16.67 7.19
C VAL B 424 18.67 -16.42 8.20
N GLY B 425 17.54 -17.11 8.05
CA GLY B 425 16.43 -16.94 8.98
C GLY B 425 16.81 -17.32 10.40
N ILE B 426 17.59 -18.40 10.56
CA ILE B 426 18.03 -18.80 11.88
C ILE B 426 19.03 -17.80 12.46
N PHE B 427 19.92 -17.28 11.62
CA PHE B 427 20.98 -16.42 12.14
C PHE B 427 20.50 -15.01 12.48
N PHE B 428 19.48 -14.50 11.78
CA PHE B 428 19.12 -13.10 11.96
C PHE B 428 18.89 -12.66 13.40
N PRO B 429 18.20 -13.42 14.27
CA PRO B 429 18.01 -12.93 15.65
C PRO B 429 19.30 -12.67 16.41
N SER B 430 20.45 -13.12 15.91
CA SER B 430 21.72 -12.90 16.59
C SER B 430 22.26 -11.49 16.41
N VAL B 431 21.54 -10.61 15.73
CA VAL B 431 21.95 -9.23 15.55
C VAL B 431 20.88 -8.24 16.02
N THR B 432 19.68 -8.72 16.32
CA THR B 432 18.61 -7.84 16.79
C THR B 432 18.93 -7.29 18.18
N GLY B 433 18.35 -6.13 18.47
CA GLY B 433 18.57 -5.48 19.76
C GLY B 433 19.15 -4.09 19.60
N ILE B 434 19.03 -3.51 18.40
CA ILE B 434 19.57 -2.19 18.15
C ILE B 434 18.84 -1.14 18.99
N MET B 435 17.52 -1.23 19.04
CA MET B 435 16.71 -0.23 19.73
C MET B 435 16.82 -0.30 21.25
N ALA B 436 17.61 -1.24 21.79
CA ALA B 436 17.83 -1.29 23.23
C ALA B 436 18.69 -0.14 23.73
N GLY B 437 19.37 0.57 22.84
CA GLY B 437 20.19 1.71 23.24
C GLY B 437 19.41 2.98 23.36
N SER B 438 18.12 2.87 23.69
CA SER B 438 17.29 4.05 23.91
C SER B 438 16.36 3.88 25.11
N ASN B 439 16.48 2.78 25.87
CA ASN B 439 15.60 2.57 27.00
C ASN B 439 15.83 3.61 28.09
N ARG B 440 17.09 4.00 28.31
CA ARG B 440 17.44 4.99 29.33
C ARG B 440 17.52 6.40 28.72
N SER B 441 16.74 6.64 27.67
CA SER B 441 16.81 7.90 26.94
C SER B 441 16.54 9.11 27.83
N GLY B 442 15.78 8.94 28.91
CA GLY B 442 15.45 10.04 29.79
C GLY B 442 16.50 10.39 30.81
N ASP B 443 17.68 9.80 30.73
CA ASP B 443 18.73 10.03 31.73
C ASP B 443 20.08 10.41 31.15
N LEU B 444 20.26 10.38 29.83
CA LEU B 444 21.55 10.72 29.24
C LEU B 444 21.88 12.20 29.48
N ARG B 445 23.18 12.47 29.69
CA ARG B 445 23.62 13.84 29.84
C ARG B 445 23.51 14.60 28.52
N ASP B 446 23.83 13.94 27.41
CA ASP B 446 23.73 14.52 26.08
C ASP B 446 22.95 13.55 25.20
N ALA B 447 21.66 13.83 25.00
CA ALA B 447 20.82 12.91 24.23
C ALA B 447 21.12 12.98 22.74
N GLN B 448 21.35 14.19 22.21
CA GLN B 448 21.52 14.36 20.79
C GLN B 448 22.79 13.71 20.25
N LYS B 449 23.81 13.52 21.09
CA LYS B 449 25.10 13.01 20.64
C LYS B 449 25.36 11.56 21.05
N SER B 450 25.07 11.20 22.29
CA SER B 450 25.50 9.91 22.82
C SER B 450 24.83 8.73 22.10
N ILE B 451 23.54 8.84 21.82
CA ILE B 451 22.79 7.70 21.27
C ILE B 451 23.34 7.24 19.92
N PRO B 452 23.50 8.11 18.91
CA PRO B 452 23.92 7.60 17.59
C PRO B 452 25.32 7.00 17.60
N VAL B 453 26.30 7.71 18.16
CA VAL B 453 27.67 7.21 18.15
C VAL B 453 27.77 5.91 18.94
N GLY B 454 27.11 5.84 20.10
CA GLY B 454 27.15 4.62 20.88
C GLY B 454 26.53 3.44 20.16
N THR B 455 25.36 3.66 19.55
CA THR B 455 24.70 2.58 18.82
C THR B 455 25.56 2.10 17.66
N ILE B 456 26.13 3.04 16.89
CA ILE B 456 26.92 2.67 15.73
C ILE B 456 28.18 1.93 16.15
N LEU B 457 28.84 2.39 17.21
CA LEU B 457 30.05 1.71 17.68
C LEU B 457 29.73 0.31 18.19
N ALA B 458 28.61 0.15 18.90
CA ALA B 458 28.21 -1.18 19.35
C ALA B 458 27.99 -2.11 18.17
N ILE B 459 27.28 -1.62 17.14
CA ILE B 459 27.04 -2.46 15.96
C ILE B 459 28.35 -2.81 15.28
N ILE B 460 29.27 -1.84 15.17
CA ILE B 460 30.54 -2.09 14.49
C ILE B 460 31.36 -3.13 15.24
N THR B 461 31.44 -3.01 16.57
CA THR B 461 32.26 -3.95 17.32
C THR B 461 31.64 -5.35 17.30
N THR B 462 30.31 -5.44 17.37
CA THR B 462 29.68 -6.75 17.24
C THR B 462 29.97 -7.36 15.87
N SER B 463 29.89 -6.55 14.81
CA SER B 463 30.17 -7.07 13.47
C SER B 463 31.62 -7.55 13.36
N LEU B 464 32.56 -6.81 13.93
CA LEU B 464 33.96 -7.21 13.86
C LEU B 464 34.19 -8.51 14.62
N VAL B 465 33.59 -8.64 15.81
CA VAL B 465 33.71 -9.88 16.56
C VAL B 465 33.12 -11.04 15.78
N TYR B 466 31.96 -10.82 15.16
CA TYR B 466 31.33 -11.87 14.37
C TYR B 466 32.23 -12.32 13.22
N PHE B 467 32.78 -11.36 12.47
CA PHE B 467 33.66 -11.69 11.36
C PHE B 467 34.87 -12.49 11.83
N SER B 468 35.54 -11.99 12.87
CA SER B 468 36.78 -12.63 13.33
C SER B 468 36.50 -14.02 13.89
N SER B 469 35.41 -14.17 14.64
CA SER B 469 35.07 -15.49 15.16
C SER B 469 34.69 -16.46 14.07
N VAL B 470 33.98 -15.99 13.04
CA VAL B 470 33.66 -16.87 11.91
C VAL B 470 34.93 -17.36 11.24
N VAL B 471 35.88 -16.44 11.02
CA VAL B 471 37.14 -16.84 10.39
C VAL B 471 37.90 -17.80 11.30
N LEU B 472 37.91 -17.56 12.62
CA LEU B 472 38.61 -18.45 13.53
C LEU B 472 38.02 -19.85 13.51
N PHE B 473 36.68 -19.95 13.55
CA PHE B 473 36.03 -21.25 13.47
C PHE B 473 36.36 -21.94 12.16
N GLY B 474 36.37 -21.19 11.06
CA GLY B 474 36.71 -21.78 9.78
C GLY B 474 38.14 -22.28 9.71
N ALA B 475 39.05 -21.56 10.35
CA ALA B 475 40.48 -21.85 10.23
C ALA B 475 41.04 -22.68 11.37
N CYS B 476 40.20 -23.14 12.29
CA CYS B 476 40.72 -23.97 13.37
C CYS B 476 40.00 -25.31 13.52
N ILE B 477 38.76 -25.39 13.05
CA ILE B 477 37.93 -26.58 13.25
C ILE B 477 37.50 -27.13 11.90
N GLU B 478 37.56 -28.45 11.75
CA GLU B 478 37.24 -29.09 10.49
C GLU B 478 35.73 -29.13 10.28
N GLY B 479 35.34 -29.47 9.05
CA GLY B 479 33.96 -29.43 8.61
C GLY B 479 33.07 -30.55 9.12
N VAL B 480 33.60 -31.44 9.94
CA VAL B 480 32.80 -32.52 10.52
C VAL B 480 32.08 -32.08 11.79
N VAL B 481 32.84 -31.70 12.82
CA VAL B 481 32.21 -31.32 14.09
C VAL B 481 31.47 -30.00 13.95
N LEU B 482 31.95 -29.09 13.09
CA LEU B 482 31.18 -27.87 12.85
C LEU B 482 29.80 -28.17 12.30
N ARG B 483 29.68 -29.23 11.50
CA ARG B 483 28.40 -29.65 10.93
C ARG B 483 27.68 -30.66 11.82
N ASP B 484 27.98 -30.67 13.11
CA ASP B 484 27.40 -31.62 14.06
C ASP B 484 26.81 -30.81 15.22
N LYS B 485 25.51 -30.59 15.16
CA LYS B 485 24.81 -29.96 16.28
C LYS B 485 24.80 -30.91 17.48
N TYR B 486 24.73 -30.32 18.67
CA TYR B 486 24.70 -31.01 19.95
C TYR B 486 26.02 -31.72 20.26
N GLY B 487 27.01 -31.62 19.39
CA GLY B 487 28.29 -32.28 19.62
C GLY B 487 28.19 -33.78 19.73
N ASP B 488 27.37 -34.40 18.88
CA ASP B 488 27.18 -35.85 18.96
C ASP B 488 28.46 -36.60 18.61
N GLY B 489 29.22 -36.11 17.64
CA GLY B 489 30.44 -36.79 17.23
C GLY B 489 31.57 -36.68 18.23
N VAL B 490 31.47 -35.77 19.19
CA VAL B 490 32.51 -35.58 20.20
C VAL B 490 31.86 -35.63 21.59
N SER B 491 31.77 -36.84 22.15
CA SER B 491 31.50 -37.11 23.56
C SER B 491 30.48 -36.16 24.18
N ARG B 492 29.39 -35.92 23.45
CA ARG B 492 28.26 -35.13 23.94
C ARG B 492 28.71 -33.76 24.45
N ASN B 493 29.71 -33.19 23.79
CA ASN B 493 30.37 -31.98 24.27
C ASN B 493 30.04 -30.80 23.37
N LEU B 494 29.93 -29.62 23.99
CA LEU B 494 29.67 -28.40 23.23
C LEU B 494 30.83 -28.09 22.32
N VAL B 495 30.53 -27.76 21.06
CA VAL B 495 31.58 -27.56 20.08
C VAL B 495 32.37 -26.28 20.35
N VAL B 496 31.68 -25.20 20.73
CA VAL B 496 32.36 -23.93 20.97
C VAL B 496 33.28 -24.03 22.17
N GLY B 497 32.90 -24.80 23.18
CA GLY B 497 33.71 -24.96 24.37
C GLY B 497 34.94 -25.82 24.19
N THR B 498 35.07 -26.48 23.04
CA THR B 498 36.26 -27.27 22.76
C THR B 498 37.49 -26.40 22.61
N LEU B 499 37.32 -25.17 22.11
CA LEU B 499 38.43 -24.26 21.90
C LEU B 499 38.86 -23.52 23.16
N ALA B 500 37.94 -23.32 24.10
CA ALA B 500 38.19 -22.48 25.26
C ALA B 500 39.45 -22.92 26.01
N TRP B 501 40.07 -21.94 26.69
CA TRP B 501 41.36 -22.22 27.33
C TRP B 501 41.23 -23.13 28.54
N PRO B 502 40.54 -22.75 29.63
CA PRO B 502 40.55 -23.61 30.82
C PRO B 502 39.84 -24.94 30.60
N SER B 503 38.58 -24.87 30.18
CA SER B 503 37.73 -26.03 29.99
C SER B 503 36.42 -25.56 29.37
N PRO B 504 35.69 -26.47 28.70
CA PRO B 504 34.39 -26.07 28.14
C PRO B 504 33.36 -25.66 29.18
N TRP B 505 33.49 -26.12 30.43
CA TRP B 505 32.47 -25.83 31.44
C TRP B 505 32.32 -24.34 31.70
N VAL B 506 33.39 -23.54 31.57
CA VAL B 506 33.24 -22.11 31.77
C VAL B 506 32.33 -21.52 30.70
N ILE B 507 32.51 -21.96 29.45
CA ILE B 507 31.64 -21.49 28.37
C ILE B 507 30.21 -21.95 28.60
N VAL B 508 30.03 -23.20 29.04
CA VAL B 508 28.68 -23.71 29.27
C VAL B 508 27.98 -22.90 30.36
N ILE B 509 28.67 -22.64 31.47
CA ILE B 509 28.08 -21.89 32.58
C ILE B 509 27.76 -20.47 32.14
N GLY B 510 28.69 -19.82 31.45
CA GLY B 510 28.44 -18.46 31.00
C GLY B 510 27.27 -18.38 30.05
N SER B 511 27.18 -19.32 29.11
CA SER B 511 26.05 -19.33 28.18
C SER B 511 24.73 -19.56 28.91
N PHE B 512 24.72 -20.49 29.86
CA PHE B 512 23.49 -20.76 30.60
C PHE B 512 23.02 -19.54 31.37
N PHE B 513 23.93 -18.90 32.11
CA PHE B 513 23.57 -17.73 32.89
C PHE B 513 23.12 -16.59 31.98
N SER B 514 23.84 -16.37 30.87
CA SER B 514 23.48 -15.30 29.95
C SER B 514 22.11 -15.54 29.34
N THR B 515 21.81 -16.79 28.98
CA THR B 515 20.52 -17.10 28.37
C THR B 515 19.38 -16.90 29.36
N CYS B 516 19.56 -17.38 30.60
CA CYS B 516 18.53 -17.18 31.62
C CYS B 516 18.31 -15.69 31.88
N GLY B 517 19.39 -14.91 31.96
CA GLY B 517 19.25 -13.49 32.18
C GLY B 517 18.59 -12.78 31.03
N ALA B 518 18.91 -13.18 29.79
CA ALA B 518 18.27 -12.59 28.63
C ALA B 518 16.77 -12.86 28.65
N GLY B 519 16.38 -14.08 29.02
CA GLY B 519 14.96 -14.36 29.22
C GLY B 519 14.34 -13.48 30.29
N LEU B 520 15.05 -13.26 31.40
CA LEU B 520 14.53 -12.40 32.46
C LEU B 520 14.30 -10.98 31.97
N GLN B 521 15.29 -10.39 31.29
CA GLN B 521 15.11 -9.03 30.81
C GLN B 521 14.01 -8.94 29.75
N SER B 522 13.92 -9.94 28.86
CA SER B 522 12.85 -9.91 27.86
C SER B 522 11.49 -9.95 28.53
N LEU B 523 11.31 -10.83 29.52
CA LEU B 523 10.03 -11.00 30.19
C LEU B 523 9.70 -9.82 31.10
N THR B 524 10.70 -9.08 31.58
CA THR B 524 10.43 -7.88 32.35
C THR B 524 10.35 -6.62 31.49
N GLY B 525 10.71 -6.72 30.20
CA GLY B 525 10.63 -5.58 29.32
C GLY B 525 9.37 -5.52 28.47
N ALA B 526 8.88 -6.68 28.02
CA ALA B 526 7.68 -6.68 27.19
C ALA B 526 6.47 -6.07 27.90
N PRO B 527 6.15 -6.42 29.15
CA PRO B 527 5.03 -5.76 29.82
C PRO B 527 5.21 -4.25 29.96
N ARG B 528 6.45 -3.78 30.02
CA ARG B 528 6.69 -2.35 30.18
C ARG B 528 6.12 -1.56 29.01
N LEU B 529 6.51 -1.92 27.78
CA LEU B 529 5.98 -1.17 26.65
C LEU B 529 4.53 -1.54 26.38
N LEU B 530 4.10 -2.74 26.75
CA LEU B 530 2.67 -3.03 26.62
C LEU B 530 1.85 -2.07 27.49
N GLN B 531 2.28 -1.86 28.73
CA GLN B 531 1.58 -0.94 29.62
C GLN B 531 1.69 0.49 29.11
N ALA B 532 2.85 0.87 28.55
CA ALA B 532 3.00 2.22 28.03
C ALA B 532 2.02 2.48 26.88
N ILE B 533 1.95 1.54 25.92
CA ILE B 533 1.02 1.67 24.81
C ILE B 533 -0.42 1.71 25.32
N ALA B 534 -0.73 0.85 26.30
CA ALA B 534 -2.08 0.83 26.86
C ALA B 534 -2.44 2.16 27.50
N LYS B 535 -1.50 2.76 28.25
CA LYS B 535 -1.77 3.99 28.96
C LYS B 535 -1.85 5.18 28.02
N ASP B 536 -1.15 5.13 26.88
CA ASP B 536 -1.28 6.21 25.90
C ASP B 536 -2.65 6.20 25.22
N ASN B 537 -3.42 5.13 25.36
CA ASN B 537 -4.82 5.07 24.95
C ASN B 537 -4.99 5.36 23.46
N ILE B 538 -4.45 4.46 22.65
CA ILE B 538 -4.69 4.50 21.21
C ILE B 538 -5.48 3.30 20.71
N ILE B 539 -5.60 2.23 21.50
CA ILE B 539 -6.43 1.08 21.16
C ILE B 539 -7.31 0.78 22.36
N PRO B 540 -8.61 0.53 22.17
CA PRO B 540 -9.52 0.45 23.32
C PRO B 540 -9.22 -0.65 24.33
N PHE B 541 -9.14 -1.91 23.90
CA PHE B 541 -8.99 -3.01 24.85
C PHE B 541 -7.64 -2.98 25.56
N LEU B 542 -6.68 -2.24 25.02
CA LEU B 542 -5.44 -2.02 25.75
C LEU B 542 -5.73 -1.30 27.07
N ARG B 543 -6.84 -0.56 27.13
CA ARG B 543 -7.19 0.12 28.38
C ARG B 543 -7.31 -0.86 29.53
N VAL B 544 -8.07 -1.95 29.34
CA VAL B 544 -8.15 -2.98 30.38
C VAL B 544 -6.84 -3.74 30.47
N PHE B 545 -6.12 -3.88 29.35
CA PHE B 545 -4.81 -4.52 29.41
C PHE B 545 -3.76 -3.63 30.09
N GLY B 546 -4.16 -2.46 30.57
CA GLY B 546 -3.21 -1.47 31.04
C GLY B 546 -3.10 -1.24 32.53
N HIS B 547 -4.03 -1.79 33.33
CA HIS B 547 -4.06 -1.54 34.76
C HIS B 547 -2.73 -1.92 35.42
N GLY B 548 -2.31 -1.14 36.41
CA GLY B 548 -1.03 -1.37 37.05
C GLY B 548 -1.13 -1.37 38.56
N LYS B 549 -0.03 -1.75 39.19
CA LYS B 549 0.04 -1.84 40.65
C LYS B 549 0.20 -0.45 41.26
N VAL B 550 0.40 -0.40 42.57
CA VAL B 550 0.58 0.88 43.25
C VAL B 550 1.88 1.55 42.82
N ASN B 551 2.97 0.79 42.71
CA ASN B 551 4.24 1.39 42.29
C ASN B 551 4.25 1.71 40.81
N GLY B 552 3.70 0.81 39.99
CA GLY B 552 3.67 1.02 38.56
C GLY B 552 3.95 -0.24 37.77
N GLU B 553 4.37 -1.30 38.47
CA GLU B 553 4.64 -2.56 37.80
C GLU B 553 3.34 -3.16 37.27
N PRO B 554 3.35 -3.66 36.03
CA PRO B 554 2.10 -4.18 35.44
C PRO B 554 1.55 -5.38 36.20
N THR B 555 0.23 -5.56 36.09
CA THR B 555 -0.44 -6.63 36.82
C THR B 555 -1.30 -7.55 35.96
N TRP B 556 -1.82 -7.11 34.81
CA TRP B 556 -2.45 -8.03 33.87
C TRP B 556 -1.74 -8.13 32.53
N ALA B 557 -1.00 -7.11 32.11
CA ALA B 557 -0.19 -7.23 30.91
C ALA B 557 0.82 -8.36 31.03
N LEU B 558 1.32 -8.59 32.24
CA LEU B 558 2.22 -9.71 32.48
C LEU B 558 1.53 -11.03 32.19
N LEU B 559 0.24 -11.14 32.52
CA LEU B 559 -0.50 -12.34 32.19
C LEU B 559 -0.57 -12.56 30.68
N LEU B 560 -0.84 -11.50 29.93
CA LEU B 560 -0.93 -11.62 28.48
C LEU B 560 0.40 -12.06 27.88
N THR B 561 1.50 -11.42 28.30
CA THR B 561 2.79 -11.82 27.75
C THR B 561 3.18 -13.21 28.19
N ALA B 562 2.80 -13.63 29.40
CA ALA B 562 3.07 -15.00 29.83
C ALA B 562 2.32 -16.00 28.97
N LEU B 563 1.06 -15.72 28.67
CA LEU B 563 0.30 -16.62 27.80
C LEU B 563 0.88 -16.70 26.40
N ILE B 564 1.30 -15.54 25.85
CA ILE B 564 1.90 -15.56 24.52
C ILE B 564 3.22 -16.33 24.52
N ALA B 565 4.03 -16.14 25.56
CA ALA B 565 5.29 -16.89 25.66
C ALA B 565 5.03 -18.39 25.79
N GLU B 566 3.98 -18.77 26.53
CA GLU B 566 3.62 -20.18 26.64
C GLU B 566 3.21 -20.73 25.28
N LEU B 567 2.43 -19.95 24.52
CA LEU B 567 2.06 -20.37 23.18
C LEU B 567 3.29 -20.57 22.30
N GLY B 568 4.27 -19.66 22.41
CA GLY B 568 5.49 -19.82 21.64
C GLY B 568 6.30 -21.05 22.06
N ILE B 569 6.40 -21.30 23.36
CA ILE B 569 7.13 -22.45 23.86
C ILE B 569 6.45 -23.75 23.46
N LEU B 570 5.13 -23.72 23.26
CA LEU B 570 4.42 -24.93 22.86
C LEU B 570 4.97 -25.53 21.57
N ILE B 571 5.57 -24.70 20.71
CA ILE B 571 6.25 -25.22 19.53
C ILE B 571 7.41 -26.12 19.93
N ALA B 572 8.21 -25.69 20.90
CA ALA B 572 9.31 -26.47 21.46
C ALA B 572 10.36 -26.82 20.40
N SER B 573 10.88 -25.78 19.76
CA SER B 573 11.97 -25.94 18.81
C SER B 573 12.66 -24.60 18.64
N LEU B 574 13.96 -24.55 18.92
CA LEU B 574 14.69 -23.28 18.81
C LEU B 574 14.74 -22.79 17.37
N ASP B 575 14.91 -23.70 16.41
CA ASP B 575 15.03 -23.29 15.01
C ASP B 575 13.71 -22.80 14.44
N MET B 576 12.58 -23.34 14.89
CA MET B 576 11.29 -22.96 14.32
C MET B 576 10.76 -21.66 14.88
N VAL B 577 11.32 -21.16 15.99
CA VAL B 577 10.81 -19.94 16.59
C VAL B 577 11.56 -18.70 16.10
N ALA B 578 12.86 -18.82 15.82
CA ALA B 578 13.66 -17.67 15.41
C ALA B 578 13.10 -16.93 14.20
N PRO B 579 12.62 -17.59 13.13
CA PRO B 579 12.09 -16.83 11.99
C PRO B 579 10.94 -15.91 12.35
N ILE B 580 10.12 -16.25 13.34
CA ILE B 580 9.01 -15.36 13.72
C ILE B 580 9.54 -14.08 14.34
N LEU B 581 10.53 -14.21 15.24
CA LEU B 581 11.21 -13.04 15.77
C LEU B 581 11.80 -12.20 14.64
N SER B 582 12.45 -12.87 13.70
CA SER B 582 13.06 -12.17 12.58
C SER B 582 12.01 -11.39 11.79
N MET B 583 10.84 -11.99 11.57
CA MET B 583 9.79 -11.33 10.81
C MET B 583 9.27 -10.10 11.54
N PHE B 584 9.03 -10.22 12.85
CA PHE B 584 8.53 -9.07 13.58
C PHE B 584 9.56 -7.94 13.61
N PHE B 585 10.82 -8.26 13.89
CA PHE B 585 11.85 -7.23 13.96
C PHE B 585 12.09 -6.59 12.60
N LEU B 586 12.14 -7.39 11.54
CA LEU B 586 12.29 -6.85 10.20
C LEU B 586 11.10 -6.01 9.80
N MET B 587 9.90 -6.36 10.25
CA MET B 587 8.72 -5.59 9.91
C MET B 587 8.78 -4.21 10.57
N CYS B 588 9.20 -4.18 11.83
CA CYS B 588 9.40 -2.90 12.52
C CYS B 588 10.47 -2.06 11.84
N TYR B 589 11.58 -2.70 11.44
CA TYR B 589 12.65 -1.97 10.75
C TYR B 589 12.17 -1.43 9.42
N LEU B 590 11.36 -2.21 8.70
CA LEU B 590 10.81 -1.77 7.43
C LEU B 590 9.94 -0.53 7.62
N PHE B 591 9.07 -0.56 8.63
CA PHE B 591 8.24 0.63 8.90
C PHE B 591 9.09 1.84 9.28
N VAL B 592 10.10 1.66 10.13
CA VAL B 592 10.87 2.85 10.53
C VAL B 592 11.62 3.43 9.34
N ASN B 593 12.19 2.57 8.49
CA ASN B 593 12.91 3.06 7.32
C ASN B 593 11.97 3.73 6.33
N LEU B 594 10.82 3.12 6.07
CA LEU B 594 9.86 3.70 5.14
C LEU B 594 9.36 5.04 5.64
N ALA B 595 9.07 5.13 6.94
CA ALA B 595 8.61 6.38 7.52
C ALA B 595 9.67 7.47 7.37
N CYS B 596 10.92 7.14 7.67
CA CYS B 596 11.98 8.15 7.52
C CYS B 596 12.10 8.61 6.08
N ALA B 597 12.10 7.67 5.13
CA ALA B 597 12.28 8.03 3.72
C ALA B 597 11.14 8.92 3.23
N VAL B 598 9.90 8.52 3.49
CA VAL B 598 8.75 9.29 3.01
C VAL B 598 8.72 10.66 3.71
N GLN B 599 9.00 10.67 5.01
CA GLN B 599 8.98 11.92 5.77
C GLN B 599 9.99 12.90 5.20
N THR B 600 11.18 12.42 4.84
CA THR B 600 12.18 13.30 4.23
C THR B 600 11.75 13.76 2.84
N LEU B 601 11.24 12.83 2.01
CA LEU B 601 10.93 13.18 0.63
C LEU B 601 9.81 14.18 0.51
N LEU B 602 8.74 14.04 1.29
CA LEU B 602 7.53 14.83 1.07
C LEU B 602 7.53 16.16 1.82
N ARG B 603 8.67 16.57 2.35
CA ARG B 603 8.84 17.89 2.98
C ARG B 603 7.80 18.13 4.08
N THR B 604 7.70 17.16 4.99
CA THR B 604 6.77 17.29 6.09
C THR B 604 7.25 18.35 7.06
N PRO B 605 6.35 19.16 7.62
CA PRO B 605 6.75 20.09 8.67
C PRO B 605 7.14 19.34 9.94
N ASN B 606 7.95 20.00 10.77
CA ASN B 606 8.42 19.45 12.04
C ASN B 606 9.15 18.13 11.85
N TRP B 607 10.04 18.11 10.85
CA TRP B 607 10.90 16.95 10.63
C TRP B 607 12.22 17.48 10.08
N ARG B 608 13.19 17.68 10.97
CA ARG B 608 14.48 18.26 10.62
C ARG B 608 15.58 17.39 11.22
N PRO B 609 15.91 16.28 10.58
CA PRO B 609 16.96 15.41 11.11
C PRO B 609 18.35 15.97 10.88
N ARG B 610 18.81 16.84 11.77
CA ARG B 610 20.08 17.53 11.61
C ARG B 610 21.26 16.61 11.97
N PHE B 611 21.27 15.44 11.34
CA PHE B 611 22.40 14.52 11.45
C PHE B 611 23.32 14.69 10.25
N LYS B 612 24.62 14.59 10.48
CA LYS B 612 25.61 14.94 9.47
C LYS B 612 25.82 13.87 8.42
N TYR B 613 25.35 12.65 8.66
CA TYR B 613 25.57 11.53 7.73
C TYR B 613 24.26 10.84 7.35
N TYR B 614 23.20 11.61 7.15
CA TYR B 614 21.88 11.06 6.83
C TYR B 614 21.48 11.45 5.41
N HIS B 615 20.86 10.52 4.71
CA HIS B 615 20.33 10.77 3.37
C HIS B 615 19.20 9.78 3.12
N TRP B 616 18.09 10.27 2.56
CA TRP B 616 16.92 9.43 2.36
C TRP B 616 17.21 8.24 1.44
N ALA B 617 18.21 8.36 0.57
CA ALA B 617 18.58 7.23 -0.27
C ALA B 617 19.04 6.04 0.56
N LEU B 618 19.77 6.31 1.65
CA LEU B 618 20.25 5.23 2.51
C LEU B 618 19.08 4.50 3.17
N SER B 619 18.09 5.27 3.68
CA SER B 619 16.93 4.65 4.29
C SER B 619 16.15 3.83 3.27
N PHE B 620 15.97 4.37 2.07
CA PHE B 620 15.29 3.62 1.02
C PHE B 620 16.02 2.33 0.69
N LEU B 621 17.35 2.40 0.60
CA LEU B 621 18.14 1.21 0.25
C LEU B 621 18.04 0.15 1.34
N GLY B 622 18.13 0.56 2.61
CA GLY B 622 17.98 -0.41 3.69
C GLY B 622 16.60 -1.03 3.73
N MET B 623 15.57 -0.19 3.55
CA MET B 623 14.21 -0.69 3.43
C MET B 623 14.12 -1.78 2.37
N SER B 624 14.61 -1.48 1.16
CA SER B 624 14.54 -2.45 0.08
C SER B 624 15.32 -3.72 0.41
N LEU B 625 16.53 -3.56 0.95
CA LEU B 625 17.41 -4.70 1.17
C LEU B 625 16.80 -5.69 2.15
N CYS B 626 16.39 -5.23 3.33
CA CYS B 626 15.86 -6.20 4.26
C CYS B 626 14.35 -6.39 4.18
N LEU B 627 13.66 -5.63 3.32
CA LEU B 627 12.37 -6.12 2.80
C LEU B 627 12.58 -7.37 1.96
N ALA B 628 13.60 -7.34 1.10
CA ALA B 628 13.94 -8.54 0.33
C ALA B 628 14.34 -9.67 1.26
N LEU B 629 15.10 -9.37 2.31
CA LEU B 629 15.41 -10.39 3.32
C LEU B 629 14.14 -10.99 3.91
N MET B 630 13.22 -10.13 4.36
CA MET B 630 11.98 -10.59 4.99
C MET B 630 11.19 -11.49 4.06
N PHE B 631 11.09 -11.11 2.78
CA PHE B 631 10.33 -11.93 1.84
C PHE B 631 11.05 -13.21 1.46
N VAL B 632 12.37 -13.18 1.29
CA VAL B 632 13.09 -14.38 0.85
C VAL B 632 13.10 -15.42 1.95
N SER B 633 13.13 -14.97 3.21
CA SER B 633 13.16 -15.93 4.32
C SER B 633 11.92 -16.82 4.33
N SER B 634 10.74 -16.20 4.30
CA SER B 634 9.49 -16.94 4.29
C SER B 634 8.39 -15.98 3.85
N TRP B 635 7.62 -16.37 2.82
CA TRP B 635 6.70 -15.43 2.21
C TRP B 635 5.35 -15.40 2.90
N TYR B 636 4.88 -16.52 3.45
CA TYR B 636 3.57 -16.51 4.13
C TYR B 636 3.64 -15.81 5.48
N TYR B 637 4.70 -16.03 6.25
CA TYR B 637 4.87 -15.29 7.50
C TYR B 637 4.98 -13.80 7.22
N ALA B 638 5.73 -13.42 6.20
CA ALA B 638 5.83 -12.02 5.82
C ALA B 638 4.47 -11.46 5.42
N LEU B 639 3.71 -12.24 4.66
CA LEU B 639 2.39 -11.77 4.21
C LEU B 639 1.47 -11.53 5.39
N VAL B 640 1.42 -12.47 6.34
CA VAL B 640 0.52 -12.30 7.48
C VAL B 640 0.98 -11.15 8.37
N ALA B 641 2.29 -10.98 8.51
CA ALA B 641 2.80 -9.85 9.28
C ALA B 641 2.41 -8.53 8.64
N MET B 642 2.55 -8.43 7.32
CA MET B 642 2.14 -7.21 6.63
C MET B 642 0.65 -6.96 6.77
N LEU B 643 -0.16 -8.02 6.68
CA LEU B 643 -1.60 -7.86 6.82
C LEU B 643 -1.97 -7.33 8.20
N ILE B 644 -1.39 -7.90 9.25
CA ILE B 644 -1.74 -7.45 10.59
C ILE B 644 -1.23 -6.03 10.83
N ALA B 645 -0.04 -5.70 10.30
CA ALA B 645 0.48 -4.34 10.47
C ALA B 645 -0.41 -3.33 9.76
N GLY B 646 -0.81 -3.62 8.52
CA GLY B 646 -1.70 -2.72 7.82
C GLY B 646 -3.04 -2.57 8.50
N MET B 647 -3.59 -3.68 9.00
CA MET B 647 -4.88 -3.63 9.67
C MET B 647 -4.81 -2.78 10.94
N ILE B 648 -3.76 -2.95 11.74
CA ILE B 648 -3.65 -2.16 12.96
C ILE B 648 -3.40 -0.69 12.63
N TYR B 649 -2.63 -0.42 11.56
CA TYR B 649 -2.42 0.96 11.14
C TYR B 649 -3.74 1.63 10.75
N LYS B 650 -4.53 0.95 9.93
CA LYS B 650 -5.80 1.51 9.51
C LYS B 650 -6.77 1.66 10.68
N TYR B 651 -6.77 0.70 11.60
CA TYR B 651 -7.64 0.79 12.77
C TYR B 651 -7.26 1.97 13.65
N ILE B 652 -5.95 2.19 13.85
CA ILE B 652 -5.50 3.33 14.63
C ILE B 652 -5.91 4.64 13.95
N GLU B 653 -5.75 4.70 12.62
CA GLU B 653 -6.16 5.90 11.90
C GLU B 653 -7.65 6.16 12.04
N TYR B 654 -8.46 5.11 11.94
CA TYR B 654 -9.91 5.26 12.09
C TYR B 654 -10.29 5.71 13.49
N GLN B 655 -9.65 5.14 14.51
CA GLN B 655 -9.94 5.56 15.88
C GLN B 655 -9.54 7.01 16.12
N GLY B 656 -8.38 7.42 15.59
CA GLY B 656 -7.97 8.81 15.72
C GLY B 656 -8.93 9.76 15.02
N ALA B 657 -9.39 9.38 13.82
CA ALA B 657 -10.35 10.21 13.11
C ALA B 657 -11.66 10.32 13.89
N GLU B 658 -12.12 9.21 14.46
CA GLU B 658 -13.34 9.24 15.26
C GLU B 658 -13.17 10.09 16.51
N LYS B 659 -11.98 10.09 17.11
CA LYS B 659 -11.77 10.85 18.33
C LYS B 659 -11.66 12.34 18.04
N GLU B 660 -10.77 12.73 17.12
CA GLU B 660 -10.53 14.15 16.88
C GLU B 660 -11.69 14.81 16.15
N TRP B 661 -12.23 14.13 15.13
CA TRP B 661 -13.25 14.72 14.27
C TRP B 661 -14.63 14.38 14.81
N GLY B 662 -15.65 14.60 13.99
CA GLY B 662 -17.04 14.37 14.39
C GLY B 662 -17.42 12.91 14.56
N ASP B 663 -16.43 12.02 14.61
CA ASP B 663 -16.64 10.60 14.88
C ASP B 663 -17.45 9.91 13.80
N GLY B 664 -17.19 10.24 12.53
CA GLY B 664 -17.84 9.60 11.41
C GLY B 664 -16.86 8.90 10.49
N ILE B 665 -17.43 8.30 9.43
CA ILE B 665 -16.61 7.73 8.36
C ILE B 665 -15.98 8.81 7.49
N ARG B 666 -16.44 10.05 7.62
CA ARG B 666 -15.84 11.18 6.92
C ARG B 666 -14.66 11.78 7.67
N GLY B 667 -14.39 11.30 8.89
CA GLY B 667 -13.32 11.90 9.69
C GLY B 667 -11.95 11.74 9.06
N LEU B 668 -11.65 10.55 8.54
CA LEU B 668 -10.33 10.29 7.99
C LEU B 668 -10.13 10.90 6.61
N SER B 669 -11.13 11.59 6.08
CA SER B 669 -10.96 12.46 4.92
C SER B 669 -10.67 13.89 5.32
N LEU B 670 -11.36 14.39 6.35
CA LEU B 670 -11.01 15.69 6.93
C LEU B 670 -9.57 15.68 7.44
N SER B 671 -9.17 14.58 8.09
CA SER B 671 -7.80 14.48 8.57
C SER B 671 -6.81 14.52 7.43
N ALA B 672 -7.10 13.81 6.33
CA ALA B 672 -6.20 13.81 5.18
C ALA B 672 -6.10 15.20 4.57
N ALA B 673 -7.24 15.90 4.45
CA ALA B 673 -7.22 17.26 3.90
C ALA B 673 -6.39 18.19 4.78
N ARG B 674 -6.58 18.11 6.10
CA ARG B 674 -5.81 18.95 7.00
C ARG B 674 -4.32 18.64 6.93
N TYR B 675 -3.98 17.35 6.88
CA TYR B 675 -2.57 16.97 6.82
C TYR B 675 -1.92 17.43 5.53
N ALA B 676 -2.64 17.33 4.40
CA ALA B 676 -2.10 17.82 3.14
C ALA B 676 -1.91 19.34 3.16
N LEU B 677 -2.90 20.08 3.66
CA LEU B 677 -2.76 21.52 3.75
C LEU B 677 -1.65 21.93 4.71
N LEU B 678 -1.36 21.13 5.73
CA LEU B 678 -0.24 21.43 6.62
C LEU B 678 1.09 21.13 5.94
N ARG B 679 1.18 20.02 5.20
CA ARG B 679 2.37 19.78 4.40
C ARG B 679 2.62 20.91 3.41
N LEU B 680 1.55 21.49 2.87
CA LEU B 680 1.66 22.48 1.81
C LEU B 680 2.34 23.78 2.26
N GLU B 681 2.48 24.01 3.56
CA GLU B 681 3.03 25.27 4.06
C GLU B 681 4.55 25.32 4.06
N GLU B 682 5.22 24.17 4.12
CA GLU B 682 6.67 24.16 4.27
C GLU B 682 7.38 24.72 3.04
N GLY B 683 6.89 24.39 1.85
CA GLY B 683 7.54 24.78 0.62
C GLY B 683 7.50 26.27 0.36
N PRO B 684 8.54 26.79 -0.30
CA PRO B 684 8.55 28.21 -0.65
C PRO B 684 7.93 28.46 -2.00
N PRO B 685 6.94 29.35 -2.06
CA PRO B 685 6.36 29.72 -3.36
C PRO B 685 7.02 30.97 -3.93
N HIS B 686 7.14 31.00 -5.26
CA HIS B 686 6.71 29.92 -6.13
C HIS B 686 7.76 29.65 -7.22
N THR B 687 7.80 28.42 -7.71
CA THR B 687 8.70 28.05 -8.79
C THR B 687 8.06 28.42 -10.13
N LYS B 688 8.64 27.92 -11.22
CA LYS B 688 8.15 28.22 -12.56
C LYS B 688 6.93 27.37 -12.87
N ASN B 689 6.55 27.34 -14.15
CA ASN B 689 5.38 26.59 -14.63
C ASN B 689 4.09 27.10 -13.98
N TRP B 690 3.78 28.36 -14.28
CA TRP B 690 2.55 28.97 -13.81
C TRP B 690 1.34 28.32 -14.46
N ARG B 691 0.31 28.05 -13.66
CA ARG B 691 -0.94 27.50 -14.14
C ARG B 691 -2.09 28.33 -13.60
N PRO B 692 -3.17 28.53 -14.36
CA PRO B 692 -4.24 29.42 -13.90
C PRO B 692 -5.18 28.71 -12.94
N GLN B 693 -5.50 29.37 -11.83
CA GLN B 693 -6.53 28.93 -10.91
C GLN B 693 -7.58 30.03 -10.80
N LEU B 694 -8.84 29.64 -10.91
CA LEU B 694 -9.91 30.59 -11.21
C LEU B 694 -10.79 30.87 -9.99
N LEU B 695 -11.07 32.15 -9.78
CA LEU B 695 -12.15 32.61 -8.92
C LEU B 695 -13.21 33.26 -9.81
N VAL B 696 -14.46 32.84 -9.63
CA VAL B 696 -15.55 33.25 -10.50
C VAL B 696 -16.46 34.20 -9.73
N LEU B 697 -16.73 35.37 -10.30
CA LEU B 697 -17.60 36.36 -9.71
C LEU B 697 -18.90 36.39 -10.52
N LEU B 698 -20.03 36.27 -9.83
CA LEU B 698 -21.34 36.28 -10.47
C LEU B 698 -22.22 37.36 -9.88
N LYS B 699 -23.22 37.78 -10.66
CA LYS B 699 -24.25 38.69 -10.20
C LYS B 699 -25.59 37.98 -10.21
N LEU B 700 -26.38 38.20 -9.17
CA LEU B 700 -27.67 37.53 -9.01
C LEU B 700 -28.80 38.50 -9.31
N ASP B 701 -29.79 38.01 -10.05
CA ASP B 701 -30.94 38.82 -10.39
C ASP B 701 -31.76 39.13 -9.15
N GLU B 702 -32.65 40.12 -9.28
CA GLU B 702 -33.50 40.52 -8.15
C GLU B 702 -34.39 39.37 -7.71
N ASP B 703 -34.67 38.41 -8.60
CA ASP B 703 -35.46 37.23 -8.27
C ASP B 703 -34.59 36.08 -7.77
N LEU B 704 -33.40 36.37 -7.24
CA LEU B 704 -32.51 35.35 -6.67
C LEU B 704 -32.18 34.26 -7.70
N HIS B 705 -31.86 34.69 -8.92
CA HIS B 705 -31.51 33.77 -9.99
C HIS B 705 -30.23 34.25 -10.67
N VAL B 706 -29.49 33.30 -11.25
CA VAL B 706 -28.27 33.64 -11.95
C VAL B 706 -28.59 34.41 -13.22
N LYS B 707 -27.57 35.07 -13.76
CA LYS B 707 -27.72 35.88 -14.96
C LYS B 707 -26.97 35.35 -16.17
N TYR B 708 -25.73 34.87 -15.99
CA TYR B 708 -24.86 34.47 -17.10
C TYR B 708 -24.34 33.06 -16.87
N PRO B 709 -25.19 32.04 -17.06
CA PRO B 709 -24.69 30.66 -17.00
C PRO B 709 -23.67 30.34 -18.08
N ARG B 710 -23.69 31.06 -19.20
CA ARG B 710 -22.67 30.89 -20.21
C ARG B 710 -21.28 31.16 -19.67
N LEU B 711 -21.15 32.07 -18.70
CA LEU B 711 -19.86 32.27 -18.06
C LEU B 711 -19.42 31.03 -17.30
N LEU B 712 -20.35 30.35 -16.63
CA LEU B 712 -20.02 29.08 -15.98
C LEU B 712 -19.59 28.04 -17.00
N THR B 713 -20.29 27.96 -18.14
CA THR B 713 -19.90 27.02 -19.17
C THR B 713 -18.49 27.30 -19.69
N PHE B 714 -18.18 28.59 -19.90
CA PHE B 714 -16.85 28.97 -20.35
C PHE B 714 -15.79 28.61 -19.32
N ALA B 715 -16.05 28.89 -18.03
CA ALA B 715 -15.11 28.52 -16.98
C ALA B 715 -14.96 27.01 -16.88
N SER B 716 -15.99 26.25 -17.22
CA SER B 716 -15.88 24.80 -17.21
C SER B 716 -15.01 24.30 -18.35
N GLN B 717 -15.20 24.84 -19.55
CA GLN B 717 -14.40 24.36 -20.68
C GLN B 717 -12.97 24.86 -20.63
N LEU B 718 -12.70 25.98 -19.96
CA LEU B 718 -11.32 26.45 -19.86
C LEU B 718 -10.47 25.52 -19.01
N LYS B 719 -11.00 25.05 -17.89
CA LYS B 719 -10.22 24.20 -16.98
C LYS B 719 -10.44 22.71 -17.22
N ALA B 720 -11.61 22.34 -17.77
CA ALA B 720 -11.91 20.95 -18.10
C ALA B 720 -11.80 20.03 -16.89
N GLY B 721 -12.28 20.50 -15.75
CA GLY B 721 -12.32 19.69 -14.55
C GLY B 721 -11.00 19.54 -13.84
N LYS B 722 -10.03 20.42 -14.09
CA LYS B 722 -8.76 20.41 -13.41
C LYS B 722 -8.65 21.63 -12.49
N GLY B 723 -7.66 21.58 -11.60
CA GLY B 723 -7.45 22.68 -10.67
C GLY B 723 -8.62 22.84 -9.71
N LEU B 724 -8.78 24.07 -9.20
CA LEU B 724 -9.90 24.40 -8.34
C LEU B 724 -10.64 25.59 -8.93
N THR B 725 -11.95 25.64 -8.68
CA THR B 725 -12.78 26.76 -9.08
C THR B 725 -13.69 27.14 -7.91
N ILE B 726 -13.64 28.41 -7.53
CA ILE B 726 -14.38 28.89 -6.38
C ILE B 726 -15.39 29.94 -6.82
N VAL B 727 -16.64 29.53 -7.00
CA VAL B 727 -17.68 30.48 -7.39
C VAL B 727 -18.15 31.26 -6.18
N GLY B 728 -18.27 32.58 -6.34
CA GLY B 728 -18.69 33.43 -5.25
C GLY B 728 -19.71 34.43 -5.72
N SER B 729 -20.49 34.93 -4.76
CA SER B 729 -21.55 35.89 -5.04
C SER B 729 -21.67 36.84 -3.86
N VAL B 730 -22.43 37.93 -4.04
CA VAL B 730 -22.64 38.92 -2.99
C VAL B 730 -24.10 39.33 -3.02
N ILE B 731 -24.70 39.40 -1.83
CA ILE B 731 -26.09 39.82 -1.69
C ILE B 731 -26.16 41.03 -0.77
N GLN B 732 -26.78 42.11 -1.26
CA GLN B 732 -26.95 43.31 -0.44
C GLN B 732 -27.88 43.05 0.72
N GLY B 733 -27.66 43.76 1.82
CA GLY B 733 -28.51 43.63 2.99
C GLY B 733 -27.76 43.23 4.25
N SER B 734 -28.45 43.26 5.39
CA SER B 734 -27.84 42.84 6.64
C SER B 734 -27.79 41.31 6.72
N PHE B 735 -26.82 40.81 7.48
CA PHE B 735 -26.66 39.37 7.66
C PHE B 735 -27.58 38.81 8.73
N LEU B 736 -27.88 39.59 9.77
CA LEU B 736 -28.67 39.09 10.88
C LEU B 736 -30.14 38.85 10.51
N GLU B 737 -30.57 39.28 9.32
CA GLU B 737 -31.96 39.11 8.91
C GLU B 737 -32.09 38.56 7.49
N SER B 738 -31.02 38.06 6.90
CA SER B 738 -31.07 37.54 5.53
C SER B 738 -30.28 36.23 5.42
N TYR B 739 -30.35 35.40 6.46
CA TYR B 739 -29.64 34.13 6.40
C TYR B 739 -30.29 33.16 5.42
N GLY B 740 -31.62 33.12 5.39
CA GLY B 740 -32.30 32.19 4.50
C GLY B 740 -32.02 32.49 3.03
N GLU B 741 -31.91 33.77 2.68
CA GLU B 741 -31.60 34.13 1.31
C GLU B 741 -30.25 33.57 0.89
N ALA B 742 -29.24 33.72 1.75
CA ALA B 742 -27.91 33.18 1.44
C ALA B 742 -27.95 31.65 1.37
N GLN B 743 -28.66 31.02 2.30
CA GLN B 743 -28.75 29.56 2.30
C GLN B 743 -29.42 29.03 1.05
N ALA B 744 -30.42 29.74 0.52
CA ALA B 744 -31.07 29.35 -0.72
C ALA B 744 -30.20 29.64 -1.94
N ALA B 745 -29.52 30.78 -1.95
CA ALA B 745 -28.66 31.13 -3.08
C ALA B 745 -27.50 30.14 -3.23
N GLU B 746 -26.89 29.75 -2.11
CA GLU B 746 -25.82 28.77 -2.18
C GLU B 746 -26.32 27.46 -2.77
N GLN B 747 -27.50 27.00 -2.33
CA GLN B 747 -28.05 25.75 -2.84
C GLN B 747 -28.36 25.84 -4.33
N THR B 748 -28.95 26.96 -4.77
CA THR B 748 -29.30 27.05 -6.18
C THR B 748 -28.05 27.18 -7.06
N ILE B 749 -27.01 27.84 -6.56
CA ILE B 749 -25.76 27.89 -7.31
C ILE B 749 -25.13 26.51 -7.37
N LYS B 750 -25.22 25.73 -6.29
CA LYS B 750 -24.71 24.37 -6.32
C LYS B 750 -25.46 23.52 -7.33
N ASN B 751 -26.79 23.66 -7.39
CA ASN B 751 -27.57 22.94 -8.39
C ASN B 751 -27.18 23.35 -9.80
N MET B 752 -27.01 24.66 -10.03
CA MET B 752 -26.68 25.14 -11.37
C MET B 752 -25.30 24.68 -11.81
N MET B 753 -24.34 24.62 -10.87
CA MET B 753 -23.00 24.19 -11.21
C MET B 753 -22.94 22.73 -11.65
N GLU B 754 -23.82 21.88 -11.11
CA GLU B 754 -23.77 20.45 -11.42
C GLU B 754 -24.04 20.18 -12.90
N ILE B 755 -25.01 20.91 -13.48
CA ILE B 755 -25.39 20.65 -14.86
C ILE B 755 -24.39 21.22 -15.87
N GLU B 756 -23.50 22.11 -15.44
CA GLU B 756 -22.51 22.72 -16.33
C GLU B 756 -21.20 21.95 -16.36
N LYS B 757 -21.13 20.80 -15.69
CA LYS B 757 -19.93 19.95 -15.66
C LYS B 757 -18.71 20.71 -15.14
N VAL B 758 -18.92 21.48 -14.08
CA VAL B 758 -17.85 22.16 -13.38
C VAL B 758 -17.82 21.67 -11.93
N LYS B 759 -16.63 21.34 -11.45
CA LYS B 759 -16.44 20.82 -10.10
C LYS B 759 -15.66 21.85 -9.29
N GLY B 760 -16.22 22.25 -8.15
CA GLY B 760 -15.59 23.25 -7.33
C GLY B 760 -16.38 23.50 -6.06
N PHE B 761 -16.11 24.65 -5.46
CA PHE B 761 -16.75 25.06 -4.22
C PHE B 761 -17.47 26.39 -4.40
N CYS B 762 -18.47 26.62 -3.56
CA CYS B 762 -19.28 27.82 -3.61
C CYS B 762 -19.20 28.58 -2.30
N GLN B 763 -19.44 29.89 -2.37
CA GLN B 763 -19.45 30.73 -1.19
C GLN B 763 -20.30 31.96 -1.46
N VAL B 764 -21.14 32.32 -0.49
CA VAL B 764 -21.99 33.50 -0.58
C VAL B 764 -21.83 34.30 0.70
N VAL B 765 -21.60 35.61 0.55
CA VAL B 765 -21.42 36.48 1.71
C VAL B 765 -22.41 37.65 1.64
N VAL B 766 -23.28 37.75 2.64
CA VAL B 766 -24.18 38.88 2.76
C VAL B 766 -23.37 40.09 3.21
N ALA B 767 -23.59 41.24 2.60
CA ALA B 767 -22.82 42.43 2.92
C ALA B 767 -23.70 43.66 2.64
N SER B 768 -23.29 44.78 3.22
CA SER B 768 -24.01 46.04 3.02
C SER B 768 -23.59 46.76 1.76
N LYS B 769 -22.30 46.73 1.41
CA LYS B 769 -21.79 47.31 0.19
C LYS B 769 -21.30 46.18 -0.71
N VAL B 770 -21.82 46.14 -1.94
CA VAL B 770 -21.47 45.06 -2.86
C VAL B 770 -19.98 45.11 -3.22
N ARG B 771 -19.43 46.30 -3.43
CA ARG B 771 -18.01 46.40 -3.74
C ARG B 771 -17.16 46.02 -2.54
N GLU B 772 -17.60 46.33 -1.32
CA GLU B 772 -16.89 45.86 -0.14
C GLU B 772 -16.90 44.34 -0.06
N GLY B 773 -18.05 43.73 -0.36
CA GLY B 773 -18.12 42.27 -0.38
C GLY B 773 -17.19 41.66 -1.42
N LEU B 774 -17.13 42.26 -2.61
CA LEU B 774 -16.22 41.78 -3.63
C LEU B 774 -14.76 41.91 -3.19
N ALA B 775 -14.42 43.07 -2.60
CA ALA B 775 -13.06 43.28 -2.13
C ALA B 775 -12.68 42.26 -1.07
N HIS B 776 -13.60 41.98 -0.14
CA HIS B 776 -13.35 40.95 0.85
C HIS B 776 -13.23 39.56 0.23
N LEU B 777 -14.04 39.23 -0.76
CA LEU B 777 -13.95 37.94 -1.44
C LEU B 777 -12.68 37.79 -2.27
N ILE B 778 -12.01 38.90 -2.60
CA ILE B 778 -10.81 38.81 -3.41
C ILE B 778 -9.77 37.90 -2.77
N GLN B 779 -9.48 38.11 -1.48
CA GLN B 779 -8.40 37.37 -0.82
C GLN B 779 -8.88 36.41 0.25
N SER B 780 -10.18 36.35 0.55
CA SER B 780 -10.65 35.48 1.62
C SER B 780 -10.89 34.04 1.17
N CYS B 781 -11.18 33.83 -0.11
CA CYS B 781 -11.50 32.49 -0.58
C CYS B 781 -10.27 31.58 -0.53
N GLY B 782 -10.49 30.36 -0.07
CA GLY B 782 -9.43 29.38 0.05
C GLY B 782 -8.67 29.50 1.36
N LEU B 783 -8.02 28.40 1.71
CA LEU B 783 -7.22 28.31 2.93
C LEU B 783 -5.76 28.57 2.59
N GLY B 784 -4.90 28.50 3.61
CA GLY B 784 -3.49 28.73 3.44
C GLY B 784 -2.83 27.78 2.46
N GLY B 785 -2.38 28.31 1.33
CA GLY B 785 -1.75 27.53 0.29
C GLY B 785 -2.70 26.95 -0.74
N MET B 786 -3.99 26.86 -0.42
CA MET B 786 -5.00 26.39 -1.36
C MET B 786 -5.74 27.57 -2.00
N ARG B 787 -5.01 28.65 -2.26
CA ARG B 787 -5.60 29.91 -2.69
C ARG B 787 -6.02 29.83 -4.16
N HIS B 788 -6.48 30.97 -4.67
CA HIS B 788 -6.83 31.13 -6.07
C HIS B 788 -5.81 32.03 -6.75
N ASN B 789 -5.58 31.78 -8.04
CA ASN B 789 -4.52 32.47 -8.77
C ASN B 789 -5.03 33.53 -9.74
N SER B 790 -6.29 33.45 -10.17
CA SER B 790 -6.80 34.40 -11.13
C SER B 790 -8.29 34.63 -10.87
N VAL B 791 -8.79 35.75 -11.38
CA VAL B 791 -10.17 36.16 -11.16
C VAL B 791 -10.85 36.32 -12.51
N VAL B 792 -12.10 35.86 -12.58
CA VAL B 792 -12.92 35.95 -13.78
C VAL B 792 -14.11 36.84 -13.44
N LEU B 793 -14.28 37.93 -14.17
CA LEU B 793 -15.40 38.83 -13.97
C LEU B 793 -15.96 39.24 -15.33
N GLY B 794 -17.27 39.49 -15.38
CA GLY B 794 -17.94 39.82 -16.61
C GLY B 794 -17.80 41.28 -17.00
N TRP B 795 -18.38 41.60 -18.15
CA TRP B 795 -18.37 42.92 -18.76
C TRP B 795 -19.67 43.67 -18.43
N PRO B 796 -19.60 44.98 -18.19
CA PRO B 796 -20.82 45.76 -17.95
C PRO B 796 -21.53 46.08 -19.25
N TYR B 797 -22.76 45.60 -19.38
CA TYR B 797 -23.55 45.80 -20.59
C TYR B 797 -24.48 47.00 -20.42
N GLY B 798 -24.49 47.87 -21.43
CA GLY B 798 -25.39 49.00 -21.43
C GLY B 798 -25.14 49.99 -20.31
N TRP B 799 -23.88 50.34 -20.06
CA TRP B 799 -23.57 51.30 -19.00
C TRP B 799 -24.06 52.70 -19.33
N ARG B 800 -24.18 53.05 -20.62
CA ARG B 800 -24.75 54.34 -20.98
C ARG B 800 -26.24 54.38 -20.68
N GLN B 801 -26.93 53.25 -20.77
CA GLN B 801 -28.34 53.21 -20.44
C GLN B 801 -28.57 53.54 -18.96
N SER B 802 -27.72 53.01 -18.10
CA SER B 802 -27.84 53.31 -16.67
C SER B 802 -27.30 54.69 -16.36
N GLU B 803 -28.00 55.41 -15.48
CA GLU B 803 -27.57 56.75 -15.11
C GLU B 803 -26.60 56.75 -13.93
N ASP B 804 -26.72 55.80 -13.03
CA ASP B 804 -25.84 55.75 -11.87
C ASP B 804 -24.47 55.22 -12.26
N PRO B 805 -23.39 55.91 -11.91
CA PRO B 805 -22.05 55.38 -12.21
C PRO B 805 -21.74 54.06 -11.54
N ARG B 806 -22.39 53.76 -10.41
CA ARG B 806 -22.11 52.54 -9.66
C ARG B 806 -22.37 51.28 -10.46
N ALA B 807 -23.16 51.35 -11.53
CA ALA B 807 -23.37 50.18 -12.37
C ALA B 807 -22.08 49.74 -13.06
N TRP B 808 -21.17 50.68 -13.32
CA TRP B 808 -19.90 50.35 -13.96
C TRP B 808 -18.68 50.73 -13.14
N LYS B 809 -18.77 51.78 -12.31
CA LYS B 809 -17.62 52.18 -11.51
C LYS B 809 -17.14 51.05 -10.61
N THR B 810 -18.07 50.35 -9.96
CA THR B 810 -17.72 49.17 -9.18
C THR B 810 -16.86 48.22 -10.01
N PHE B 811 -17.28 47.95 -11.24
CA PHE B 811 -16.47 47.19 -12.19
C PHE B 811 -15.02 47.64 -12.14
N ILE B 812 -14.78 48.92 -12.44
CA ILE B 812 -13.40 49.43 -12.46
C ILE B 812 -12.74 49.22 -11.12
N ASP B 813 -13.48 49.46 -10.03
CA ASP B 813 -12.92 49.27 -8.70
C ASP B 813 -12.37 47.86 -8.54
N THR B 814 -13.13 46.86 -8.97
CA THR B 814 -12.65 45.48 -8.86
C THR B 814 -11.31 45.32 -9.55
N VAL B 815 -11.16 45.88 -10.75
CA VAL B 815 -9.91 45.78 -11.47
C VAL B 815 -8.76 46.29 -10.60
N ARG B 816 -8.96 47.43 -9.95
CA ARG B 816 -7.90 47.98 -9.10
C ARG B 816 -7.50 46.98 -8.02
N CYS B 817 -8.48 46.35 -7.38
CA CYS B 817 -8.16 45.34 -6.38
C CYS B 817 -7.36 44.21 -6.99
N THR B 818 -7.77 43.76 -8.18
CA THR B 818 -7.01 42.70 -8.85
C THR B 818 -5.61 43.15 -9.19
N THR B 819 -5.41 44.45 -9.41
CA THR B 819 -4.06 44.96 -9.60
C THR B 819 -3.34 45.07 -8.27
N ALA B 820 -4.06 45.40 -7.21
CA ALA B 820 -3.44 45.55 -5.89
C ALA B 820 -2.99 44.22 -5.32
N ALA B 821 -3.73 43.15 -5.56
CA ALA B 821 -3.38 41.83 -5.04
C ALA B 821 -2.46 41.05 -5.96
N HIS B 822 -2.06 41.62 -7.09
CA HIS B 822 -1.20 40.97 -8.08
C HIS B 822 -1.83 39.66 -8.56
N LEU B 823 -3.00 39.81 -9.18
CA LEU B 823 -3.80 38.68 -9.63
C LEU B 823 -4.12 38.86 -11.11
N ALA B 824 -4.06 37.77 -11.87
CA ALA B 824 -4.37 37.82 -13.28
C ALA B 824 -5.85 38.11 -13.50
N LEU B 825 -6.14 38.99 -14.44
CA LEU B 825 -7.50 39.42 -14.71
C LEU B 825 -7.94 39.00 -16.10
N LEU B 826 -9.13 38.41 -16.17
CA LEU B 826 -9.73 37.98 -17.43
C LEU B 826 -11.12 38.60 -17.53
N VAL B 827 -11.38 39.32 -18.62
CA VAL B 827 -12.68 39.96 -18.79
C VAL B 827 -13.26 39.66 -20.18
N PRO B 828 -13.90 38.52 -20.36
CA PRO B 828 -14.55 38.23 -21.65
C PRO B 828 -15.64 39.25 -21.95
N LYS B 829 -15.81 39.58 -23.24
CA LYS B 829 -16.87 40.48 -23.66
C LYS B 829 -17.82 39.73 -24.59
N ASN B 830 -19.08 40.16 -24.58
CA ASN B 830 -20.15 39.51 -25.35
C ASN B 830 -20.26 38.04 -24.97
N ILE B 831 -20.49 37.79 -23.68
CA ILE B 831 -20.58 36.43 -23.17
C ILE B 831 -21.85 35.73 -23.65
N ALA B 832 -22.86 36.48 -24.08
CA ALA B 832 -24.11 35.87 -24.53
C ALA B 832 -23.91 35.07 -25.81
N PHE B 833 -22.94 35.44 -26.63
CA PHE B 833 -22.66 34.77 -27.89
C PHE B 833 -21.71 33.58 -27.72
N TYR B 834 -21.16 33.37 -26.54
CA TYR B 834 -20.22 32.28 -26.34
C TYR B 834 -20.94 30.94 -26.46
N PRO B 835 -20.28 29.95 -27.07
CA PRO B 835 -20.96 28.68 -27.34
C PRO B 835 -21.17 27.84 -26.09
N SER B 836 -22.30 27.15 -26.06
CA SER B 836 -22.57 26.18 -25.02
C SER B 836 -21.69 24.95 -25.21
N ASN B 837 -21.54 24.17 -24.13
CA ASN B 837 -20.70 22.98 -24.17
C ASN B 837 -21.28 21.84 -25.00
N HIS B 838 -22.41 22.06 -25.67
CA HIS B 838 -22.98 21.07 -26.57
C HIS B 838 -22.65 21.35 -28.03
N GLU B 839 -22.72 22.61 -28.45
CA GLU B 839 -22.46 22.96 -29.83
C GLU B 839 -20.99 22.76 -30.17
N ARG B 840 -20.71 21.86 -31.10
CA ARG B 840 -19.35 21.57 -31.51
C ARG B 840 -18.92 22.48 -32.65
N TYR B 841 -17.61 22.60 -32.80
CA TYR B 841 -17.00 23.41 -33.86
C TYR B 841 -16.12 22.54 -34.74
N LEU B 842 -16.22 22.73 -36.05
CA LEU B 842 -15.47 21.94 -37.00
C LEU B 842 -14.30 22.67 -37.64
N GLU B 843 -14.39 23.99 -37.79
CA GLU B 843 -13.31 24.76 -38.40
C GLU B 843 -13.33 26.18 -37.83
N GLY B 844 -12.19 26.84 -37.92
CA GLY B 844 -12.09 28.20 -37.44
C GLY B 844 -10.65 28.59 -37.20
N HIS B 845 -10.46 29.68 -36.45
CA HIS B 845 -9.14 30.18 -36.12
C HIS B 845 -9.23 31.01 -34.86
N ILE B 846 -8.38 30.71 -33.87
CA ILE B 846 -8.36 31.44 -32.60
C ILE B 846 -7.22 32.45 -32.71
N ASP B 847 -7.57 33.70 -32.97
CA ASP B 847 -6.56 34.74 -33.10
C ASP B 847 -6.04 35.13 -31.72
N VAL B 848 -4.73 35.33 -31.63
CA VAL B 848 -4.07 35.74 -30.39
C VAL B 848 -3.18 36.92 -30.75
N TRP B 849 -3.63 38.13 -30.44
CA TRP B 849 -2.90 39.34 -30.84
C TRP B 849 -1.96 39.76 -29.72
N TRP B 850 -0.83 39.07 -29.66
CA TRP B 850 0.17 39.35 -28.63
C TRP B 850 0.78 40.73 -28.85
N ILE B 851 1.13 41.39 -27.73
CA ILE B 851 1.74 42.71 -27.76
C ILE B 851 3.01 42.63 -26.91
N VAL B 852 3.69 43.75 -26.70
CA VAL B 852 5.04 43.79 -26.12
C VAL B 852 5.13 43.07 -24.77
N HIS B 853 4.02 42.99 -24.03
CA HIS B 853 4.05 42.48 -22.67
C HIS B 853 3.05 41.34 -22.51
N ASP B 854 3.16 40.66 -21.36
CA ASP B 854 2.23 39.62 -20.91
C ASP B 854 2.18 38.42 -21.85
N GLY B 855 3.30 38.11 -22.52
CA GLY B 855 3.31 36.97 -23.42
C GLY B 855 3.43 35.63 -22.73
N GLY B 856 3.56 35.63 -21.40
CA GLY B 856 3.75 34.37 -20.69
C GLY B 856 2.60 33.41 -20.84
N MET B 857 1.36 33.92 -20.75
CA MET B 857 0.19 33.06 -20.82
C MET B 857 -0.68 33.27 -22.05
N LEU B 858 -0.54 34.41 -22.74
CA LEU B 858 -1.30 34.59 -23.98
C LEU B 858 -1.04 33.48 -24.98
N MET B 859 0.16 32.89 -24.95
CA MET B 859 0.45 31.70 -25.74
C MET B 859 0.10 30.42 -25.00
N LEU B 860 -0.34 30.50 -23.75
CA LEU B 860 -0.70 29.33 -22.97
C LEU B 860 -2.20 29.07 -22.91
N LEU B 861 -3.02 30.12 -22.86
CA LEU B 861 -4.46 29.93 -22.84
C LEU B 861 -4.98 29.10 -24.00
N PRO B 862 -4.58 29.33 -25.25
CA PRO B 862 -5.02 28.41 -26.32
C PRO B 862 -4.59 26.98 -26.10
N PHE B 863 -3.39 26.76 -25.55
CA PHE B 863 -2.94 25.38 -25.32
C PHE B 863 -3.79 24.68 -24.27
N LEU B 864 -4.10 25.38 -23.18
CA LEU B 864 -4.91 24.77 -22.12
C LEU B 864 -6.37 24.62 -22.55
N LEU B 865 -6.87 25.55 -23.37
CA LEU B 865 -8.25 25.51 -23.81
C LEU B 865 -8.46 24.54 -24.96
N ARG B 866 -7.39 24.17 -25.66
CA ARG B 866 -7.52 23.27 -26.81
C ARG B 866 -7.99 21.89 -26.38
N GLN B 867 -7.66 21.48 -25.16
CA GLN B 867 -7.99 20.13 -24.69
C GLN B 867 -9.45 20.03 -24.28
N HIS B 868 -10.36 20.38 -25.18
CA HIS B 868 -11.79 20.27 -24.93
C HIS B 868 -12.50 19.93 -26.23
N LYS B 869 -13.66 19.28 -26.11
CA LYS B 869 -14.36 18.72 -27.26
C LYS B 869 -14.92 19.79 -28.20
N VAL B 870 -14.95 21.05 -27.81
CA VAL B 870 -15.51 22.10 -28.65
C VAL B 870 -14.42 22.71 -29.53
N TRP B 871 -13.35 23.20 -28.91
CA TRP B 871 -12.33 23.97 -29.60
C TRP B 871 -11.19 23.11 -30.14
N ARG B 872 -11.30 21.78 -30.06
CA ARG B 872 -10.20 20.93 -30.50
C ARG B 872 -9.94 21.07 -32.00
N LYS B 873 -10.95 21.44 -32.78
CA LYS B 873 -10.79 21.51 -34.22
C LYS B 873 -10.02 22.75 -34.67
N CYS B 874 -10.07 23.83 -33.89
CA CYS B 874 -9.48 25.08 -34.32
C CYS B 874 -7.95 25.01 -34.26
N ARG B 875 -7.32 26.03 -34.83
CA ARG B 875 -5.86 26.15 -34.87
C ARG B 875 -5.47 27.59 -34.58
N MET B 876 -4.42 27.76 -33.77
CA MET B 876 -3.98 29.09 -33.38
C MET B 876 -3.35 29.81 -34.57
N ARG B 877 -3.46 31.15 -34.55
CA ARG B 877 -2.92 31.98 -35.61
C ARG B 877 -2.18 33.19 -35.04
N ILE B 878 -1.29 32.96 -34.08
CA ILE B 878 -0.56 34.02 -33.39
C ILE B 878 -0.05 35.07 -34.38
N PHE B 879 -0.38 36.34 -34.13
CA PHE B 879 -0.18 37.41 -35.09
C PHE B 879 0.46 38.62 -34.40
N THR B 880 1.56 38.37 -33.69
CA THR B 880 2.26 39.43 -32.95
C THR B 880 2.59 40.62 -33.84
N VAL B 881 2.75 41.79 -33.23
CA VAL B 881 2.87 43.05 -33.95
C VAL B 881 4.31 43.23 -34.42
N ALA B 882 4.46 43.82 -35.61
CA ALA B 882 5.77 44.14 -36.17
C ALA B 882 5.91 45.65 -36.25
N GLN B 883 6.40 46.25 -35.16
CA GLN B 883 6.53 47.69 -35.08
C GLN B 883 7.45 48.21 -36.18
N MET B 884 7.10 49.37 -36.73
CA MET B 884 7.86 49.96 -37.82
C MET B 884 9.25 50.42 -37.41
N ASP B 885 9.54 50.48 -36.10
CA ASP B 885 10.87 50.84 -35.66
C ASP B 885 11.92 49.82 -36.09
N ASP B 886 11.57 48.53 -35.98
CA ASP B 886 12.51 47.47 -36.35
C ASP B 886 11.74 46.31 -36.95
N ASN B 887 12.29 45.74 -38.01
CA ASN B 887 11.68 44.60 -38.67
C ASN B 887 11.79 43.35 -37.80
N SER B 888 11.07 42.31 -38.21
CA SER B 888 10.99 41.06 -37.45
C SER B 888 11.29 39.84 -38.30
N ILE B 889 12.21 39.94 -39.26
CA ILE B 889 12.56 38.81 -40.11
C ILE B 889 13.21 37.72 -39.27
N GLN B 890 14.22 38.09 -38.48
CA GLN B 890 14.87 37.14 -37.57
C GLN B 890 14.08 36.90 -36.31
N MET B 891 13.32 37.89 -35.83
CA MET B 891 12.48 37.68 -34.66
C MET B 891 11.38 36.66 -34.95
N LYS B 892 10.87 36.64 -36.18
CA LYS B 892 9.91 35.61 -36.57
C LYS B 892 10.52 34.23 -36.47
N LYS B 893 11.75 34.09 -36.97
CA LYS B 893 12.44 32.80 -36.89
C LYS B 893 12.68 32.39 -35.45
N ASP B 894 13.09 33.34 -34.61
CA ASP B 894 13.33 33.03 -33.20
C ASP B 894 12.05 32.60 -32.49
N LEU B 895 10.95 33.32 -32.75
CA LEU B 895 9.67 32.96 -32.14
C LEU B 895 9.18 31.60 -32.62
N ALA B 896 9.38 31.31 -33.92
CA ALA B 896 9.00 30.01 -34.45
C ALA B 896 9.84 28.90 -33.83
N VAL B 897 11.13 29.15 -33.63
CA VAL B 897 11.99 28.17 -32.98
C VAL B 897 11.54 27.92 -31.54
N PHE B 898 11.19 29.00 -30.84
CA PHE B 898 10.70 28.86 -29.47
C PHE B 898 9.41 28.06 -29.42
N LEU B 899 8.50 28.31 -30.36
CA LEU B 899 7.24 27.56 -30.42
C LEU B 899 7.49 26.10 -30.74
N TYR B 900 8.39 25.82 -31.68
CA TYR B 900 8.65 24.45 -32.10
C TYR B 900 9.36 23.66 -31.00
N HIS B 901 10.20 24.34 -30.21
CA HIS B 901 10.84 23.68 -29.09
C HIS B 901 9.81 23.18 -28.08
N LEU B 902 8.77 23.97 -27.86
CA LEU B 902 7.67 23.56 -27.00
C LEU B 902 6.66 22.71 -27.78
N ARG B 903 5.75 22.07 -27.05
CA ARG B 903 4.76 21.21 -27.69
C ARG B 903 3.81 22.02 -28.56
N LEU B 904 3.39 23.19 -28.08
CA LEU B 904 2.41 24.01 -28.79
C LEU B 904 3.10 24.79 -29.90
N GLU B 905 2.54 24.73 -31.10
CA GLU B 905 3.10 25.46 -32.24
C GLU B 905 1.97 25.71 -33.23
N ALA B 906 2.09 26.84 -33.94
CA ALA B 906 1.09 27.23 -34.93
C ALA B 906 1.64 28.30 -35.86
N GLU B 907 0.82 28.79 -36.77
CA GLU B 907 1.24 29.84 -37.69
C GLU B 907 1.56 31.12 -36.94
N VAL B 908 2.71 31.72 -37.26
CA VAL B 908 3.17 32.94 -36.63
C VAL B 908 3.57 33.94 -37.71
N GLU B 909 3.11 35.18 -37.56
CA GLU B 909 3.42 36.23 -38.53
C GLU B 909 3.76 37.50 -37.78
N VAL B 910 4.37 38.44 -38.51
CA VAL B 910 4.76 39.73 -37.96
C VAL B 910 4.16 40.79 -38.88
N VAL B 911 3.29 41.63 -38.34
CA VAL B 911 2.64 42.69 -39.10
C VAL B 911 2.15 43.78 -38.14
N GLU B 912 2.26 45.03 -38.56
CA GLU B 912 1.73 46.17 -37.84
C GLU B 912 1.71 47.37 -38.77
N MET B 913 0.81 48.32 -38.49
CA MET B 913 0.63 49.48 -39.35
C MET B 913 1.48 50.68 -38.94
N HIS B 914 1.80 50.83 -37.67
CA HIS B 914 2.58 51.97 -37.19
C HIS B 914 3.19 51.60 -35.84
N ASN B 915 4.19 52.37 -35.41
CA ASN B 915 4.86 52.13 -34.14
C ASN B 915 5.02 53.43 -33.36
N SER B 916 4.87 54.57 -34.04
CA SER B 916 5.05 55.86 -33.38
C SER B 916 4.01 56.07 -32.29
N ASP B 917 2.78 55.62 -32.53
CA ASP B 917 1.71 55.76 -31.55
C ASP B 917 2.04 55.02 -30.26
N ILE B 918 1.88 55.71 -29.13
CA ILE B 918 2.17 55.13 -27.83
C ILE B 918 0.87 54.68 -27.16
N SER B 919 0.53 53.40 -27.32
CA SER B 919 -0.68 52.87 -26.71
C SER B 919 -0.40 52.23 -25.36
N ALA B 920 0.47 51.21 -25.34
CA ALA B 920 0.82 50.51 -24.11
C ALA B 920 2.24 50.83 -23.65
N TYR B 921 2.83 51.91 -24.16
CA TYR B 921 4.19 52.27 -23.78
C TYR B 921 4.29 52.59 -22.30
N THR B 922 3.31 53.35 -21.78
CA THR B 922 3.31 53.74 -20.38
C THR B 922 1.92 54.17 -19.93
N ARG B 1018 -3.51 59.78 -25.89
CA ARG B 1018 -3.37 58.43 -26.42
C ARG B 1018 -4.73 57.85 -26.80
N MET B 1019 -5.44 58.56 -27.67
CA MET B 1019 -6.75 58.13 -28.14
C MET B 1019 -6.75 57.69 -29.60
N HIS B 1020 -5.97 58.35 -30.46
CA HIS B 1020 -5.91 57.96 -31.87
C HIS B 1020 -5.31 56.57 -32.02
N THR B 1021 -4.37 56.21 -31.14
CA THR B 1021 -3.75 54.89 -31.19
C THR B 1021 -4.75 53.78 -30.93
N ALA B 1022 -5.91 54.08 -30.36
CA ALA B 1022 -6.95 53.07 -30.18
C ALA B 1022 -7.57 52.67 -31.51
N VAL B 1023 -8.12 53.64 -32.23
CA VAL B 1023 -8.74 53.36 -33.53
C VAL B 1023 -7.71 52.91 -34.55
N LYS B 1024 -6.47 53.42 -34.44
CA LYS B 1024 -5.43 53.04 -35.39
C LYS B 1024 -5.17 51.53 -35.36
N LEU B 1025 -5.08 50.96 -34.16
CA LEU B 1025 -4.94 49.51 -34.02
C LEU B 1025 -6.26 48.78 -34.24
N ASN B 1026 -7.39 49.40 -33.89
CA ASN B 1026 -8.68 48.75 -34.05
C ASN B 1026 -8.97 48.46 -35.51
N GLU B 1027 -8.62 49.40 -36.39
CA GLU B 1027 -8.83 49.17 -37.83
C GLU B 1027 -8.07 47.94 -38.30
N VAL B 1028 -6.79 47.83 -37.92
CA VAL B 1028 -5.99 46.68 -38.32
C VAL B 1028 -6.58 45.40 -37.76
N ILE B 1029 -7.00 45.41 -36.49
CA ILE B 1029 -7.53 44.20 -35.87
C ILE B 1029 -8.81 43.77 -36.57
N VAL B 1030 -9.72 44.70 -36.83
CA VAL B 1030 -10.99 44.33 -37.45
C VAL B 1030 -10.78 43.85 -38.87
N THR B 1031 -9.84 44.44 -39.61
CA THR B 1031 -9.60 44.00 -40.98
C THR B 1031 -8.94 42.62 -41.02
N ARG B 1032 -7.99 42.36 -40.12
CA ARG B 1032 -7.21 41.14 -40.19
C ARG B 1032 -7.77 39.98 -39.37
N SER B 1033 -8.78 40.21 -38.52
CA SER B 1033 -9.26 39.13 -37.66
C SER B 1033 -10.78 39.13 -37.52
N HIS B 1034 -11.50 39.61 -38.54
CA HIS B 1034 -12.95 39.68 -38.45
C HIS B 1034 -13.59 38.30 -38.36
N ASP B 1035 -13.07 37.32 -39.11
CA ASP B 1035 -13.70 36.01 -39.21
C ASP B 1035 -13.23 35.03 -38.14
N ALA B 1036 -12.34 35.45 -37.23
CA ALA B 1036 -11.83 34.53 -36.23
C ALA B 1036 -12.92 34.12 -35.25
N ARG B 1037 -12.86 32.87 -34.79
CA ARG B 1037 -13.82 32.39 -33.80
C ARG B 1037 -13.68 33.13 -32.48
N LEU B 1038 -12.44 33.31 -32.01
CA LEU B 1038 -12.19 33.93 -30.72
C LEU B 1038 -10.94 34.78 -30.83
N VAL B 1039 -10.89 35.85 -30.03
CA VAL B 1039 -9.79 36.80 -30.09
C VAL B 1039 -9.22 37.04 -28.70
N LEU B 1040 -7.97 36.60 -28.48
CA LEU B 1040 -7.24 36.90 -27.27
C LEU B 1040 -6.47 38.21 -27.43
N LEU B 1041 -6.67 39.12 -26.49
CA LEU B 1041 -6.11 40.46 -26.59
C LEU B 1041 -5.59 40.90 -25.23
N ASN B 1042 -4.57 41.75 -25.25
CA ASN B 1042 -3.95 42.24 -24.02
C ASN B 1042 -4.74 43.42 -23.46
N MET B 1043 -5.27 43.26 -22.26
CA MET B 1043 -6.01 44.34 -21.63
C MET B 1043 -5.05 45.45 -21.22
N PRO B 1044 -5.38 46.72 -21.48
CA PRO B 1044 -4.51 47.82 -21.07
C PRO B 1044 -4.49 47.98 -19.57
N GLY B 1045 -3.73 48.98 -19.13
CA GLY B 1045 -3.56 49.26 -17.72
C GLY B 1045 -4.76 49.96 -17.12
N PRO B 1046 -4.80 50.02 -15.79
CA PRO B 1046 -5.89 50.73 -15.11
C PRO B 1046 -5.78 52.23 -15.33
N PRO B 1047 -6.83 52.99 -15.03
CA PRO B 1047 -6.73 54.45 -15.13
C PRO B 1047 -5.63 54.99 -14.23
N ARG B 1048 -4.96 56.03 -14.71
CA ARG B 1048 -3.81 56.58 -13.99
C ARG B 1048 -4.21 57.14 -12.63
N ASN B 1049 -5.32 57.86 -12.55
CA ASN B 1049 -5.77 58.45 -11.30
C ASN B 1049 -7.24 58.08 -11.11
N SER B 1050 -7.86 58.62 -10.07
CA SER B 1050 -9.27 58.33 -9.81
C SER B 1050 -10.16 58.95 -10.87
N GLU B 1051 -9.86 60.18 -11.30
CA GLU B 1051 -10.68 60.87 -12.28
C GLU B 1051 -10.53 60.32 -13.69
N GLY B 1052 -9.53 59.47 -13.94
CA GLY B 1052 -9.32 58.91 -15.26
C GLY B 1052 -10.14 57.69 -15.58
N ASP B 1053 -11.06 57.30 -14.69
CA ASP B 1053 -11.86 56.10 -14.92
C ASP B 1053 -12.83 56.29 -16.08
N GLU B 1054 -13.56 57.40 -16.10
CA GLU B 1054 -14.66 57.58 -17.05
C GLU B 1054 -14.18 57.43 -18.49
N ASN B 1055 -13.29 58.32 -18.94
CA ASN B 1055 -12.78 58.22 -20.30
C ASN B 1055 -12.10 56.88 -20.55
N TYR B 1056 -11.60 56.24 -19.48
CA TYR B 1056 -11.11 54.87 -19.59
C TYR B 1056 -12.16 53.98 -20.26
N MET B 1057 -13.34 53.85 -19.61
CA MET B 1057 -14.41 53.06 -20.18
C MET B 1057 -14.81 53.56 -21.56
N GLU B 1058 -14.45 54.80 -21.89
CA GLU B 1058 -14.74 55.35 -23.20
C GLU B 1058 -14.04 54.57 -24.32
N PHE B 1059 -12.77 54.21 -24.15
CA PHE B 1059 -12.01 53.77 -25.32
C PHE B 1059 -11.70 52.28 -25.36
N LEU B 1060 -11.66 51.58 -24.22
CA LEU B 1060 -11.43 50.14 -24.30
C LEU B 1060 -12.42 49.47 -25.24
N GLU B 1061 -13.67 49.92 -25.22
CA GLU B 1061 -14.68 49.31 -26.07
C GLU B 1061 -14.41 49.51 -27.56
N VAL B 1062 -13.72 50.59 -27.96
CA VAL B 1062 -13.42 50.72 -29.38
C VAL B 1062 -12.35 49.72 -29.78
N LEU B 1063 -11.54 49.26 -28.83
CA LEU B 1063 -10.64 48.14 -29.12
C LEU B 1063 -11.43 46.87 -29.40
N THR B 1064 -12.64 46.78 -28.87
CA THR B 1064 -13.51 45.63 -29.07
C THR B 1064 -14.71 45.95 -29.96
N GLU B 1065 -14.78 47.16 -30.49
CA GLU B 1065 -15.89 47.54 -31.35
C GLU B 1065 -15.86 46.72 -32.64
N GLY B 1066 -17.04 46.24 -33.03
CA GLY B 1066 -17.20 45.43 -34.23
C GLY B 1066 -16.94 43.95 -34.02
N LEU B 1067 -16.01 43.62 -33.14
CA LEU B 1067 -15.67 42.22 -32.89
C LEU B 1067 -16.83 41.49 -32.23
N GLU B 1068 -16.94 40.19 -32.54
CA GLU B 1068 -17.99 39.37 -31.94
C GLU B 1068 -17.57 38.88 -30.56
N ARG B 1069 -16.49 38.12 -30.47
CA ARG B 1069 -16.01 37.56 -29.22
C ARG B 1069 -14.58 38.02 -28.97
N VAL B 1070 -14.35 38.62 -27.81
CA VAL B 1070 -13.00 39.00 -27.38
C VAL B 1070 -12.84 38.61 -25.91
N LEU B 1071 -11.60 38.28 -25.53
CA LEU B 1071 -11.28 37.83 -24.18
C LEU B 1071 -10.07 38.62 -23.70
N LEU B 1072 -10.32 39.78 -23.09
CA LEU B 1072 -9.23 40.65 -22.66
C LEU B 1072 -8.51 40.04 -21.46
N VAL B 1073 -7.18 40.11 -21.48
CA VAL B 1073 -6.33 39.45 -20.49
C VAL B 1073 -5.31 40.45 -19.98
N ARG B 1074 -5.06 40.41 -18.66
CA ARG B 1074 -3.94 41.12 -18.07
C ARG B 1074 -3.28 40.23 -17.02
N GLY B 1075 -1.95 40.28 -16.96
CA GLY B 1075 -1.22 39.48 -15.98
C GLY B 1075 -1.08 40.14 -14.63
N GLY B 1076 -0.44 41.31 -14.60
CA GLY B 1076 -0.27 42.05 -13.36
C GLY B 1076 0.49 41.33 -12.27
N GLY B 1077 1.31 40.36 -12.63
CA GLY B 1077 2.06 39.59 -11.65
C GLY B 1077 3.41 39.19 -12.20
N ARG B 1078 3.92 38.06 -11.73
CA ARG B 1078 5.20 37.53 -12.19
C ARG B 1078 5.02 36.43 -13.23
N GLU B 1079 4.36 35.35 -12.85
CA GLU B 1079 3.81 34.36 -13.78
C GLU B 1079 4.84 33.89 -14.82
N VAL B 1080 5.88 33.24 -14.33
CA VAL B 1080 6.86 32.64 -15.22
C VAL B 1080 6.40 31.24 -15.61
N ILE B 1081 6.74 30.83 -16.83
CA ILE B 1081 6.29 29.56 -17.39
C ILE B 1081 7.49 28.81 -17.95
N THR B 1082 7.53 27.50 -17.72
CA THR B 1082 8.57 26.62 -18.25
C THR B 1082 8.03 25.54 -19.16
N ILE B 1083 6.94 24.88 -18.77
CA ILE B 1083 6.29 23.86 -19.57
C ILE B 1083 4.86 24.30 -19.82
N TYR B 1084 4.40 24.19 -21.07
CA TYR B 1084 5.18 23.56 -22.15
C TYR B 1084 6.13 24.51 -22.91
N SER B 1085 5.70 25.69 -23.37
CA SER B 1085 4.34 26.24 -23.23
C SER B 1085 3.55 26.07 -24.53
#